data_5YPI
#
_entry.id   5YPI
#
_cell.length_a   69.380
_cell.length_b   74.100
_cell.length_c   154.520
_cell.angle_alpha   90.00
_cell.angle_beta   90.26
_cell.angle_gamma   90.00
#
_symmetry.space_group_name_H-M   'P 1 21 1'
#
loop_
_entity.id
_entity.type
_entity.pdbx_description
1 polymer 'Metallo-beta-lactamase NDM-1'
2 non-polymer 'ZINC ION'
3 non-polymer '(2R)-2-[(2S,3R)-1,3-bis(oxidanyl)-1-oxidanylidene-butan-2-yl]-4-(2-methanimidamidoethylsulfanyl)-2,3-dihydro-1H-pyrrole -5-carboxylic acid'
4 non-polymer 'SULFATE ION'
5 non-polymer 'CHLORIDE ION'
6 non-polymer GLYCEROL
7 water water
#
_entity_poly.entity_id   1
_entity_poly.type   'polypeptide(L)'
_entity_poly.pdbx_seq_one_letter_code
;GEIRPTIGQQMETGDQRFGDLVFRQLAPNVWQHTSYLDMPGFGAVASNGLIVRDGGRVLVVDTAWTDDQTAQILNWIKQE
INLPVALAVVTHAHQDKMGGMDALHAAGIATYANALSNQLAPQEGMVAAQHSLTFAANGWVEPATAPNFGPLKVFYPGPG
HTSDNITVGIDGTDIAFGGCLIKDSKAKSLGNLGDADTEHYAASARAFGAAFPKASMIVMSHSAPDSRAAITHTARMADK
LR
;
_entity_poly.pdbx_strand_id   A,B,C,D,E,F,G,H
#
loop_
_chem_comp.id
_chem_comp.type
_chem_comp.name
_chem_comp.formula
8YF non-polymer '(2R)-2-[(2S,3R)-1,3-bis(oxidanyl)-1-oxidanylidene-butan-2-yl]-4-(2-methanimidamidoethylsulfanyl)-2,3-dihydro-1H-pyrrole -5-carboxylic acid' 'C12 H19 N3 O5 S'
CL non-polymer 'CHLORIDE ION' 'Cl -1'
GOL non-polymer GLYCEROL 'C3 H8 O3'
SO4 non-polymer 'SULFATE ION' 'O4 S -2'
ZN non-polymer 'ZINC ION' 'Zn 2'
#
# COMPACT_ATOMS: atom_id res chain seq x y z
N ASP A 15 19.16 27.17 29.67
CA ASP A 15 19.36 26.37 30.88
C ASP A 15 20.38 27.01 31.81
N GLN A 16 20.05 27.02 33.08
CA GLN A 16 20.91 27.58 34.10
C GLN A 16 21.39 26.51 35.06
N ARG A 17 22.67 26.54 35.41
CA ARG A 17 23.20 25.55 36.33
C ARG A 17 23.43 26.24 37.66
N PHE A 18 22.93 25.63 38.72
CA PHE A 18 23.09 26.15 40.07
C PHE A 18 23.43 24.97 40.96
N GLY A 19 24.69 24.88 41.36
CA GLY A 19 25.18 23.71 42.06
C GLY A 19 25.13 22.49 41.15
N ASP A 20 24.45 21.44 41.59
CA ASP A 20 24.30 20.24 40.79
C ASP A 20 22.94 20.21 40.13
N LEU A 21 22.21 21.31 40.24
CA LEU A 21 20.86 21.41 39.72
C LEU A 21 20.79 22.30 38.48
N VAL A 22 19.87 22.00 37.58
CA VAL A 22 19.66 22.83 36.39
C VAL A 22 18.26 23.44 36.41
N PHE A 23 18.17 24.72 36.05
CA PHE A 23 16.90 25.43 36.02
C PHE A 23 16.63 26.02 34.64
N ARG A 24 15.41 25.80 34.15
CA ARG A 24 15.00 26.29 32.84
C ARG A 24 13.68 27.03 32.96
N GLN A 25 13.64 28.26 32.45
CA GLN A 25 12.42 29.02 32.47
C GLN A 25 11.50 28.51 31.36
N LEU A 26 10.25 28.19 31.71
CA LEU A 26 9.30 27.66 30.75
C LEU A 26 8.31 28.72 30.30
N ALA A 27 8.11 29.72 31.16
CA ALA A 27 7.21 30.81 30.91
C ALA A 27 7.61 31.97 31.81
N PRO A 28 7.02 33.15 31.59
CA PRO A 28 7.39 34.33 32.39
C PRO A 28 7.38 34.08 33.90
N ASN A 29 6.48 33.23 34.38
CA ASN A 29 6.36 32.98 35.81
C ASN A 29 6.54 31.51 36.20
N VAL A 30 7.14 30.71 35.32
CA VAL A 30 7.27 29.28 35.57
C VAL A 30 8.65 28.73 35.21
N TRP A 31 9.24 28.00 36.15
CA TRP A 31 10.51 27.31 35.91
C TRP A 31 10.43 25.81 36.17
N GLN A 32 11.27 25.05 35.46
CA GLN A 32 11.48 23.64 35.74
C GLN A 32 12.79 23.45 36.52
N HIS A 33 12.74 22.70 37.62
CA HIS A 33 13.98 22.34 38.31
C HIS A 33 14.31 20.87 38.06
N THR A 34 15.60 20.59 37.88
CA THR A 34 16.07 19.25 37.56
C THR A 34 17.22 18.85 38.48
N SER A 35 17.12 17.67 39.07
CA SER A 35 18.21 17.14 39.90
C SER A 35 18.55 15.73 39.45
N TYR A 36 19.76 15.27 39.78
CA TYR A 36 20.24 14.00 39.29
C TYR A 36 20.61 13.06 40.43
N LEU A 37 20.33 11.78 40.25
CA LEU A 37 20.77 10.78 41.20
C LEU A 37 21.52 9.68 40.44
N ASP A 38 22.74 9.39 40.88
CA ASP A 38 23.52 8.34 40.27
C ASP A 38 23.14 7.00 40.83
N MET A 39 22.51 6.16 40.04
CA MET A 39 22.27 4.80 40.51
C MET A 39 23.13 3.72 39.82
N PRO A 40 24.01 3.09 40.63
CA PRO A 40 25.02 2.07 40.30
C PRO A 40 24.44 1.02 39.39
N GLY A 41 25.02 0.90 38.21
CA GLY A 41 24.57 -0.05 37.22
C GLY A 41 23.60 0.55 36.22
N PHE A 42 23.07 1.74 36.53
CA PHE A 42 22.01 2.29 35.70
C PHE A 42 22.31 3.74 35.30
N GLY A 43 23.26 4.36 35.99
CA GLY A 43 23.69 5.70 35.65
C GLY A 43 22.93 6.79 36.38
N ALA A 44 23.14 8.04 35.96
CA ALA A 44 22.52 9.18 36.61
C ALA A 44 21.12 9.38 36.03
N VAL A 45 20.14 9.55 36.91
CA VAL A 45 18.77 9.75 36.46
C VAL A 45 18.27 11.14 36.83
N ALA A 46 17.73 11.87 35.85
CA ALA A 46 17.21 13.21 36.09
C ALA A 46 15.76 13.16 36.58
N SER A 47 15.39 14.13 37.40
CA SER A 47 14.03 14.24 37.92
C SER A 47 13.60 15.70 37.88
N ASN A 48 12.44 15.95 37.30
CA ASN A 48 11.97 17.32 37.10
C ASN A 48 10.87 17.74 38.06
N GLY A 49 10.89 19.02 38.43
CA GLY A 49 9.82 19.62 39.20
C GLY A 49 9.51 21.01 38.66
N LEU A 50 8.59 21.70 39.31
CA LEU A 50 8.20 23.04 38.86
C LEU A 50 8.33 24.11 39.93
N ILE A 51 8.65 25.33 39.46
CA ILE A 51 8.63 26.51 40.30
C ILE A 51 7.71 27.54 39.66
N VAL A 52 6.76 28.05 40.44
CA VAL A 52 5.79 29.00 39.92
C VAL A 52 5.76 30.28 40.74
N ARG A 53 5.97 31.42 40.08
CA ARG A 53 5.83 32.72 40.74
C ARG A 53 4.39 33.21 40.64
N ASP A 54 3.78 33.43 41.79
CA ASP A 54 2.39 33.89 41.83
C ASP A 54 2.23 35.10 42.74
N GLY A 55 2.18 36.28 42.13
CA GLY A 55 2.10 37.52 42.88
C GLY A 55 3.40 37.78 43.63
N GLY A 56 3.30 37.88 44.95
CA GLY A 56 4.47 38.13 45.78
C GLY A 56 4.96 36.87 46.47
N ARG A 57 4.65 35.72 45.91
CA ARG A 57 5.07 34.45 46.50
C ARG A 57 5.43 33.41 45.44
N VAL A 58 6.17 32.38 45.86
CA VAL A 58 6.57 31.31 44.95
C VAL A 58 5.99 29.98 45.40
N LEU A 59 5.59 29.16 44.45
CA LEU A 59 5.04 27.85 44.73
C LEU A 59 5.91 26.76 44.09
N VAL A 60 6.07 25.64 44.78
CA VAL A 60 6.89 24.57 44.26
C VAL A 60 6.11 23.29 44.05
N VAL A 61 6.43 22.58 42.97
CA VAL A 61 5.84 21.27 42.74
C VAL A 61 6.97 20.23 42.73
N ASP A 62 6.94 19.34 43.72
CA ASP A 62 7.92 18.27 43.89
C ASP A 62 9.26 18.76 44.45
N THR A 63 9.88 17.90 45.26
CA THR A 63 11.22 18.15 45.77
C THR A 63 12.22 17.55 44.80
N ALA A 64 13.50 17.66 45.12
CA ALA A 64 14.54 16.96 44.36
C ALA A 64 14.76 15.58 44.97
N TRP A 65 15.74 14.83 44.48
CA TRP A 65 16.00 13.49 44.99
C TRP A 65 16.35 13.49 46.47
N THR A 66 17.04 14.53 46.93
CA THR A 66 17.55 14.59 48.30
C THR A 66 17.25 15.92 48.99
N ASP A 67 17.46 15.94 50.31
CA ASP A 67 17.31 17.14 51.12
C ASP A 67 18.31 18.23 50.72
N ASP A 68 19.56 17.84 50.50
CA ASP A 68 20.60 18.78 50.10
C ASP A 68 20.26 19.45 48.77
N GLN A 69 19.83 18.66 47.81
CA GLN A 69 19.45 19.18 46.49
C GLN A 69 18.27 20.11 46.57
N THR A 70 17.33 19.80 47.46
CA THR A 70 16.12 20.60 47.61
C THR A 70 16.47 21.94 48.22
N ALA A 71 17.42 21.94 49.16
CA ALA A 71 17.91 23.18 49.75
C ALA A 71 18.45 24.11 48.68
N GLN A 72 19.12 23.53 47.69
CA GLN A 72 19.66 24.29 46.55
C GLN A 72 18.55 24.92 45.71
N ILE A 73 17.40 24.24 45.59
CA ILE A 73 16.26 24.81 44.89
C ILE A 73 15.82 26.10 45.58
N LEU A 74 15.74 26.04 46.91
CA LEU A 74 15.33 27.18 47.70
C LEU A 74 16.37 28.29 47.58
N ASN A 75 17.64 27.90 47.48
CA ASN A 75 18.73 28.87 47.32
C ASN A 75 18.68 29.57 45.96
N TRP A 76 18.41 28.81 44.90
CA TRP A 76 18.27 29.41 43.58
C TRP A 76 17.09 30.38 43.55
N ILE A 77 16.00 29.99 44.20
CA ILE A 77 14.81 30.83 44.27
C ILE A 77 15.12 32.17 44.91
N LYS A 78 15.85 32.13 46.03
CA LYS A 78 16.24 33.34 46.73
C LYS A 78 17.04 34.28 45.84
N GLN A 79 17.96 33.71 45.07
CA GLN A 79 18.83 34.49 44.22
C GLN A 79 18.16 35.00 42.93
N GLU A 80 17.37 34.14 42.29
CA GLU A 80 16.82 34.45 40.98
C GLU A 80 15.44 35.09 41.04
N ILE A 81 14.69 34.80 42.11
CA ILE A 81 13.33 35.33 42.23
C ILE A 81 13.18 36.26 43.42
N ASN A 82 13.86 35.92 44.52
CA ASN A 82 13.81 36.73 45.73
C ASN A 82 12.38 37.03 46.19
N LEU A 83 11.57 35.98 46.24
CA LEU A 83 10.25 36.06 46.86
C LEU A 83 10.12 34.87 47.78
N PRO A 84 9.29 34.99 48.83
CA PRO A 84 9.13 33.89 49.78
C PRO A 84 8.39 32.69 49.16
N VAL A 85 8.82 31.49 49.51
CA VAL A 85 8.15 30.28 49.05
C VAL A 85 6.99 29.98 49.99
N ALA A 86 5.76 30.04 49.45
CA ALA A 86 4.56 29.93 50.27
C ALA A 86 4.17 28.49 50.57
N LEU A 87 4.28 27.62 49.57
CA LEU A 87 3.90 26.23 49.72
C LEU A 87 4.52 25.34 48.65
N ALA A 88 4.52 24.03 48.90
CA ALA A 88 4.98 23.03 47.94
C ALA A 88 4.00 21.87 47.84
N VAL A 89 3.88 21.28 46.66
CA VAL A 89 3.05 20.11 46.44
C VAL A 89 3.88 18.96 45.88
N VAL A 90 3.75 17.77 46.47
CA VAL A 90 4.47 16.60 45.96
C VAL A 90 3.49 15.61 45.34
N THR A 91 3.85 15.02 44.20
CA THR A 91 2.86 14.34 43.38
C THR A 91 2.72 12.85 43.69
N HIS A 92 3.68 12.28 44.40
CA HIS A 92 3.50 10.96 45.01
C HIS A 92 4.69 10.55 45.89
N ALA A 93 4.51 9.46 46.62
CA ALA A 93 5.44 9.04 47.66
C ALA A 93 6.57 8.15 47.13
N HIS A 94 7.37 8.69 46.21
CA HIS A 94 8.60 8.04 45.76
C HIS A 94 9.74 9.02 45.95
N GLN A 95 10.97 8.50 45.93
CA GLN A 95 12.13 9.32 46.31
C GLN A 95 12.34 10.55 45.44
N ASP A 96 12.10 10.42 44.13
CA ASP A 96 12.39 11.53 43.22
C ASP A 96 11.41 12.69 43.41
N LYS A 97 10.26 12.42 44.03
CA LYS A 97 9.24 13.44 44.23
C LYS A 97 9.20 13.94 45.68
N MET A 98 9.48 13.05 46.63
CA MET A 98 9.38 13.41 48.05
C MET A 98 10.71 13.29 48.81
N GLY A 99 11.79 12.99 48.10
CA GLY A 99 13.08 12.78 48.72
C GLY A 99 13.61 13.91 49.59
N GLY A 100 13.22 15.14 49.29
CA GLY A 100 13.77 16.30 49.98
C GLY A 100 12.78 17.06 50.83
N MET A 101 11.80 16.34 51.38
CA MET A 101 10.79 16.97 52.24
C MET A 101 11.39 17.69 53.45
N ASP A 102 12.45 17.12 54.03
CA ASP A 102 13.11 17.74 55.18
C ASP A 102 13.60 19.15 54.90
N ALA A 103 14.14 19.36 53.69
CA ALA A 103 14.65 20.68 53.32
C ALA A 103 13.52 21.70 53.32
N LEU A 104 12.36 21.27 52.84
CA LEU A 104 11.20 22.15 52.82
C LEU A 104 10.76 22.49 54.25
N HIS A 105 10.64 21.46 55.08
CA HIS A 105 10.17 21.65 56.44
C HIS A 105 11.18 22.40 57.31
N ALA A 106 12.47 22.16 57.07
CA ALA A 106 13.52 22.87 57.79
C ALA A 106 13.42 24.37 57.52
N ALA A 107 12.93 24.72 56.34
CA ALA A 107 12.83 26.12 55.93
C ALA A 107 11.47 26.70 56.30
N GLY A 108 10.63 25.88 56.93
CA GLY A 108 9.32 26.34 57.38
C GLY A 108 8.27 26.44 56.28
N ILE A 109 8.43 25.65 55.22
CA ILE A 109 7.49 25.68 54.11
C ILE A 109 6.37 24.64 54.24
N ALA A 110 5.12 25.10 54.17
CA ALA A 110 3.97 24.21 54.26
C ALA A 110 3.90 23.30 53.03
N THR A 111 3.80 22.00 53.29
CA THR A 111 3.80 21.00 52.22
C THR A 111 2.47 20.26 52.13
N TYR A 112 2.06 19.95 50.91
CA TYR A 112 0.77 19.32 50.64
C TYR A 112 0.96 18.09 49.78
N ALA A 113 0.22 17.03 50.06
CA ALA A 113 0.27 15.83 49.23
C ALA A 113 -1.07 15.12 49.25
N ASN A 114 -1.25 14.17 48.33
CA ASN A 114 -2.41 13.28 48.38
C ASN A 114 -2.48 12.59 49.75
N ALA A 115 -3.66 12.56 50.34
CA ALA A 115 -3.85 11.89 51.63
C ALA A 115 -3.25 10.49 51.58
N LEU A 116 -3.43 9.81 50.46
CA LEU A 116 -2.86 8.49 50.25
C LEU A 116 -1.33 8.49 50.26
N SER A 117 -0.73 9.51 49.65
CA SER A 117 0.73 9.65 49.64
C SER A 117 1.29 9.81 51.06
N ASN A 118 0.64 10.63 51.89
CA ASN A 118 1.05 10.80 53.27
C ASN A 118 0.89 9.50 54.07
N GLN A 119 -0.15 8.74 53.73
CA GLN A 119 -0.41 7.46 54.40
C GLN A 119 0.64 6.42 54.00
N LEU A 120 1.09 6.49 52.75
CA LEU A 120 2.07 5.53 52.23
C LEU A 120 3.50 5.91 52.58
N ALA A 121 3.72 7.19 52.85
CA ALA A 121 5.06 7.77 53.00
C ALA A 121 5.98 7.01 53.95
N PRO A 122 5.52 6.76 55.20
CA PRO A 122 6.33 6.02 56.18
C PRO A 122 6.74 4.64 55.68
N GLN A 123 5.81 3.91 55.07
CA GLN A 123 6.12 2.60 54.52
C GLN A 123 7.14 2.72 53.39
N GLU A 124 7.13 3.87 52.72
CA GLU A 124 8.03 4.12 51.59
C GLU A 124 9.37 4.73 51.97
N GLY A 125 9.58 4.98 53.26
CA GLY A 125 10.81 5.59 53.71
C GLY A 125 10.85 7.08 53.39
N MET A 126 9.67 7.66 53.18
CA MET A 126 9.56 9.08 52.93
C MET A 126 9.05 9.83 54.15
N VAL A 127 9.34 11.13 54.19
CA VAL A 127 8.76 12.02 55.19
C VAL A 127 7.43 12.55 54.68
N ALA A 128 6.38 12.38 55.45
CA ALA A 128 5.04 12.78 55.03
C ALA A 128 4.96 14.30 54.86
N ALA A 129 4.06 14.74 53.99
CA ALA A 129 3.78 16.16 53.88
C ALA A 129 3.01 16.57 55.12
N GLN A 130 2.95 17.86 55.37
CA GLN A 130 2.29 18.36 56.57
C GLN A 130 0.78 18.48 56.43
N HIS A 131 0.30 18.52 55.18
CA HIS A 131 -1.14 18.63 54.93
C HIS A 131 -1.60 17.63 53.89
N SER A 132 -2.87 17.24 53.97
CA SER A 132 -3.43 16.24 53.07
C SER A 132 -4.46 16.81 52.12
N LEU A 133 -4.29 16.49 50.84
CA LEU A 133 -5.30 16.83 49.84
C LEU A 133 -6.23 15.65 49.67
N THR A 134 -7.52 15.94 49.52
CA THR A 134 -8.50 14.92 49.17
C THR A 134 -9.21 15.34 47.89
N PHE A 135 -9.83 14.38 47.21
CA PHE A 135 -10.35 14.61 45.87
C PHE A 135 -11.79 14.15 45.70
N ALA A 136 -12.50 14.82 44.79
CA ALA A 136 -13.87 14.45 44.44
C ALA A 136 -13.91 13.20 43.57
N ALA A 137 -15.12 12.71 43.31
CA ALA A 137 -15.30 11.52 42.48
C ALA A 137 -14.89 11.78 41.03
N ASN A 138 -14.86 13.05 40.64
CA ASN A 138 -14.44 13.39 39.27
C ASN A 138 -12.94 13.67 39.16
N GLY A 139 -12.23 13.62 40.28
CA GLY A 139 -10.77 13.72 40.27
C GLY A 139 -10.22 15.06 40.68
N TRP A 140 -11.07 16.08 40.72
CA TRP A 140 -10.60 17.42 41.09
C TRP A 140 -10.47 17.52 42.60
N VAL A 141 -9.45 18.24 43.05
CA VAL A 141 -9.21 18.41 44.47
C VAL A 141 -10.40 19.13 45.12
N GLU A 142 -10.77 18.70 46.31
CA GLU A 142 -11.73 19.47 47.09
C GLU A 142 -11.02 20.74 47.55
N PRO A 143 -11.50 21.91 47.07
CA PRO A 143 -10.84 23.20 47.27
C PRO A 143 -10.47 23.48 48.73
N ALA A 144 -11.28 22.97 49.64
CA ALA A 144 -11.05 23.17 51.07
C ALA A 144 -9.70 22.64 51.56
N THR A 145 -9.23 21.55 50.95
CA THR A 145 -7.98 20.91 51.34
C THR A 145 -6.78 21.50 50.62
N ALA A 146 -7.04 22.37 49.64
CA ALA A 146 -5.99 22.96 48.82
C ALA A 146 -6.02 24.47 48.96
N PRO A 147 -5.70 24.96 50.17
CA PRO A 147 -5.84 26.37 50.50
C PRO A 147 -4.81 27.27 49.82
N ASN A 148 -5.31 28.30 49.14
CA ASN A 148 -4.46 29.35 48.61
C ASN A 148 -3.42 28.80 47.63
N PHE A 149 -3.86 27.94 46.71
CA PHE A 149 -2.94 27.30 45.75
C PHE A 149 -2.68 28.16 44.52
N GLY A 150 -3.33 29.33 44.46
CA GLY A 150 -3.13 30.23 43.34
C GLY A 150 -3.42 29.58 42.01
N PRO A 151 -2.46 29.64 41.08
CA PRO A 151 -2.57 29.08 39.72
C PRO A 151 -2.48 27.56 39.69
N LEU A 152 -2.12 26.92 40.80
CA LEU A 152 -1.98 25.47 40.81
C LEU A 152 -3.34 24.78 40.86
N LYS A 153 -3.66 24.05 39.79
CA LYS A 153 -4.89 23.29 39.73
C LYS A 153 -4.57 21.79 39.80
N VAL A 154 -4.86 21.20 40.96
CA VAL A 154 -4.46 19.82 41.24
C VAL A 154 -5.54 18.81 40.88
N PHE A 155 -5.13 17.72 40.22
CA PHE A 155 -6.09 16.74 39.71
C PHE A 155 -5.59 15.32 39.96
N TYR A 156 -6.46 14.49 40.53
CA TYR A 156 -6.14 13.08 40.70
C TYR A 156 -6.76 12.31 39.54
N PRO A 157 -5.91 11.78 38.65
CA PRO A 157 -6.38 11.13 37.43
C PRO A 157 -6.76 9.68 37.64
N GLY A 158 -6.51 9.17 38.85
CA GLY A 158 -6.70 7.76 39.12
C GLY A 158 -5.37 7.05 39.21
N PRO A 159 -5.38 5.80 39.71
CA PRO A 159 -4.16 5.00 39.88
C PRO A 159 -3.48 4.71 38.55
N GLY A 160 -2.14 4.77 38.53
CA GLY A 160 -1.39 4.53 37.32
C GLY A 160 0.04 4.12 37.62
N HIS A 161 0.94 5.10 37.57
CA HIS A 161 2.32 4.90 37.99
C HIS A 161 2.34 4.40 39.43
N THR A 162 1.53 5.05 40.27
CA THR A 162 1.24 4.56 41.61
C THR A 162 -0.24 4.81 41.91
N SER A 163 -0.72 4.26 43.02
CA SER A 163 -2.10 4.41 43.44
C SER A 163 -2.41 5.85 43.83
N ASP A 164 -1.38 6.59 44.23
CA ASP A 164 -1.57 7.92 44.80
C ASP A 164 -1.15 9.07 43.89
N ASN A 165 -0.66 8.80 42.68
CA ASN A 165 -0.11 9.87 41.85
C ASN A 165 -1.12 10.96 41.51
N ILE A 166 -0.73 12.21 41.73
CA ILE A 166 -1.57 13.34 41.34
C ILE A 166 -0.85 14.19 40.30
N THR A 167 -1.59 15.10 39.67
CA THR A 167 -1.04 15.90 38.58
C THR A 167 -1.40 17.37 38.80
N VAL A 168 -0.69 18.26 38.12
CA VAL A 168 -0.86 19.70 38.37
C VAL A 168 -0.82 20.52 37.08
N GLY A 169 -1.83 21.37 36.89
CA GLY A 169 -1.86 22.31 35.80
C GLY A 169 -1.53 23.69 36.32
N ILE A 170 -0.91 24.51 35.49
CA ILE A 170 -0.60 25.88 35.88
C ILE A 170 -1.60 26.79 35.20
N ASP A 171 -2.59 27.26 35.95
CA ASP A 171 -3.60 28.15 35.41
C ASP A 171 -3.01 29.42 34.82
N GLY A 172 -3.48 29.79 33.63
CA GLY A 172 -3.02 31.01 32.98
C GLY A 172 -1.79 30.78 32.13
N THR A 173 -1.44 29.51 31.94
CA THR A 173 -0.31 29.14 31.10
C THR A 173 -0.70 27.93 30.26
N ASP A 174 0.21 27.52 29.39
CA ASP A 174 -0.05 26.38 28.53
C ASP A 174 0.54 25.11 29.11
N ILE A 175 0.88 25.16 30.40
CA ILE A 175 1.65 24.11 31.05
C ILE A 175 0.85 23.20 31.98
N ALA A 176 1.08 21.90 31.85
CA ALA A 176 0.52 20.92 32.77
C ALA A 176 1.60 19.90 33.14
N PHE A 177 1.56 19.46 34.40
CA PHE A 177 2.61 18.61 34.95
C PHE A 177 2.06 17.22 35.25
N GLY A 178 2.62 16.21 34.60
CA GLY A 178 2.14 14.84 34.74
C GLY A 178 2.97 13.95 35.65
N GLY A 179 4.07 14.48 36.17
CA GLY A 179 4.94 13.72 37.05
C GLY A 179 5.49 12.45 36.39
N CYS A 180 5.46 11.34 37.12
CA CYS A 180 5.98 10.06 36.62
C CYS A 180 4.89 9.28 35.87
N LEU A 181 3.66 9.76 35.92
CA LEU A 181 2.57 9.12 35.19
C LEU A 181 2.78 9.20 33.68
N ILE A 182 3.12 10.38 33.20
CA ILE A 182 3.28 10.61 31.77
C ILE A 182 4.74 10.49 31.33
N LYS A 183 4.97 9.71 30.29
CA LYS A 183 6.28 9.62 29.67
C LYS A 183 6.28 10.35 28.33
N ASP A 184 7.46 10.73 27.85
CA ASP A 184 7.54 11.49 26.62
C ASP A 184 7.32 10.57 25.41
N SER A 185 7.00 11.18 24.26
CA SER A 185 6.63 10.43 23.07
C SER A 185 7.79 9.57 22.53
N LYS A 186 9.01 9.86 22.98
CA LYS A 186 10.18 9.09 22.54
C LYS A 186 10.52 7.94 23.48
N ALA A 187 9.80 7.83 24.59
CA ALA A 187 10.06 6.80 25.61
C ALA A 187 9.83 5.38 25.08
N LYS A 188 10.67 4.45 25.53
CA LYS A 188 10.59 3.07 25.08
C LYS A 188 9.74 2.19 26.01
N SER A 189 9.56 2.64 27.25
CA SER A 189 8.76 1.91 28.23
C SER A 189 8.06 2.87 29.16
N LEU A 190 7.25 2.33 30.06
CA LEU A 190 6.57 3.16 31.05
C LEU A 190 7.42 3.26 32.32
N GLY A 191 8.66 2.81 32.20
CA GLY A 191 9.61 2.94 33.30
C GLY A 191 9.33 1.99 34.44
N ASN A 192 9.42 2.52 35.66
CA ASN A 192 9.22 1.73 36.86
C ASN A 192 7.75 1.40 37.09
N LEU A 193 7.40 0.13 36.93
CA LEU A 193 6.02 -0.32 37.13
C LEU A 193 5.88 -1.13 38.42
N GLY A 194 6.88 -1.03 39.29
CA GLY A 194 6.91 -1.78 40.52
C GLY A 194 5.71 -1.52 41.42
N ASP A 195 5.23 -0.28 41.42
CA ASP A 195 4.08 0.08 42.25
C ASP A 195 2.86 0.44 41.40
N ALA A 196 2.88 0.07 40.12
CA ALA A 196 1.88 0.56 39.17
C ALA A 196 0.59 -0.25 39.11
N ASP A 197 -0.50 0.43 38.77
CA ASP A 197 -1.78 -0.20 38.50
C ASP A 197 -1.93 -0.34 37.00
N THR A 198 -1.53 -1.50 36.48
CA THR A 198 -1.47 -1.72 35.04
C THR A 198 -2.84 -1.78 34.40
N GLU A 199 -3.86 -2.15 35.17
CA GLU A 199 -5.21 -2.25 34.66
C GLU A 199 -5.83 -0.89 34.37
N HIS A 200 -5.56 0.10 35.23
CA HIS A 200 -6.21 1.40 35.11
C HIS A 200 -5.28 2.48 34.55
N TYR A 201 -4.02 2.13 34.34
CA TYR A 201 -3.00 3.10 33.91
C TYR A 201 -3.43 3.88 32.66
N ALA A 202 -3.87 3.17 31.62
CA ALA A 202 -4.23 3.82 30.36
C ALA A 202 -5.35 4.85 30.56
N ALA A 203 -6.39 4.47 31.29
CA ALA A 203 -7.52 5.35 31.56
C ALA A 203 -7.08 6.58 32.37
N SER A 204 -6.17 6.38 33.30
CA SER A 204 -5.69 7.48 34.13
C SER A 204 -4.89 8.50 33.31
N ALA A 205 -4.03 8.00 32.44
CA ALA A 205 -3.26 8.89 31.55
C ALA A 205 -4.21 9.72 30.69
N ARG A 206 -5.25 9.08 30.17
CA ARG A 206 -6.22 9.79 29.33
C ARG A 206 -7.06 10.77 30.14
N ALA A 207 -7.35 10.42 31.38
CA ALA A 207 -8.14 11.30 32.26
C ALA A 207 -7.39 12.60 32.52
N PHE A 208 -6.08 12.51 32.66
CA PHE A 208 -5.21 13.66 32.81
C PHE A 208 -5.30 14.57 31.57
N GLY A 209 -5.19 13.97 30.40
CA GLY A 209 -5.30 14.71 29.16
C GLY A 209 -6.62 15.48 29.10
N ALA A 210 -7.70 14.82 29.53
CA ALA A 210 -9.02 15.43 29.49
C ALA A 210 -9.21 16.49 30.58
N ALA A 211 -8.45 16.37 31.66
CA ALA A 211 -8.53 17.34 32.75
C ALA A 211 -7.92 18.69 32.35
N PHE A 212 -6.87 18.66 31.55
CA PHE A 212 -6.22 19.87 31.08
C PHE A 212 -6.19 19.93 29.56
N PRO A 213 -7.35 20.15 28.95
CA PRO A 213 -7.49 20.04 27.49
C PRO A 213 -6.74 21.12 26.71
N LYS A 214 -6.45 22.26 27.33
CA LYS A 214 -5.79 23.35 26.63
C LYS A 214 -4.28 23.38 26.87
N ALA A 215 -3.79 22.56 27.80
CA ALA A 215 -2.36 22.50 28.05
C ALA A 215 -1.65 21.94 26.82
N SER A 216 -0.66 22.68 26.32
CA SER A 216 0.08 22.28 25.13
C SER A 216 1.52 21.89 25.43
N MET A 217 2.01 22.33 26.58
CA MET A 217 3.33 21.92 27.06
C MET A 217 3.17 20.97 28.23
N ILE A 218 3.63 19.74 28.05
CA ILE A 218 3.50 18.73 29.09
C ILE A 218 4.84 18.51 29.79
N VAL A 219 4.93 18.98 31.02
CA VAL A 219 6.13 18.76 31.82
C VAL A 219 6.01 17.44 32.57
N MET A 220 7.09 16.67 32.56
CA MET A 220 7.09 15.39 33.24
C MET A 220 8.40 15.17 34.00
N SER A 221 8.42 14.09 34.78
CA SER A 221 9.49 13.85 35.73
C SER A 221 10.85 13.57 35.09
N HIS A 222 10.85 12.89 33.95
CA HIS A 222 12.11 12.37 33.42
C HIS A 222 12.41 12.66 31.95
N SER A 223 11.81 13.72 31.42
CA SER A 223 12.11 14.17 30.06
C SER A 223 11.91 15.67 29.96
N ALA A 224 12.53 16.28 28.96
CA ALA A 224 12.23 17.67 28.65
C ALA A 224 10.75 17.77 28.31
N PRO A 225 10.14 18.94 28.53
CA PRO A 225 8.72 19.17 28.24
C PRO A 225 8.34 18.74 26.82
N ASP A 226 7.15 18.17 26.68
CA ASP A 226 6.68 17.67 25.39
C ASP A 226 5.31 18.26 25.04
N SER A 227 4.80 17.91 23.87
CA SER A 227 3.44 18.29 23.50
C SER A 227 2.45 17.26 24.02
N ARG A 228 1.18 17.43 23.68
CA ARG A 228 0.14 16.51 24.12
C ARG A 228 0.38 15.09 23.61
N ALA A 229 1.26 14.94 22.62
CA ALA A 229 1.61 13.63 22.10
C ALA A 229 2.15 12.69 23.18
N ALA A 230 2.80 13.26 24.19
CA ALA A 230 3.33 12.47 25.30
C ALA A 230 2.21 11.75 26.07
N ILE A 231 1.09 12.43 26.25
CA ILE A 231 -0.05 11.87 26.96
C ILE A 231 -0.65 10.68 26.21
N THR A 232 -0.90 10.88 24.92
CA THR A 232 -1.51 9.87 24.09
C THR A 232 -0.58 8.67 23.88
N HIS A 233 0.71 8.97 23.70
CA HIS A 233 1.69 7.91 23.51
C HIS A 233 1.82 7.06 24.78
N THR A 234 1.74 7.71 25.93
CA THR A 234 1.77 7.01 27.22
C THR A 234 0.55 6.12 27.37
N ALA A 235 -0.62 6.68 27.07
CA ALA A 235 -1.88 5.95 27.13
C ALA A 235 -1.82 4.69 26.29
N ARG A 236 -1.29 4.81 25.06
CA ARG A 236 -1.21 3.69 24.14
C ARG A 236 -0.19 2.63 24.57
N MET A 237 0.90 3.06 25.20
CA MET A 237 1.84 2.10 25.78
C MET A 237 1.17 1.34 26.94
N ALA A 238 0.36 2.07 27.71
CA ALA A 238 -0.34 1.48 28.84
C ALA A 238 -1.44 0.52 28.41
N ASP A 239 -2.04 0.79 27.25
CA ASP A 239 -3.06 -0.11 26.68
C ASP A 239 -2.55 -1.53 26.57
N LYS A 240 -1.26 -1.67 26.29
CA LYS A 240 -0.64 -2.96 26.07
C LYS A 240 -0.36 -3.71 27.37
N LEU A 241 -0.49 -3.00 28.50
CA LEU A 241 -0.28 -3.61 29.81
C LEU A 241 -1.50 -4.40 30.26
N ARG A 242 -2.61 -4.20 29.57
CA ARG A 242 -3.86 -4.87 29.94
C ARG A 242 -3.99 -6.22 29.23
N ASP B 15 11.73 33.18 -46.01
CA ASP B 15 11.74 32.40 -44.77
C ASP B 15 12.56 33.11 -43.70
N GLN B 16 12.02 33.14 -42.49
CA GLN B 16 12.73 33.78 -41.38
C GLN B 16 13.05 32.74 -40.29
N ARG B 17 14.26 32.83 -39.76
CA ARG B 17 14.72 31.88 -38.75
C ARG B 17 14.89 32.52 -37.37
N PHE B 18 14.40 31.82 -36.34
CA PHE B 18 14.57 32.25 -34.95
C PHE B 18 14.98 31.02 -34.15
N GLY B 19 16.25 30.97 -33.75
CA GLY B 19 16.78 29.76 -33.14
C GLY B 19 16.81 28.61 -34.13
N ASP B 20 16.15 27.51 -33.79
CA ASP B 20 16.09 26.35 -34.67
C ASP B 20 14.80 26.26 -35.47
N LEU B 21 13.98 27.29 -35.40
CA LEU B 21 12.69 27.27 -36.08
C LEU B 21 12.67 28.18 -37.31
N VAL B 22 11.86 27.80 -38.29
CA VAL B 22 11.70 28.57 -39.52
C VAL B 22 10.28 29.10 -39.62
N PHE B 23 10.16 30.36 -40.03
CA PHE B 23 8.84 30.99 -40.14
C PHE B 23 8.62 31.50 -41.55
N ARG B 24 7.45 31.19 -42.10
CA ARG B 24 7.09 31.60 -43.45
C ARG B 24 5.72 32.27 -43.41
N GLN B 25 5.64 33.50 -43.90
CA GLN B 25 4.37 34.19 -43.92
C GLN B 25 3.55 33.65 -45.09
N LEU B 26 2.33 33.22 -44.80
CA LEU B 26 1.46 32.63 -45.81
C LEU B 26 0.41 33.63 -46.26
N ALA B 27 0.11 34.58 -45.37
CA ALA B 27 -0.90 35.62 -45.62
C ALA B 27 -0.63 36.78 -44.68
N PRO B 28 -1.33 37.91 -44.88
CA PRO B 28 -1.14 39.10 -44.04
C PRO B 28 -1.16 38.81 -42.54
N ASN B 29 -2.01 37.86 -42.13
CA ASN B 29 -2.19 37.58 -40.71
C ASN B 29 -1.87 36.14 -40.32
N VAL B 30 -1.16 35.42 -41.20
CA VAL B 30 -0.88 34.00 -40.97
C VAL B 30 0.55 33.62 -41.30
N TRP B 31 1.20 32.94 -40.37
CA TRP B 31 2.53 32.37 -40.59
C TRP B 31 2.53 30.86 -40.36
N GLN B 32 3.41 30.17 -41.06
CA GLN B 32 3.68 28.76 -40.80
C GLN B 32 4.99 28.63 -40.03
N HIS B 33 4.98 27.88 -38.93
CA HIS B 33 6.24 27.59 -38.24
C HIS B 33 6.64 26.14 -38.50
N THR B 34 7.95 25.94 -38.64
CA THR B 34 8.52 24.63 -38.97
C THR B 34 9.65 24.30 -38.01
N SER B 35 9.61 23.11 -37.44
CA SER B 35 10.70 22.64 -36.59
C SER B 35 11.12 21.25 -37.05
N TYR B 36 12.34 20.86 -36.70
CA TYR B 36 12.90 19.60 -37.18
C TYR B 36 13.30 18.72 -36.00
N LEU B 37 13.07 17.42 -36.17
CA LEU B 37 13.51 16.45 -35.19
C LEU B 37 14.30 15.35 -35.88
N ASP B 38 15.48 15.06 -35.35
CA ASP B 38 16.32 14.00 -35.89
C ASP B 38 15.95 12.64 -35.30
N MET B 39 15.38 11.77 -36.13
CA MET B 39 15.15 10.41 -35.69
C MET B 39 16.22 9.53 -36.34
N PRO B 40 17.16 9.05 -35.52
CA PRO B 40 18.34 8.25 -35.85
C PRO B 40 18.09 7.08 -36.81
N GLY B 41 18.80 7.09 -37.94
CA GLY B 41 18.70 6.03 -38.91
C GLY B 41 17.75 6.33 -40.05
N PHE B 42 16.94 7.37 -39.86
CA PHE B 42 15.88 7.65 -40.81
C PHE B 42 15.85 9.12 -41.22
N GLY B 43 16.59 9.93 -40.47
CA GLY B 43 16.78 11.35 -40.76
C GLY B 43 15.86 12.34 -40.07
N ALA B 44 15.98 13.60 -40.48
CA ALA B 44 15.24 14.69 -39.86
C ALA B 44 13.85 14.86 -40.46
N VAL B 45 12.86 15.01 -39.59
CA VAL B 45 11.49 15.20 -40.03
C VAL B 45 11.01 16.60 -39.65
N ALA B 46 10.49 17.33 -40.63
CA ALA B 46 9.94 18.66 -40.40
C ALA B 46 8.49 18.56 -39.94
N SER B 47 8.06 19.52 -39.14
CA SER B 47 6.69 19.58 -38.68
C SER B 47 6.15 21.00 -38.75
N ASN B 48 4.99 21.17 -39.36
CA ASN B 48 4.46 22.52 -39.54
C ASN B 48 3.31 22.82 -38.61
N GLY B 49 3.23 24.07 -38.17
CA GLY B 49 2.11 24.57 -37.40
C GLY B 49 1.77 25.95 -37.90
N LEU B 50 0.80 26.60 -37.29
CA LEU B 50 0.36 27.92 -37.73
C LEU B 50 0.41 28.99 -36.62
N ILE B 51 0.66 30.22 -37.04
CA ILE B 51 0.55 31.37 -36.16
C ILE B 51 -0.45 32.34 -36.78
N VAL B 52 -1.46 32.73 -36.03
CA VAL B 52 -2.49 33.59 -36.59
C VAL B 52 -2.68 34.86 -35.77
N ARG B 53 -2.50 36.00 -36.42
CA ARG B 53 -2.74 37.29 -35.76
C ARG B 53 -4.20 37.68 -35.91
N ASP B 54 -4.88 37.85 -34.78
CA ASP B 54 -6.29 38.24 -34.80
C ASP B 54 -6.56 39.43 -33.89
N GLY B 55 -6.66 40.61 -34.49
CA GLY B 55 -6.86 41.84 -33.73
C GLY B 55 -5.66 42.19 -32.89
N GLY B 56 -5.86 42.27 -31.58
CA GLY B 56 -4.79 42.64 -30.66
C GLY B 56 -4.22 41.44 -29.94
N ARG B 57 -4.37 40.27 -30.56
CA ARG B 57 -3.85 39.03 -29.98
C ARG B 57 -3.36 38.06 -31.05
N VAL B 58 -2.59 37.07 -30.62
CA VAL B 58 -2.07 36.04 -31.52
C VAL B 58 -2.59 34.67 -31.12
N LEU B 59 -2.88 33.84 -32.12
CA LEU B 59 -3.35 32.47 -31.89
C LEU B 59 -2.37 31.46 -32.50
N VAL B 60 -2.15 30.36 -31.79
CA VAL B 60 -1.21 29.35 -32.26
C VAL B 60 -1.88 28.00 -32.52
N VAL B 61 -1.44 27.33 -33.58
CA VAL B 61 -1.89 25.97 -33.84
C VAL B 61 -0.70 25.03 -33.81
N ASP B 62 -0.71 24.14 -32.81
CA ASP B 62 0.34 23.13 -32.64
C ASP B 62 1.64 23.66 -32.07
N THR B 63 2.29 22.83 -31.26
CA THR B 63 3.62 23.12 -30.73
C THR B 63 4.66 22.60 -31.72
N ALA B 64 5.94 22.76 -31.38
CA ALA B 64 7.03 22.14 -32.12
C ALA B 64 7.32 20.76 -31.52
N TRP B 65 8.36 20.10 -32.00
CA TRP B 65 8.69 18.77 -31.50
C TRP B 65 9.00 18.77 -30.01
N THR B 66 9.64 19.83 -29.52
CA THR B 66 10.10 19.90 -28.14
C THR B 66 9.73 21.23 -27.48
N ASP B 67 9.92 21.27 -26.16
CA ASP B 67 9.68 22.46 -25.36
C ASP B 67 10.58 23.64 -25.74
N ASP B 68 11.86 23.35 -25.95
CA ASP B 68 12.83 24.38 -26.31
C ASP B 68 12.44 25.08 -27.60
N GLN B 69 12.06 24.28 -28.60
CA GLN B 69 11.69 24.79 -29.91
C GLN B 69 10.43 25.66 -29.79
N THR B 70 9.51 25.24 -28.92
CA THR B 70 8.25 25.94 -28.73
C THR B 70 8.42 27.30 -28.06
N ALA B 71 9.34 27.38 -27.09
CA ALA B 71 9.71 28.63 -26.45
C ALA B 71 10.20 29.64 -27.48
N GLN B 72 10.95 29.16 -28.45
CA GLN B 72 11.47 29.98 -29.54
C GLN B 72 10.35 30.56 -30.42
N ILE B 73 9.27 29.80 -30.60
CA ILE B 73 8.10 30.30 -31.33
C ILE B 73 7.47 31.50 -30.63
N LEU B 74 7.32 31.41 -29.31
CA LEU B 74 6.70 32.46 -28.53
C LEU B 74 7.53 33.74 -28.53
N ASN B 75 8.84 33.58 -28.45
CA ASN B 75 9.75 34.72 -28.48
C ASN B 75 9.80 35.39 -29.86
N TRP B 76 9.75 34.59 -30.92
CA TRP B 76 9.68 35.14 -32.27
C TRP B 76 8.42 35.97 -32.40
N ILE B 77 7.33 35.47 -31.82
CA ILE B 77 6.05 36.18 -31.83
C ILE B 77 6.15 37.54 -31.14
N LYS B 78 6.75 37.57 -29.96
CA LYS B 78 6.92 38.82 -29.22
C LYS B 78 7.73 39.83 -30.02
N GLN B 79 8.79 39.35 -30.66
CA GLN B 79 9.68 40.22 -31.42
C GLN B 79 9.11 40.67 -32.76
N GLU B 80 8.46 39.76 -33.48
CA GLU B 80 8.05 40.04 -34.84
C GLU B 80 6.64 40.61 -34.93
N ILE B 81 5.82 40.26 -33.96
CA ILE B 81 4.42 40.67 -33.96
C ILE B 81 4.10 41.56 -32.75
N ASN B 82 4.72 41.25 -31.63
CA ASN B 82 4.52 42.00 -30.40
C ASN B 82 3.05 42.11 -29.99
N LEU B 83 2.37 40.96 -29.98
CA LEU B 83 1.04 40.88 -29.41
C LEU B 83 1.01 39.67 -28.49
N PRO B 84 0.18 39.69 -27.44
CA PRO B 84 0.10 38.57 -26.51
C PRO B 84 -0.56 37.35 -27.15
N VAL B 85 -0.04 36.17 -26.84
CA VAL B 85 -0.62 34.92 -27.32
C VAL B 85 -1.78 34.54 -26.42
N ALA B 86 -2.98 34.51 -26.99
CA ALA B 86 -4.19 34.30 -26.21
C ALA B 86 -4.42 32.82 -25.94
N LEU B 87 -4.21 31.99 -26.95
CA LEU B 87 -4.46 30.57 -26.80
C LEU B 87 -3.74 29.75 -27.86
N ALA B 88 -3.64 28.44 -27.61
CA ALA B 88 -3.06 27.52 -28.56
C ALA B 88 -3.95 26.29 -28.73
N VAL B 89 -3.98 25.76 -29.94
CA VAL B 89 -4.74 24.55 -30.26
C VAL B 89 -3.81 23.47 -30.80
N VAL B 90 -3.90 22.26 -30.27
CA VAL B 90 -3.11 21.13 -30.74
C VAL B 90 -4.01 20.10 -31.43
N THR B 91 -3.54 19.53 -32.54
CA THR B 91 -4.41 18.79 -33.44
C THR B 91 -4.51 17.29 -33.17
N HIS B 92 -3.55 16.75 -32.42
CA HIS B 92 -3.70 15.40 -31.87
C HIS B 92 -2.53 15.04 -30.95
N ALA B 93 -2.65 13.91 -30.26
CA ALA B 93 -1.72 13.56 -29.19
C ALA B 93 -0.50 12.80 -29.71
N HIS B 94 0.26 13.44 -30.60
CA HIS B 94 1.56 12.89 -31.02
C HIS B 94 2.63 13.94 -30.78
N GLN B 95 3.89 13.51 -30.78
CA GLN B 95 5.00 14.36 -30.36
C GLN B 95 5.17 15.62 -31.21
N ASP B 96 4.96 15.49 -32.51
CA ASP B 96 5.20 16.63 -33.40
C ASP B 96 4.17 17.73 -33.18
N LYS B 97 3.05 17.37 -32.56
CA LYS B 97 1.97 18.32 -32.31
C LYS B 97 1.88 18.79 -30.86
N MET B 98 2.18 17.90 -29.91
CA MET B 98 2.03 18.22 -28.49
C MET B 98 3.33 18.19 -27.69
N GLY B 99 4.45 17.98 -28.37
CA GLY B 99 5.73 17.83 -27.69
C GLY B 99 6.15 18.97 -26.78
N GLY B 100 5.68 20.17 -27.08
CA GLY B 100 6.11 21.35 -26.36
C GLY B 100 5.03 22.04 -25.54
N MET B 101 4.08 21.26 -25.02
CA MET B 101 3.02 21.81 -24.19
C MET B 101 3.58 22.54 -22.98
N ASP B 102 4.67 22.01 -22.43
CA ASP B 102 5.32 22.61 -21.27
C ASP B 102 5.71 24.06 -21.49
N ALA B 103 6.21 24.37 -22.68
CA ALA B 103 6.62 25.73 -23.00
C ALA B 103 5.43 26.66 -22.95
N LEU B 104 4.28 26.19 -23.45
CA LEU B 104 3.08 27.01 -23.46
C LEU B 104 2.58 27.29 -22.05
N HIS B 105 2.50 26.26 -21.23
CA HIS B 105 2.01 26.40 -19.86
C HIS B 105 2.97 27.20 -18.99
N ALA B 106 4.27 27.01 -19.23
CA ALA B 106 5.28 27.78 -18.52
C ALA B 106 5.12 29.26 -18.77
N ALA B 107 4.60 29.59 -19.96
CA ALA B 107 4.42 30.97 -20.38
C ALA B 107 3.01 31.47 -20.05
N GLY B 108 2.19 30.62 -19.44
CA GLY B 108 0.86 30.98 -19.00
C GLY B 108 -0.19 31.07 -20.10
N ILE B 109 0.02 30.35 -21.20
CA ILE B 109 -0.90 30.36 -22.33
C ILE B 109 -1.94 29.24 -22.26
N ALA B 110 -3.21 29.61 -22.38
CA ALA B 110 -4.32 28.65 -22.35
C ALA B 110 -4.26 27.68 -23.54
N THR B 111 -4.34 26.39 -23.24
CA THR B 111 -4.22 25.37 -24.27
C THR B 111 -5.49 24.56 -24.47
N TYR B 112 -5.77 24.22 -25.73
CA TYR B 112 -6.97 23.50 -26.11
C TYR B 112 -6.61 22.30 -26.96
N ALA B 113 -7.31 21.19 -26.73
CA ALA B 113 -7.17 20.01 -27.56
C ALA B 113 -8.49 19.26 -27.56
N ASN B 114 -8.64 18.32 -28.49
CA ASN B 114 -9.77 17.41 -28.45
C ASN B 114 -9.79 16.70 -27.10
N ALA B 115 -10.96 16.64 -26.47
CA ALA B 115 -11.09 15.95 -25.17
C ALA B 115 -10.46 14.57 -25.25
N LEU B 116 -10.64 13.91 -26.39
CA LEU B 116 -10.04 12.60 -26.61
C LEU B 116 -8.51 12.65 -26.61
N SER B 117 -7.94 13.70 -27.19
CA SER B 117 -6.50 13.90 -27.21
C SER B 117 -5.93 14.06 -25.78
N ASN B 118 -6.63 14.80 -24.94
CA ASN B 118 -6.21 14.97 -23.55
C ASN B 118 -6.29 13.64 -22.78
N GLN B 119 -7.28 12.82 -23.12
CA GLN B 119 -7.44 11.51 -22.47
C GLN B 119 -6.31 10.56 -22.85
N LEU B 120 -5.85 10.67 -24.09
CA LEU B 120 -4.79 9.81 -24.60
C LEU B 120 -3.37 10.26 -24.24
N ALA B 121 -3.22 11.55 -23.94
CA ALA B 121 -1.92 12.20 -23.79
C ALA B 121 -0.94 11.44 -22.87
N PRO B 122 -1.38 11.13 -21.63
CA PRO B 122 -0.53 10.40 -20.69
C PRO B 122 -0.04 9.05 -21.22
N GLN B 123 -0.90 8.28 -21.89
CA GLN B 123 -0.46 7.01 -22.46
C GLN B 123 0.60 7.25 -23.52
N GLU B 124 0.51 8.39 -24.19
CA GLU B 124 1.44 8.74 -25.26
C GLU B 124 2.67 9.49 -24.77
N GLY B 125 2.75 9.77 -23.47
CA GLY B 125 3.86 10.51 -22.94
C GLY B 125 3.79 12.01 -23.21
N MET B 126 2.57 12.50 -23.46
CA MET B 126 2.37 13.93 -23.71
C MET B 126 1.77 14.63 -22.50
N VAL B 127 1.99 15.93 -22.41
CA VAL B 127 1.30 16.75 -21.41
C VAL B 127 -0.03 17.22 -21.98
N ALA B 128 -1.11 16.93 -21.25
CA ALA B 128 -2.46 17.27 -21.71
C ALA B 128 -2.66 18.78 -21.83
N ALA B 129 -3.57 19.18 -22.70
CA ALA B 129 -3.95 20.59 -22.77
C ALA B 129 -4.78 20.93 -21.55
N GLN B 130 -4.93 22.22 -21.28
CA GLN B 130 -5.64 22.68 -20.10
C GLN B 130 -7.15 22.71 -20.31
N HIS B 131 -7.59 22.73 -21.57
CA HIS B 131 -9.01 22.75 -21.86
C HIS B 131 -9.36 21.73 -22.92
N SER B 132 -10.59 21.23 -22.87
CA SER B 132 -11.02 20.19 -23.80
C SER B 132 -12.07 20.70 -24.77
N LEU B 133 -11.86 20.41 -26.05
CA LEU B 133 -12.85 20.70 -27.08
C LEU B 133 -13.75 19.49 -27.25
N THR B 134 -15.04 19.72 -27.41
CA THR B 134 -15.96 18.64 -27.75
C THR B 134 -16.67 19.00 -29.05
N PHE B 135 -17.23 18.00 -29.74
CA PHE B 135 -17.76 18.22 -31.08
C PHE B 135 -19.17 17.69 -31.25
N ALA B 136 -19.93 18.34 -32.12
CA ALA B 136 -21.28 17.90 -32.45
C ALA B 136 -21.21 16.69 -33.36
N ALA B 137 -22.37 16.10 -33.64
CA ALA B 137 -22.45 14.92 -34.48
C ALA B 137 -22.05 15.23 -35.92
N ASN B 138 -22.09 16.50 -36.31
CA ASN B 138 -21.70 16.89 -37.66
C ASN B 138 -20.22 17.27 -37.77
N GLY B 139 -19.51 17.24 -36.65
CA GLY B 139 -18.07 17.40 -36.65
C GLY B 139 -17.57 18.77 -36.24
N TRP B 140 -18.47 19.74 -36.19
CA TRP B 140 -18.10 21.09 -35.82
C TRP B 140 -17.97 21.22 -34.31
N VAL B 141 -17.00 22.01 -33.87
CA VAL B 141 -16.76 22.21 -32.45
C VAL B 141 -17.97 22.85 -31.80
N GLU B 142 -18.30 22.40 -30.60
CA GLU B 142 -19.28 23.09 -29.77
C GLU B 142 -18.65 24.39 -29.25
N PRO B 143 -19.22 25.53 -29.67
CA PRO B 143 -18.71 26.88 -29.40
C PRO B 143 -18.44 27.16 -27.93
N ALA B 144 -19.23 26.57 -27.04
CA ALA B 144 -19.05 26.75 -25.60
C ALA B 144 -17.67 26.28 -25.16
N THR B 145 -17.16 25.24 -25.80
CA THR B 145 -15.86 24.68 -25.45
C THR B 145 -14.72 25.41 -26.16
N ALA B 146 -15.07 26.26 -27.12
CA ALA B 146 -14.08 27.02 -27.89
C ALA B 146 -14.34 28.52 -27.84
N PRO B 147 -14.23 29.12 -26.64
CA PRO B 147 -14.56 30.53 -26.45
C PRO B 147 -13.52 31.45 -27.09
N ASN B 148 -13.96 32.42 -27.87
CA ASN B 148 -13.06 33.44 -28.39
C ASN B 148 -11.95 32.88 -29.26
N PHE B 149 -12.30 31.99 -30.17
CA PHE B 149 -11.29 31.37 -31.04
C PHE B 149 -11.04 32.20 -32.29
N GLY B 150 -11.75 33.32 -32.41
CA GLY B 150 -11.57 34.22 -33.52
C GLY B 150 -11.73 33.55 -34.87
N PRO B 151 -10.72 33.69 -35.75
CA PRO B 151 -10.74 33.14 -37.10
C PRO B 151 -10.56 31.62 -37.14
N LEU B 152 -10.21 31.01 -36.00
CA LEU B 152 -10.00 29.58 -35.95
C LEU B 152 -11.32 28.81 -35.93
N LYS B 153 -11.57 28.05 -37.00
CA LYS B 153 -12.73 27.17 -37.07
C LYS B 153 -12.28 25.73 -36.97
N VAL B 154 -12.55 25.10 -35.83
CA VAL B 154 -12.07 23.76 -35.55
C VAL B 154 -13.09 22.71 -35.97
N PHE B 155 -12.62 21.67 -36.65
CA PHE B 155 -13.49 20.65 -37.21
C PHE B 155 -12.90 19.27 -36.98
N TYR B 156 -13.70 18.37 -36.43
CA TYR B 156 -13.31 16.99 -36.25
C TYR B 156 -13.88 16.17 -37.40
N PRO B 157 -13.00 15.67 -38.30
CA PRO B 157 -13.43 14.99 -39.53
C PRO B 157 -13.74 13.52 -39.33
N GLY B 158 -13.49 13.01 -38.13
CA GLY B 158 -13.61 11.60 -37.88
C GLY B 158 -12.23 10.96 -37.75
N PRO B 159 -12.20 9.70 -37.26
CA PRO B 159 -10.92 9.00 -37.06
C PRO B 159 -10.19 8.78 -38.37
N GLY B 160 -8.87 8.96 -38.36
CA GLY B 160 -8.08 8.81 -39.57
C GLY B 160 -6.63 8.48 -39.27
N HIS B 161 -5.79 9.51 -39.30
CA HIS B 161 -4.40 9.37 -38.88
C HIS B 161 -4.35 8.83 -37.45
N THR B 162 -5.21 9.41 -36.60
CA THR B 162 -5.45 8.91 -35.25
C THR B 162 -6.95 9.01 -34.97
N SER B 163 -7.38 8.44 -33.85
CA SER B 163 -8.79 8.51 -33.48
C SER B 163 -9.18 9.93 -33.15
N ASP B 164 -8.21 10.74 -32.73
CA ASP B 164 -8.46 12.07 -32.19
C ASP B 164 -8.08 13.27 -33.08
N ASN B 165 -7.55 13.04 -34.27
CA ASN B 165 -7.04 14.17 -35.07
C ASN B 165 -8.12 15.20 -35.39
N ILE B 166 -7.81 16.47 -35.16
CA ILE B 166 -8.74 17.54 -35.52
C ILE B 166 -8.09 18.46 -36.55
N THR B 167 -8.92 19.29 -37.19
CA THR B 167 -8.44 20.17 -38.25
C THR B 167 -8.97 21.58 -38.05
N VAL B 168 -8.32 22.55 -38.70
CA VAL B 168 -8.65 23.95 -38.47
C VAL B 168 -8.59 24.78 -39.74
N GLY B 169 -9.68 25.52 -39.99
CA GLY B 169 -9.73 26.46 -41.09
C GLY B 169 -9.56 27.87 -40.54
N ILE B 170 -9.00 28.76 -41.34
CA ILE B 170 -8.81 30.13 -40.90
C ILE B 170 -9.85 31.03 -41.55
N ASP B 171 -10.87 31.43 -40.79
CA ASP B 171 -11.91 32.31 -41.30
C ASP B 171 -11.33 33.61 -41.84
N GLY B 172 -11.80 34.00 -43.01
CA GLY B 172 -11.38 35.23 -43.66
C GLY B 172 -10.15 35.05 -44.53
N THR B 173 -9.75 33.79 -44.74
CA THR B 173 -8.61 33.48 -45.59
C THR B 173 -8.86 32.23 -46.43
N ASP B 174 -7.91 31.91 -47.30
CA ASP B 174 -8.02 30.72 -48.15
C ASP B 174 -7.26 29.54 -47.56
N ILE B 175 -6.95 29.61 -46.27
CA ILE B 175 -6.09 28.60 -45.67
C ILE B 175 -6.87 27.67 -44.76
N ALA B 176 -6.61 26.37 -44.89
CA ALA B 176 -7.13 25.37 -43.97
C ALA B 176 -6.01 24.39 -43.63
N PHE B 177 -6.00 23.94 -42.38
CA PHE B 177 -4.92 23.11 -41.84
C PHE B 177 -5.40 21.71 -41.50
N GLY B 178 -4.82 20.71 -42.15
CA GLY B 178 -5.25 19.33 -41.97
C GLY B 178 -4.36 18.50 -41.06
N GLY B 179 -3.26 19.07 -40.61
CA GLY B 179 -2.32 18.37 -39.76
C GLY B 179 -1.76 17.12 -40.41
N CYS B 180 -1.72 16.02 -39.64
CA CYS B 180 -1.16 14.78 -40.13
C CYS B 180 -2.21 13.93 -40.86
N LEU B 181 -3.45 14.40 -40.86
CA LEU B 181 -4.51 13.71 -41.59
C LEU B 181 -4.25 13.75 -43.09
N ILE B 182 -3.90 14.93 -43.59
CA ILE B 182 -3.69 15.17 -45.01
C ILE B 182 -2.22 15.11 -45.42
N LYS B 183 -1.94 14.37 -46.49
CA LYS B 183 -0.61 14.36 -47.09
C LYS B 183 -0.63 15.13 -48.41
N ASP B 184 0.53 15.57 -48.89
CA ASP B 184 0.57 16.36 -50.12
C ASP B 184 0.42 15.46 -51.33
N SER B 185 0.09 16.05 -52.48
CA SER B 185 -0.20 15.29 -53.70
C SER B 185 1.02 14.50 -54.21
N LYS B 186 2.21 14.82 -53.70
CA LYS B 186 3.41 14.12 -54.13
C LYS B 186 3.72 12.94 -53.23
N ALA B 187 2.94 12.77 -52.16
CA ALA B 187 3.19 11.70 -51.19
C ALA B 187 3.05 10.32 -51.80
N LYS B 188 3.92 9.41 -51.37
CA LYS B 188 3.96 8.03 -51.83
C LYS B 188 3.13 7.13 -50.93
N SER B 189 2.97 7.58 -49.68
CA SER B 189 2.24 6.82 -48.67
C SER B 189 1.54 7.76 -47.71
N LEU B 190 0.79 7.19 -46.77
CA LEU B 190 0.07 8.00 -45.79
C LEU B 190 0.91 8.21 -44.52
N GLY B 191 2.19 7.83 -44.62
CA GLY B 191 3.13 8.04 -43.52
C GLY B 191 2.87 7.08 -42.37
N ASN B 192 2.91 7.60 -41.15
CA ASN B 192 2.73 6.77 -39.96
C ASN B 192 1.28 6.39 -39.76
N LEU B 193 0.96 5.11 -39.92
CA LEU B 193 -0.40 4.61 -39.73
C LEU B 193 -0.55 3.78 -38.45
N GLY B 194 0.42 3.92 -37.54
CA GLY B 194 0.43 3.15 -36.32
C GLY B 194 -0.79 3.30 -35.44
N ASP B 195 -1.35 4.50 -35.40
CA ASP B 195 -2.53 4.78 -34.59
C ASP B 195 -3.74 5.09 -35.46
N ALA B 196 -3.66 4.71 -36.74
CA ALA B 196 -4.65 5.12 -37.72
C ALA B 196 -5.88 4.21 -37.78
N ASP B 197 -7.00 4.82 -38.17
CA ASP B 197 -8.25 4.11 -38.45
C ASP B 197 -8.33 3.90 -39.95
N THR B 198 -7.88 2.75 -40.42
CA THR B 198 -7.76 2.50 -41.85
C THR B 198 -9.12 2.41 -42.54
N GLU B 199 -10.14 2.03 -41.77
CA GLU B 199 -11.49 1.87 -42.31
C GLU B 199 -12.18 3.20 -42.63
N HIS B 200 -12.00 4.21 -41.78
CA HIS B 200 -12.72 5.47 -41.92
C HIS B 200 -11.86 6.60 -42.45
N TYR B 201 -10.57 6.33 -42.63
CA TYR B 201 -9.59 7.35 -43.01
C TYR B 201 -10.04 8.13 -44.25
N ALA B 202 -10.39 7.41 -45.31
CA ALA B 202 -10.76 8.05 -46.57
C ALA B 202 -11.94 8.99 -46.39
N ALA B 203 -12.95 8.52 -45.68
CA ALA B 203 -14.14 9.31 -45.42
C ALA B 203 -13.80 10.55 -44.60
N SER B 204 -12.88 10.38 -43.64
CA SER B 204 -12.47 11.49 -42.80
C SER B 204 -11.72 12.55 -43.61
N ALA B 205 -10.81 12.11 -44.48
CA ALA B 205 -10.11 13.03 -45.37
C ALA B 205 -11.11 13.82 -46.23
N ARG B 206 -12.12 13.12 -46.75
CA ARG B 206 -13.11 13.77 -47.60
C ARG B 206 -14.00 14.72 -46.81
N ALA B 207 -14.28 14.38 -45.56
CA ALA B 207 -15.10 15.23 -44.70
C ALA B 207 -14.40 16.54 -44.43
N PHE B 208 -13.09 16.48 -44.24
CA PHE B 208 -12.28 17.68 -44.08
C PHE B 208 -12.38 18.57 -45.30
N GLY B 209 -12.19 17.98 -46.47
CA GLY B 209 -12.31 18.73 -47.71
C GLY B 209 -13.67 19.40 -47.80
N ALA B 210 -14.72 18.67 -47.40
CA ALA B 210 -16.09 19.17 -47.47
C ALA B 210 -16.40 20.19 -46.38
N ALA B 211 -15.67 20.14 -45.27
CA ALA B 211 -15.88 21.09 -44.19
C ALA B 211 -15.41 22.49 -44.55
N PHE B 212 -14.32 22.57 -45.32
CA PHE B 212 -13.79 23.86 -45.76
C PHE B 212 -13.71 23.91 -47.28
N PRO B 213 -14.88 23.99 -47.94
CA PRO B 213 -14.96 23.85 -49.38
C PRO B 213 -14.27 24.99 -50.17
N LYS B 214 -14.09 26.15 -49.56
CA LYS B 214 -13.49 27.27 -50.27
C LYS B 214 -11.99 27.44 -50.05
N ALA B 215 -11.40 26.67 -49.13
CA ALA B 215 -9.96 26.74 -48.89
C ALA B 215 -9.17 26.27 -50.11
N SER B 216 -8.22 27.08 -50.55
CA SER B 216 -7.43 26.74 -51.72
C SER B 216 -5.97 26.45 -51.35
N MET B 217 -5.58 26.91 -50.17
CA MET B 217 -4.25 26.59 -49.66
C MET B 217 -4.37 25.61 -48.49
N ILE B 218 -3.85 24.41 -48.68
CA ILE B 218 -3.95 23.39 -47.65
C ILE B 218 -2.62 23.24 -46.95
N VAL B 219 -2.58 23.65 -45.70
CA VAL B 219 -1.38 23.51 -44.88
C VAL B 219 -1.39 22.16 -44.20
N MET B 220 -0.26 21.47 -44.21
CA MET B 220 -0.17 20.19 -43.54
C MET B 220 1.14 20.06 -42.76
N SER B 221 1.24 19.00 -41.97
CA SER B 221 2.33 18.84 -41.02
C SER B 221 3.71 18.64 -41.64
N HIS B 222 3.79 17.94 -42.76
CA HIS B 222 5.09 17.49 -43.24
C HIS B 222 5.41 17.81 -44.70
N SER B 223 4.76 18.83 -45.24
CA SER B 223 5.07 19.32 -46.58
C SER B 223 4.74 20.81 -46.67
N ALA B 224 5.32 21.49 -47.65
CA ALA B 224 4.93 22.86 -47.96
C ALA B 224 3.46 22.87 -48.33
N PRO B 225 2.78 24.01 -48.14
CA PRO B 225 1.35 24.14 -48.44
C PRO B 225 1.02 23.67 -49.86
N ASP B 226 -0.12 23.00 -50.02
CA ASP B 226 -0.54 22.47 -51.31
C ASP B 226 -1.94 22.97 -51.67
N SER B 227 -2.41 22.60 -52.85
CA SER B 227 -3.77 22.91 -53.25
C SER B 227 -4.72 21.81 -52.76
N ARG B 228 -5.99 21.94 -53.13
CA ARG B 228 -7.00 20.98 -52.69
C ARG B 228 -6.74 19.57 -53.21
N ALA B 229 -5.88 19.44 -54.21
CA ALA B 229 -5.52 18.14 -54.75
C ALA B 229 -4.94 17.21 -53.70
N ALA B 230 -4.29 17.80 -52.69
CA ALA B 230 -3.71 17.03 -51.59
C ALA B 230 -4.78 16.24 -50.85
N ILE B 231 -5.94 16.86 -50.66
CA ILE B 231 -7.06 16.24 -49.97
C ILE B 231 -7.58 15.02 -50.71
N THR B 232 -7.84 15.19 -52.00
CA THR B 232 -8.39 14.12 -52.83
C THR B 232 -7.40 12.99 -53.02
N HIS B 233 -6.13 13.33 -53.20
CA HIS B 233 -5.07 12.35 -53.35
C HIS B 233 -4.91 11.52 -52.08
N THR B 234 -5.07 12.17 -50.93
CA THR B 234 -5.00 11.47 -49.66
C THR B 234 -6.15 10.47 -49.54
N ALA B 235 -7.35 10.93 -49.86
CA ALA B 235 -8.55 10.10 -49.83
C ALA B 235 -8.41 8.85 -50.72
N ARG B 236 -7.90 9.03 -51.93
CA ARG B 236 -7.78 7.90 -52.85
C ARG B 236 -6.68 6.93 -52.43
N MET B 237 -5.62 7.43 -51.80
CA MET B 237 -4.62 6.56 -51.21
C MET B 237 -5.24 5.78 -50.04
N ALA B 238 -6.08 6.44 -49.27
CA ALA B 238 -6.73 5.82 -48.12
C ALA B 238 -7.77 4.79 -48.56
N ASP B 239 -8.39 5.01 -49.72
CA ASP B 239 -9.37 4.07 -50.27
C ASP B 239 -8.78 2.67 -50.38
N LYS B 240 -7.48 2.61 -50.64
CA LYS B 240 -6.78 1.35 -50.85
C LYS B 240 -6.52 0.64 -49.52
N LEU B 241 -6.72 1.34 -48.41
CA LEU B 241 -6.54 0.75 -47.09
C LEU B 241 -7.74 -0.09 -46.69
N ARG B 242 -8.86 0.11 -47.39
CA ARG B 242 -10.09 -0.62 -47.07
C ARG B 242 -10.16 -1.95 -47.83
N ASP C 15 -9.50 8.87 -7.49
CA ASP C 15 -9.52 9.50 -6.18
C ASP C 15 -10.37 8.72 -5.18
N GLN C 16 -9.83 8.57 -3.97
CA GLN C 16 -10.55 7.89 -2.91
C GLN C 16 -10.80 8.86 -1.78
N ARG C 17 -12.01 8.82 -1.22
CA ARG C 17 -12.30 9.72 -0.11
C ARG C 17 -12.36 8.88 1.15
N PHE C 18 -11.65 9.36 2.17
CA PHE C 18 -11.59 8.71 3.47
C PHE C 18 -11.76 9.75 4.55
N GLY C 19 -12.92 9.75 5.18
CA GLY C 19 -13.28 10.83 6.09
C GLY C 19 -13.37 12.13 5.32
N ASP C 20 -12.62 13.14 5.76
CA ASP C 20 -12.62 14.42 5.05
C ASP C 20 -11.38 14.56 4.19
N LEU C 21 -10.64 13.48 4.05
CA LEU C 21 -9.39 13.49 3.28
C LEU C 21 -9.52 12.77 1.95
N VAL C 22 -8.75 13.20 0.96
CA VAL C 22 -8.76 12.56 -0.34
C VAL C 22 -7.40 11.92 -0.64
N PHE C 23 -7.43 10.70 -1.19
CA PHE C 23 -6.21 9.97 -1.51
C PHE C 23 -6.17 9.56 -2.98
N ARG C 24 -5.05 9.82 -3.63
CA ARG C 24 -4.88 9.49 -5.04
C ARG C 24 -3.56 8.75 -5.29
N GLN C 25 -3.64 7.59 -5.92
CA GLN C 25 -2.43 6.84 -6.25
C GLN C 25 -1.77 7.47 -7.47
N LEU C 26 -0.48 7.80 -7.33
CA LEU C 26 0.27 8.45 -8.41
C LEU C 26 1.18 7.44 -9.11
N ALA C 27 1.53 6.39 -8.39
CA ALA C 27 2.38 5.33 -8.92
C ALA C 27 2.16 4.08 -8.08
N PRO C 28 2.69 2.93 -8.55
CA PRO C 28 2.52 1.66 -7.85
C PRO C 28 2.84 1.75 -6.36
N ASN C 29 3.81 2.57 -6.00
CA ASN C 29 4.26 2.66 -4.60
C ASN C 29 4.13 4.07 -4.00
N VAL C 30 3.34 4.94 -4.63
CA VAL C 30 3.21 6.32 -4.17
C VAL C 30 1.78 6.86 -4.21
N TRP C 31 1.34 7.45 -3.11
CA TRP C 31 0.05 8.13 -3.06
C TRP C 31 0.20 9.58 -2.61
N GLN C 32 -0.71 10.43 -3.08
CA GLN C 32 -0.84 11.79 -2.57
C GLN C 32 -2.00 11.89 -1.58
N HIS C 33 -1.74 12.51 -0.43
CA HIS C 33 -2.84 12.77 0.51
C HIS C 33 -3.20 14.26 0.51
N THR C 34 -4.49 14.52 0.62
CA THR C 34 -5.02 15.89 0.59
C THR C 34 -5.95 16.15 1.75
N SER C 35 -5.72 17.27 2.42
CA SER C 35 -6.58 17.71 3.52
C SER C 35 -6.99 19.17 3.32
N TYR C 36 -8.08 19.56 3.97
CA TYR C 36 -8.63 20.89 3.79
C TYR C 36 -8.76 21.65 5.08
N LEU C 37 -8.52 22.96 5.02
CA LEU C 37 -8.74 23.83 6.16
C LEU C 37 -9.60 25.02 5.76
N ASP C 38 -10.66 25.24 6.54
CA ASP C 38 -11.57 26.35 6.28
C ASP C 38 -11.03 27.64 6.86
N MET C 39 -10.66 28.55 5.97
CA MET C 39 -10.20 29.88 6.36
C MET C 39 -11.29 30.92 6.15
N PRO C 40 -11.87 31.43 7.26
CA PRO C 40 -12.95 32.42 7.21
C PRO C 40 -12.62 33.56 6.28
N GLY C 41 -13.46 33.77 5.28
CA GLY C 41 -13.20 34.81 4.30
C GLY C 41 -12.58 34.23 3.05
N PHE C 42 -12.09 33.00 3.12
CA PHE C 42 -11.46 32.44 1.93
C PHE C 42 -11.93 31.03 1.52
N GLY C 43 -12.55 30.28 2.41
CA GLY C 43 -12.99 28.96 1.99
C GLY C 43 -11.96 27.90 2.30
N ALA C 44 -12.15 26.71 1.75
CA ALA C 44 -11.26 25.59 2.06
C ALA C 44 -9.99 25.64 1.22
N VAL C 45 -8.86 25.41 1.88
CA VAL C 45 -7.57 25.40 1.20
C VAL C 45 -7.08 23.97 1.20
N ALA C 46 -6.72 23.43 0.05
CA ALA C 46 -6.19 22.07 0.00
C ALA C 46 -4.71 22.06 0.29
N SER C 47 -4.25 20.99 0.92
CA SER C 47 -2.83 20.79 1.19
C SER C 47 -2.45 19.35 0.88
N ASN C 48 -1.41 19.17 0.08
CA ASN C 48 -1.00 17.85 -0.38
C ASN C 48 0.25 17.33 0.30
N GLY C 49 0.28 16.02 0.52
CA GLY C 49 1.47 15.35 0.99
C GLY C 49 1.64 14.03 0.23
N LEU C 50 2.67 13.27 0.57
CA LEU C 50 2.94 12.02 -0.13
C LEU C 50 3.00 10.83 0.82
N ILE C 51 2.60 9.67 0.32
CA ILE C 51 2.78 8.41 1.02
C ILE C 51 3.57 7.46 0.14
N VAL C 52 4.65 6.89 0.68
CA VAL C 52 5.49 6.02 -0.13
C VAL C 52 5.67 4.65 0.52
N ARG C 53 5.33 3.61 -0.23
CA ARG C 53 5.58 2.26 0.22
C ARG C 53 6.98 1.84 -0.24
N ASP C 54 7.83 1.49 0.71
CA ASP C 54 9.19 1.06 0.40
C ASP C 54 9.48 -0.27 1.08
N GLY C 55 9.38 -1.35 0.32
CA GLY C 55 9.53 -2.69 0.87
C GLY C 55 8.37 -3.02 1.80
N GLY C 56 8.69 -3.33 3.05
CA GLY C 56 7.68 -3.70 4.03
C GLY C 56 7.36 -2.57 5.00
N ARG C 57 7.60 -1.34 4.57
CA ARG C 57 7.33 -0.19 5.43
C ARG C 57 6.81 0.96 4.60
N VAL C 58 6.18 1.93 5.27
CA VAL C 58 5.64 3.11 4.60
C VAL C 58 6.31 4.38 5.11
N LEU C 59 6.54 5.31 4.19
CA LEU C 59 7.15 6.59 4.52
C LEU C 59 6.20 7.72 4.15
N VAL C 60 6.13 8.74 4.99
CA VAL C 60 5.23 9.87 4.77
C VAL C 60 5.96 11.18 4.55
N VAL C 61 5.46 12.00 3.63
CA VAL C 61 5.98 13.34 3.44
C VAL C 61 4.91 14.36 3.78
N ASP C 62 5.14 15.12 4.84
CA ASP C 62 4.22 16.16 5.33
C ASP C 62 3.01 15.61 6.09
N THR C 63 2.57 16.36 7.09
CA THR C 63 1.35 16.04 7.80
C THR C 63 0.18 16.74 7.11
N ALA C 64 -1.02 16.58 7.66
CA ALA C 64 -2.16 17.37 7.23
C ALA C 64 -2.25 18.63 8.08
N TRP C 65 -3.31 19.39 7.89
CA TRP C 65 -3.50 20.64 8.62
C TRP C 65 -3.60 20.46 10.14
N THR C 66 -4.18 19.34 10.57
CA THR C 66 -4.47 19.14 12.00
C THR C 66 -4.06 17.76 12.51
N ASP C 67 -4.07 17.61 13.83
CA ASP C 67 -3.82 16.32 14.45
C ASP C 67 -4.89 15.30 14.08
N ASP C 68 -6.15 15.72 14.11
CA ASP C 68 -7.26 14.84 13.75
C ASP C 68 -7.13 14.33 12.32
N GLN C 69 -6.84 15.22 11.39
CA GLN C 69 -6.72 14.86 9.98
C GLN C 69 -5.53 13.94 9.74
N THR C 70 -4.44 14.20 10.44
CA THR C 70 -3.23 13.42 10.25
C THR C 70 -3.44 12.02 10.79
N ALA C 71 -4.18 11.91 11.89
CA ALA C 71 -4.57 10.60 12.40
C ALA C 71 -5.35 9.81 11.34
N GLN C 72 -6.20 10.50 10.59
CA GLN C 72 -6.95 9.86 9.50
C GLN C 72 -6.04 9.34 8.39
N ILE C 73 -4.94 10.04 8.11
CA ILE C 73 -3.97 9.56 7.14
C ILE C 73 -3.41 8.21 7.58
N LEU C 74 -3.10 8.12 8.87
CA LEU C 74 -2.55 6.88 9.44
C LEU C 74 -3.60 5.78 9.37
N ASN C 75 -4.87 6.15 9.57
CA ASN C 75 -5.96 5.19 9.48
C ASN C 75 -6.11 4.64 8.06
N TRP C 76 -5.99 5.53 7.08
CA TRP C 76 -6.08 5.12 5.67
C TRP C 76 -4.95 4.17 5.31
N ILE C 77 -3.75 4.47 5.81
CA ILE C 77 -2.57 3.66 5.55
C ILE C 77 -2.76 2.24 6.08
N LYS C 78 -3.30 2.14 7.28
CA LYS C 78 -3.59 0.85 7.90
C LYS C 78 -4.54 0.02 7.04
N GLN C 79 -5.57 0.68 6.53
CA GLN C 79 -6.60 0.00 5.73
C GLN C 79 -6.18 -0.33 4.30
N GLU C 80 -5.48 0.59 3.64
CA GLU C 80 -5.18 0.43 2.22
C GLU C 80 -3.84 -0.24 1.94
N ILE C 81 -2.89 -0.10 2.86
CA ILE C 81 -1.55 -0.64 2.64
C ILE C 81 -1.20 -1.70 3.67
N ASN C 82 -1.64 -1.49 4.90
CA ASN C 82 -1.37 -2.41 6.00
C ASN C 82 0.13 -2.71 6.16
N LEU C 83 0.94 -1.65 6.17
CA LEU C 83 2.35 -1.78 6.53
C LEU C 83 2.68 -0.71 7.56
N PRO C 84 3.69 -0.98 8.40
CA PRO C 84 4.06 -0.02 9.44
C PRO C 84 4.68 1.25 8.87
N VAL C 85 4.33 2.39 9.43
CA VAL C 85 4.91 3.67 9.02
C VAL C 85 6.25 3.87 9.72
N ALA C 86 7.33 3.92 8.95
CA ALA C 86 8.66 3.97 9.52
C ALA C 86 9.06 5.39 9.92
N LEU C 87 8.76 6.36 9.07
CA LEU C 87 9.13 7.74 9.36
C LEU C 87 8.33 8.74 8.54
N ALA C 88 8.39 10.00 8.95
CA ALA C 88 7.76 11.08 8.21
C ALA C 88 8.74 12.24 8.08
N VAL C 89 8.67 12.94 6.95
CA VAL C 89 9.50 14.12 6.71
C VAL C 89 8.60 15.34 6.46
N VAL C 90 8.87 16.44 7.16
CA VAL C 90 8.09 17.66 6.97
C VAL C 90 8.94 18.73 6.27
N THR C 91 8.35 19.45 5.34
CA THR C 91 9.13 20.25 4.40
C THR C 91 9.37 21.69 4.85
N HIS C 92 8.57 22.18 5.80
CA HIS C 92 8.88 23.43 6.49
C HIS C 92 7.89 23.71 7.64
N ALA C 93 8.22 24.71 8.44
CA ALA C 93 7.52 24.95 9.69
C ALA C 93 6.31 25.87 9.53
N HIS C 94 5.35 25.46 8.73
CA HIS C 94 4.07 26.16 8.64
C HIS C 94 2.95 25.17 8.93
N GLN C 95 1.76 25.68 9.23
CA GLN C 95 0.68 24.82 9.71
C GLN C 95 0.28 23.72 8.73
N ASP C 96 0.29 24.01 7.44
CA ASP C 96 -0.18 23.04 6.45
C ASP C 96 0.78 21.86 6.31
N LYS C 97 2.02 22.03 6.75
CA LYS C 97 3.03 20.98 6.66
C LYS C 97 3.31 20.29 8.00
N MET C 98 3.23 21.04 9.11
CA MET C 98 3.57 20.51 10.43
C MET C 98 2.42 20.51 11.41
N GLY C 99 1.22 20.86 10.94
CA GLY C 99 0.05 20.96 11.79
C GLY C 99 -0.31 19.71 12.57
N GLY C 100 0.04 18.54 12.03
CA GLY C 100 -0.36 17.29 12.66
C GLY C 100 0.76 16.44 13.20
N MET C 101 1.85 17.08 13.63
CA MET C 101 3.00 16.38 14.19
C MET C 101 2.62 15.53 15.41
N ASP C 102 1.69 16.04 16.22
CA ASP C 102 1.24 15.32 17.42
C ASP C 102 0.69 13.93 17.11
N ALA C 103 -0.05 13.81 16.01
CA ALA C 103 -0.62 12.54 15.60
C ALA C 103 0.47 11.52 15.27
N LEU C 104 1.54 12.00 14.62
CA LEU C 104 2.67 11.14 14.27
C LEU C 104 3.39 10.65 15.52
N HIS C 105 3.65 11.58 16.44
CA HIS C 105 4.38 11.26 17.66
C HIS C 105 3.55 10.38 18.60
N ALA C 106 2.23 10.60 18.63
CA ALA C 106 1.34 9.76 19.42
C ALA C 106 1.41 8.31 18.97
N ALA C 107 1.67 8.11 17.69
CA ALA C 107 1.71 6.78 17.10
C ALA C 107 3.12 6.20 17.10
N GLY C 108 4.06 6.95 17.65
CA GLY C 108 5.43 6.48 17.78
C GLY C 108 6.23 6.51 16.49
N ILE C 109 5.87 7.40 15.57
CA ILE C 109 6.54 7.51 14.29
C ILE C 109 7.66 8.55 14.32
N ALA C 110 8.86 8.13 13.94
CA ALA C 110 10.02 9.02 13.90
C ALA C 110 9.85 10.13 12.87
N THR C 111 10.04 11.37 13.30
CA THR C 111 9.85 12.51 12.44
C THR C 111 11.14 13.27 12.17
N TYR C 112 11.28 13.75 10.94
CA TYR C 112 12.48 14.44 10.48
C TYR C 112 12.12 15.76 9.83
N ALA C 113 12.91 16.79 10.11
CA ALA C 113 12.75 18.08 9.46
C ALA C 113 14.10 18.78 9.36
N ASN C 114 14.15 19.82 8.53
CA ASN C 114 15.30 20.69 8.48
C ASN C 114 15.60 21.23 9.87
N ALA C 115 16.87 21.20 10.27
CA ALA C 115 17.27 21.70 11.58
C ALA C 115 16.70 23.09 11.81
N LEU C 116 16.73 23.91 10.76
CA LEU C 116 16.16 25.25 10.82
C LEU C 116 14.67 25.22 11.08
N SER C 117 13.97 24.27 10.46
CA SER C 117 12.53 24.13 10.69
C SER C 117 12.23 23.78 12.15
N ASN C 118 13.03 22.89 12.73
CA ASN C 118 12.84 22.54 14.13
C ASN C 118 13.15 23.72 15.03
N GLN C 119 14.12 24.54 14.62
CA GLN C 119 14.49 25.72 15.39
C GLN C 119 13.39 26.77 15.36
N LEU C 120 12.71 26.89 14.22
CA LEU C 120 11.63 27.87 14.04
C LEU C 120 10.29 27.43 14.60
N ALA C 121 10.10 26.12 14.73
CA ALA C 121 8.79 25.53 15.06
C ALA C 121 8.07 26.22 16.22
N PRO C 122 8.74 26.36 17.37
CA PRO C 122 8.12 26.98 18.54
C PRO C 122 7.59 28.40 18.27
N GLN C 123 8.37 29.22 17.57
CA GLN C 123 7.94 30.58 17.25
C GLN C 123 6.71 30.57 16.35
N GLU C 124 6.61 29.54 15.52
CA GLU C 124 5.50 29.41 14.58
C GLU C 124 4.33 28.64 15.19
N GLY C 125 4.46 28.22 16.44
CA GLY C 125 3.41 27.47 17.10
C GLY C 125 3.32 26.03 16.65
N MET C 126 4.40 25.51 16.10
CA MET C 126 4.43 24.13 15.65
C MET C 126 5.19 23.23 16.61
N VAL C 127 4.88 21.94 16.57
CA VAL C 127 5.63 20.94 17.32
C VAL C 127 6.81 20.50 16.48
N ALA C 128 8.01 20.64 17.02
CA ALA C 128 9.23 20.30 16.29
C ALA C 128 9.28 18.81 16.00
N ALA C 129 9.96 18.43 14.92
CA ALA C 129 10.20 17.03 14.64
C ALA C 129 11.21 16.51 15.64
N GLN C 130 11.30 15.20 15.75
CA GLN C 130 12.18 14.59 16.74
C GLN C 130 13.62 14.51 16.26
N HIS C 131 13.83 14.63 14.95
CA HIS C 131 15.19 14.57 14.40
C HIS C 131 15.45 15.70 13.40
N SER C 132 16.72 16.09 13.29
CA SER C 132 17.11 17.21 12.43
C SER C 132 17.95 16.79 11.24
N LEU C 133 17.58 17.30 10.06
CA LEU C 133 18.36 17.12 8.85
C LEU C 133 19.33 18.29 8.67
N THR C 134 20.55 18.00 8.20
CA THR C 134 21.46 19.06 7.81
C THR C 134 21.89 18.83 6.37
N PHE C 135 22.38 19.88 5.72
CA PHE C 135 22.64 19.81 4.29
C PHE C 135 24.02 20.33 3.90
N ALA C 136 24.56 19.80 2.82
CA ALA C 136 25.83 20.26 2.29
C ALA C 136 25.66 21.61 1.60
N ALA C 137 26.78 22.21 1.20
CA ALA C 137 26.76 23.51 0.55
C ALA C 137 26.06 23.45 -0.81
N ASN C 138 25.96 22.25 -1.38
CA ASN C 138 25.28 22.07 -2.65
C ASN C 138 23.78 21.73 -2.50
N GLY C 139 23.30 21.62 -1.26
CA GLY C 139 21.89 21.47 -1.02
C GLY C 139 21.42 20.06 -0.72
N TRP C 140 22.27 19.08 -0.98
CA TRP C 140 21.92 17.70 -0.73
C TRP C 140 22.07 17.36 0.76
N VAL C 141 21.15 16.54 1.27
CA VAL C 141 21.14 16.19 2.68
C VAL C 141 22.43 15.48 3.09
N GLU C 142 22.90 15.77 4.30
CA GLU C 142 23.99 15.00 4.88
C GLU C 142 23.41 13.62 5.18
N PRO C 143 23.92 12.59 4.47
CA PRO C 143 23.38 11.22 4.57
C PRO C 143 23.34 10.69 6.00
N ALA C 144 24.28 11.11 6.83
CA ALA C 144 24.33 10.70 8.23
C ALA C 144 23.07 11.13 8.98
N THR C 145 22.52 12.30 8.60
CA THR C 145 21.34 12.83 9.25
C THR C 145 20.06 12.30 8.64
N ALA C 146 20.18 11.61 7.52
CA ALA C 146 19.02 11.05 6.83
C ALA C 146 19.16 9.55 6.65
N PRO C 147 19.22 8.82 7.78
CA PRO C 147 19.46 7.39 7.80
C PRO C 147 18.25 6.58 7.35
N ASN C 148 18.45 5.68 6.39
CA ASN C 148 17.43 4.73 5.99
C ASN C 148 16.17 5.42 5.48
N PHE C 149 16.36 6.43 4.64
CA PHE C 149 15.25 7.18 4.06
C PHE C 149 14.75 6.48 2.80
N GLY C 150 15.40 5.38 2.46
CA GLY C 150 15.02 4.61 1.28
C GLY C 150 15.03 5.43 0.01
N PRO C 151 13.92 5.41 -0.72
CA PRO C 151 13.76 6.13 -2.00
C PRO C 151 13.63 7.64 -1.84
N LEU C 152 13.46 8.13 -0.62
CA LEU C 152 13.32 9.57 -0.40
C LEU C 152 14.66 10.29 -0.48
N LYS C 153 14.82 11.15 -1.50
CA LYS C 153 16.01 12.00 -1.63
C LYS C 153 15.69 13.46 -1.29
N VAL C 154 16.20 13.91 -0.15
CA VAL C 154 15.86 15.23 0.36
C VAL C 154 16.86 16.28 -0.09
N PHE C 155 16.33 17.41 -0.56
CA PHE C 155 17.15 18.47 -1.14
C PHE C 155 16.69 19.84 -0.64
N TYR C 156 17.64 20.61 -0.13
CA TYR C 156 17.38 22.00 0.26
C TYR C 156 17.84 22.93 -0.88
N PRO C 157 16.88 23.58 -1.55
CA PRO C 157 17.20 24.38 -2.74
C PRO C 157 17.66 25.79 -2.40
N GLY C 158 17.60 26.16 -1.12
CA GLY C 158 17.85 27.53 -0.71
C GLY C 158 16.57 28.22 -0.30
N PRO C 159 16.69 29.40 0.31
CA PRO C 159 15.51 30.13 0.81
C PRO C 159 14.56 30.52 -0.32
N GLY C 160 13.26 30.39 -0.07
CA GLY C 160 12.25 30.70 -1.07
C GLY C 160 10.90 31.03 -0.45
N HIS C 161 10.00 30.04 -0.43
CA HIS C 161 8.74 30.19 0.28
C HIS C 161 9.04 30.52 1.74
N THR C 162 10.01 29.79 2.29
CA THR C 162 10.61 30.11 3.58
C THR C 162 12.10 29.84 3.53
N SER C 163 12.82 30.28 4.56
CA SER C 163 14.25 30.06 4.63
C SER C 163 14.56 28.58 4.82
N ASP C 164 13.60 27.84 5.35
CA ASP C 164 13.83 26.47 5.77
C ASP C 164 13.22 25.41 4.84
N ASN C 165 12.54 25.84 3.77
CA ASN C 165 11.82 24.89 2.94
C ASN C 165 12.74 23.86 2.29
N ILE C 166 12.37 22.60 2.39
CA ILE C 166 13.11 21.54 1.73
C ILE C 166 12.22 20.83 0.72
N THR C 167 12.83 20.01 -0.13
CA THR C 167 12.11 19.36 -1.19
C THR C 167 12.50 17.89 -1.23
N VAL C 168 11.69 17.06 -1.89
CA VAL C 168 11.90 15.62 -1.87
C VAL C 168 11.61 14.95 -3.21
N GLY C 169 12.56 14.14 -3.67
CA GLY C 169 12.37 13.33 -4.85
C GLY C 169 12.11 11.88 -4.45
N ILE C 170 11.32 11.16 -5.25
CA ILE C 170 11.06 9.76 -4.99
C ILE C 170 11.88 8.92 -5.96
N ASP C 171 12.96 8.33 -5.46
CA ASP C 171 13.83 7.48 -6.26
C ASP C 171 13.07 6.30 -6.86
N GLY C 172 13.30 6.04 -8.15
CA GLY C 172 12.66 4.91 -8.81
C GLY C 172 11.32 5.28 -9.41
N THR C 173 11.01 6.58 -9.39
CA THR C 173 9.79 7.09 -9.98
C THR C 173 10.08 8.40 -10.71
N ASP C 174 9.07 8.94 -11.37
CA ASP C 174 9.21 10.20 -12.08
C ASP C 174 8.69 11.35 -11.22
N ILE C 175 8.61 11.10 -9.91
CA ILE C 175 7.97 12.03 -9.00
C ILE C 175 8.97 12.82 -8.16
N ALA C 176 8.74 14.14 -8.07
CA ALA C 176 9.48 15.00 -7.16
C ALA C 176 8.49 15.93 -6.46
N PHE C 177 8.77 16.24 -5.20
CA PHE C 177 7.84 17.01 -4.40
C PHE C 177 8.43 18.37 -4.03
N GLY C 178 7.75 19.44 -4.43
CA GLY C 178 8.24 20.79 -4.22
C GLY C 178 7.62 21.53 -3.05
N GLY C 179 6.65 20.90 -2.40
CA GLY C 179 5.98 21.52 -1.27
C GLY C 179 5.33 22.84 -1.66
N CYS C 180 5.50 23.84 -0.80
CA CYS C 180 4.91 25.16 -1.02
C CYS C 180 5.82 26.08 -1.82
N LEU C 181 7.02 25.62 -2.11
CA LEU C 181 7.97 26.38 -2.92
C LEU C 181 7.44 26.54 -4.33
N ILE C 182 6.94 25.44 -4.89
CA ILE C 182 6.48 25.39 -6.26
C ILE C 182 4.98 25.59 -6.38
N LYS C 183 4.56 26.48 -7.27
CA LYS C 183 3.16 26.64 -7.60
C LYS C 183 2.91 26.07 -8.98
N ASP C 184 1.66 25.71 -9.28
CA ASP C 184 1.38 25.10 -10.58
C ASP C 184 1.35 26.16 -11.69
N SER C 185 1.45 25.71 -12.92
CA SER C 185 1.56 26.60 -14.07
C SER C 185 0.33 27.49 -14.24
N LYS C 186 -0.74 27.14 -13.55
CA LYS C 186 -2.00 27.88 -13.63
C LYS C 186 -2.14 28.93 -12.52
N ALA C 187 -1.17 28.96 -11.60
CA ALA C 187 -1.20 29.88 -10.46
C ALA C 187 -1.12 31.35 -10.85
N LYS C 188 -1.84 32.18 -10.12
CA LYS C 188 -1.88 33.63 -10.37
C LYS C 188 -0.83 34.36 -9.55
N SER C 189 -0.44 33.75 -8.43
CA SER C 189 0.56 34.33 -7.54
C SER C 189 1.36 33.23 -6.86
N LEU C 190 2.35 33.62 -6.07
CA LEU C 190 3.17 32.65 -5.34
C LEU C 190 2.58 32.38 -3.97
N GLY C 191 1.36 32.88 -3.75
CA GLY C 191 0.64 32.64 -2.51
C GLY C 191 1.20 33.43 -1.35
N ASN C 192 1.34 32.77 -0.20
CA ASN C 192 1.82 33.42 1.01
C ASN C 192 3.31 33.70 0.92
N LEU C 193 3.65 34.99 0.82
CA LEU C 193 5.04 35.41 0.76
C LEU C 193 5.44 36.08 2.06
N GLY C 194 4.64 35.86 3.10
CA GLY C 194 4.86 36.48 4.39
C GLY C 194 6.22 36.18 5.00
N ASP C 195 6.68 34.95 4.82
CA ASP C 195 7.96 34.53 5.35
C ASP C 195 8.94 34.23 4.22
N ALA C 196 8.64 34.71 3.03
CA ALA C 196 9.38 34.33 1.83
C ALA C 196 10.64 35.17 1.63
N ASP C 197 11.64 34.57 0.99
CA ASP C 197 12.86 35.27 0.58
C ASP C 197 12.77 35.65 -0.89
N THR C 198 12.33 36.87 -1.17
CA THR C 198 12.04 37.31 -2.54
C THR C 198 13.30 37.46 -3.39
N GLU C 199 14.44 37.71 -2.77
CA GLU C 199 15.69 37.86 -3.49
C GLU C 199 16.21 36.55 -4.07
N HIS C 200 16.06 35.46 -3.31
CA HIS C 200 16.65 34.19 -3.69
C HIS C 200 15.62 33.18 -4.20
N TYR C 201 14.35 33.56 -4.13
CA TYR C 201 13.25 32.65 -4.45
C TYR C 201 13.40 32.04 -5.83
N ALA C 202 13.65 32.86 -6.85
CA ALA C 202 13.74 32.37 -8.22
C ALA C 202 14.84 31.32 -8.38
N ALA C 203 16.02 31.60 -7.83
CA ALA C 203 17.15 30.69 -7.91
C ALA C 203 16.86 29.37 -7.18
N SER C 204 16.13 29.46 -6.07
CA SER C 204 15.80 28.27 -5.29
C SER C 204 14.86 27.33 -6.04
N ALA C 205 13.85 27.91 -6.69
CA ALA C 205 12.94 27.11 -7.52
C ALA C 205 13.72 26.40 -8.63
N ARG C 206 14.62 27.14 -9.26
CA ARG C 206 15.42 26.60 -10.36
C ARG C 206 16.42 25.54 -9.89
N ALA C 207 16.93 25.70 -8.68
CA ALA C 207 17.85 24.71 -8.11
C ALA C 207 17.11 23.38 -7.93
N PHE C 208 15.86 23.48 -7.51
CA PHE C 208 14.99 22.31 -7.36
C PHE C 208 14.85 21.57 -8.69
N GLY C 209 14.55 22.31 -9.75
CA GLY C 209 14.44 21.72 -11.07
C GLY C 209 15.73 21.02 -11.48
N ALA C 210 16.85 21.67 -11.21
CA ALA C 210 18.16 21.12 -11.58
C ALA C 210 18.57 19.98 -10.64
N ALA C 211 18.04 19.98 -9.43
CA ALA C 211 18.34 18.92 -8.47
C ALA C 211 17.66 17.61 -8.88
N PHE C 212 16.46 17.72 -9.43
CA PHE C 212 15.70 16.56 -9.92
C PHE C 212 15.34 16.75 -11.39
N PRO C 213 16.34 16.67 -12.27
CA PRO C 213 16.19 17.04 -13.67
C PRO C 213 15.28 16.09 -14.48
N LYS C 214 15.15 14.85 -14.05
CA LYS C 214 14.37 13.87 -14.81
C LYS C 214 12.95 13.69 -14.28
N ALA C 215 12.64 14.34 -13.17
CA ALA C 215 11.28 14.28 -12.64
C ALA C 215 10.32 14.92 -13.63
N SER C 216 9.26 14.18 -14.00
CA SER C 216 8.30 14.69 -14.98
C SER C 216 6.96 15.00 -14.33
N MET C 217 6.72 14.42 -13.15
CA MET C 217 5.54 14.74 -12.36
C MET C 217 5.93 15.52 -11.12
N ILE C 218 5.44 16.76 -11.04
CA ILE C 218 5.75 17.61 -9.90
C ILE C 218 4.57 17.74 -8.96
N VAL C 219 4.71 17.16 -7.78
CA VAL C 219 3.71 17.26 -6.73
C VAL C 219 4.00 18.47 -5.85
N MET C 220 2.96 19.24 -5.53
CA MET C 220 3.11 20.44 -4.70
C MET C 220 1.99 20.54 -3.67
N SER C 221 2.12 21.51 -2.76
CA SER C 221 1.23 21.61 -1.61
C SER C 221 -0.21 21.97 -1.94
N HIS C 222 -0.42 22.81 -2.95
CA HIS C 222 -1.75 23.38 -3.15
C HIS C 222 -2.27 23.26 -4.57
N SER C 223 -1.78 22.29 -5.33
CA SER C 223 -2.31 22.05 -6.65
C SER C 223 -2.21 20.58 -6.97
N ALA C 224 -3.05 20.10 -7.88
CA ALA C 224 -2.92 18.76 -8.41
C ALA C 224 -1.57 18.65 -9.12
N PRO C 225 -1.02 17.43 -9.20
CA PRO C 225 0.28 17.22 -9.83
C PRO C 225 0.37 17.85 -11.21
N ASP C 226 1.51 18.45 -11.53
CA ASP C 226 1.71 19.15 -12.79
C ASP C 226 2.95 18.62 -13.50
N SER C 227 3.25 19.18 -14.67
CA SER C 227 4.48 18.87 -15.37
C SER C 227 5.60 19.78 -14.89
N ARG C 228 6.76 19.68 -15.51
CA ARG C 228 7.89 20.52 -15.12
C ARG C 228 7.60 22.02 -15.33
N ALA C 229 6.53 22.30 -16.07
CA ALA C 229 6.10 23.68 -16.32
C ALA C 229 5.86 24.47 -15.03
N ALA C 230 5.43 23.77 -13.98
CA ALA C 230 5.20 24.39 -12.68
C ALA C 230 6.49 25.02 -12.12
N ILE C 231 7.61 24.34 -12.32
CA ILE C 231 8.88 24.83 -11.82
C ILE C 231 9.27 26.13 -12.52
N THR C 232 9.21 26.12 -13.84
CA THR C 232 9.59 27.27 -14.64
C THR C 232 8.63 28.44 -14.47
N HIS C 233 7.32 28.15 -14.40
CA HIS C 233 6.34 29.20 -14.17
C HIS C 233 6.50 29.83 -12.78
N THR C 234 6.83 28.99 -11.80
CA THR C 234 7.07 29.49 -10.46
C THR C 234 8.28 30.42 -10.45
N ALA C 235 9.35 29.96 -11.10
CA ALA C 235 10.58 30.73 -11.21
C ALA C 235 10.36 32.09 -11.84
N ARG C 236 9.61 32.13 -12.94
CA ARG C 236 9.39 33.38 -13.67
C ARG C 236 8.51 34.35 -12.88
N MET C 237 7.57 33.83 -12.10
CA MET C 237 6.79 34.67 -11.20
C MET C 237 7.69 35.26 -10.12
N ALA C 238 8.64 34.46 -9.64
CA ALA C 238 9.57 34.88 -8.60
C ALA C 238 10.58 35.90 -9.10
N ASP C 239 10.94 35.83 -10.38
CA ASP C 239 11.83 36.81 -11.00
C ASP C 239 11.33 38.23 -10.82
N LYS C 240 10.01 38.38 -10.80
CA LYS C 240 9.40 39.71 -10.69
C LYS C 240 9.45 40.27 -9.28
N LEU C 241 9.80 39.44 -8.31
CA LEU C 241 9.87 39.88 -6.93
C LEU C 241 11.16 40.64 -6.63
N ARG C 242 12.13 40.53 -7.53
CA ARG C 242 13.43 41.17 -7.32
C ARG C 242 13.45 42.60 -7.86
N ASP D 15 -18.65 -40.46 8.00
CA ASP D 15 -18.21 -40.71 6.65
C ASP D 15 -19.29 -41.32 5.77
N GLN D 16 -19.41 -40.80 4.55
CA GLN D 16 -20.37 -41.29 3.59
C GLN D 16 -19.62 -41.87 2.40
N ARG D 17 -20.05 -43.03 1.93
CA ARG D 17 -19.37 -43.63 0.79
C ARG D 17 -20.29 -43.56 -0.42
N PHE D 18 -19.72 -43.12 -1.54
CA PHE D 18 -20.44 -42.95 -2.80
C PHE D 18 -19.57 -43.53 -3.91
N GLY D 19 -19.96 -44.68 -4.44
CA GLY D 19 -19.12 -45.44 -5.35
C GLY D 19 -17.87 -45.91 -4.61
N ASP D 20 -16.70 -45.57 -5.13
CA ASP D 20 -15.44 -45.92 -4.48
C ASP D 20 -14.87 -44.73 -3.73
N LEU D 21 -15.66 -43.67 -3.65
CA LEU D 21 -15.24 -42.43 -3.00
C LEU D 21 -15.92 -42.23 -1.66
N VAL D 22 -15.23 -41.58 -0.74
CA VAL D 22 -15.79 -41.28 0.58
C VAL D 22 -15.91 -39.78 0.78
N PHE D 23 -17.04 -39.35 1.33
CA PHE D 23 -17.31 -37.94 1.57
C PHE D 23 -17.64 -37.68 3.04
N ARG D 24 -17.01 -36.65 3.60
CA ARG D 24 -17.24 -36.29 4.99
C ARG D 24 -17.51 -34.79 5.12
N GLN D 25 -18.62 -34.45 5.77
CA GLN D 25 -18.96 -33.05 5.99
C GLN D 25 -18.09 -32.51 7.13
N LEU D 26 -17.41 -31.39 6.87
CA LEU D 26 -16.50 -30.79 7.86
C LEU D 26 -17.13 -29.58 8.54
N ALA D 27 -18.05 -28.96 7.82
CA ALA D 27 -18.76 -27.78 8.31
C ALA D 27 -20.06 -27.68 7.52
N PRO D 28 -20.96 -26.78 7.95
CA PRO D 28 -22.25 -26.63 7.27
C PRO D 28 -22.11 -26.49 5.75
N ASN D 29 -21.03 -25.84 5.28
CA ASN D 29 -20.86 -25.59 3.86
C ASN D 29 -19.59 -26.20 3.24
N VAL D 30 -18.99 -27.15 3.93
CA VAL D 30 -17.73 -27.73 3.44
C VAL D 30 -17.70 -29.24 3.61
N TRP D 31 -17.34 -29.95 2.54
CA TRP D 31 -17.15 -31.40 2.62
C TRP D 31 -15.75 -31.75 2.14
N GLN D 32 -15.20 -32.84 2.66
CA GLN D 32 -13.94 -33.38 2.15
C GLN D 32 -14.23 -34.59 1.27
N HIS D 33 -13.62 -34.62 0.08
CA HIS D 33 -13.74 -35.80 -0.77
C HIS D 33 -12.45 -36.60 -0.76
N THR D 34 -12.58 -37.93 -0.78
CA THR D 34 -11.45 -38.83 -0.73
C THR D 34 -11.55 -39.89 -1.82
N SER D 35 -10.46 -40.09 -2.55
CA SER D 35 -10.40 -41.12 -3.56
C SER D 35 -9.15 -41.96 -3.35
N TYR D 36 -9.16 -43.17 -3.88
CA TYR D 36 -8.07 -44.11 -3.62
C TYR D 36 -7.43 -44.57 -4.91
N LEU D 37 -6.12 -44.75 -4.85
CA LEU D 37 -5.36 -45.31 -5.95
C LEU D 37 -4.54 -46.48 -5.44
N ASP D 38 -4.67 -47.63 -6.10
CA ASP D 38 -3.90 -48.80 -5.73
C ASP D 38 -2.54 -48.75 -6.40
N MET D 39 -1.52 -48.52 -5.59
CA MET D 39 -0.13 -48.56 -6.03
C MET D 39 0.53 -49.85 -5.55
N PRO D 40 0.77 -50.79 -6.49
CA PRO D 40 1.37 -52.10 -6.24
C PRO D 40 2.66 -52.03 -5.43
N GLY D 41 2.71 -52.69 -4.29
CA GLY D 41 3.90 -52.71 -3.47
C GLY D 41 3.88 -51.69 -2.35
N PHE D 42 2.95 -50.76 -2.41
CA PHE D 42 2.90 -49.67 -1.43
C PHE D 42 1.50 -49.59 -0.86
N GLY D 43 0.57 -50.24 -1.54
CA GLY D 43 -0.80 -50.31 -1.08
C GLY D 43 -1.70 -49.23 -1.65
N ALA D 44 -2.91 -49.12 -1.11
CA ALA D 44 -3.87 -48.14 -1.59
C ALA D 44 -3.57 -46.81 -0.92
N VAL D 45 -3.55 -45.74 -1.71
CA VAL D 45 -3.26 -44.42 -1.18
C VAL D 45 -4.47 -43.50 -1.31
N ALA D 46 -4.85 -42.89 -0.19
CA ALA D 46 -5.97 -41.95 -0.17
C ALA D 46 -5.51 -40.53 -0.54
N SER D 47 -6.40 -39.78 -1.18
CA SER D 47 -6.13 -38.39 -1.50
C SER D 47 -7.37 -37.54 -1.22
N ASN D 48 -7.19 -36.45 -0.48
CA ASN D 48 -8.30 -35.61 -0.05
C ASN D 48 -8.40 -34.32 -0.85
N GLY D 49 -9.63 -33.89 -1.08
CA GLY D 49 -9.90 -32.59 -1.67
C GLY D 49 -11.06 -31.96 -0.94
N LEU D 50 -11.47 -30.77 -1.36
CA LEU D 50 -12.56 -30.07 -0.67
C LEU D 50 -13.71 -29.76 -1.60
N ILE D 51 -14.90 -29.76 -1.04
CA ILE D 51 -16.09 -29.29 -1.72
C ILE D 51 -16.68 -28.18 -0.88
N VAL D 52 -16.92 -27.02 -1.49
CA VAL D 52 -17.43 -25.86 -0.76
C VAL D 52 -18.71 -25.32 -1.38
N ARG D 53 -19.75 -25.22 -0.57
CA ARG D 53 -20.99 -24.57 -0.99
C ARG D 53 -20.94 -23.08 -0.68
N ASP D 54 -21.08 -22.24 -1.71
CA ASP D 54 -21.07 -20.79 -1.54
C ASP D 54 -22.27 -20.14 -2.21
N GLY D 55 -23.29 -19.82 -1.42
CA GLY D 55 -24.51 -19.26 -1.96
C GLY D 55 -25.22 -20.28 -2.82
N GLY D 56 -25.42 -19.95 -4.09
CA GLY D 56 -26.13 -20.84 -4.99
C GLY D 56 -25.21 -21.59 -5.93
N ARG D 57 -23.96 -21.75 -5.51
CA ARG D 57 -22.98 -22.45 -6.34
C ARG D 57 -22.02 -23.28 -5.49
N VAL D 58 -21.35 -24.24 -6.13
CA VAL D 58 -20.40 -25.10 -5.45
C VAL D 58 -19.01 -24.94 -6.03
N LEU D 59 -18.01 -24.97 -5.16
CA LEU D 59 -16.62 -24.82 -5.57
C LEU D 59 -15.83 -26.06 -5.18
N VAL D 60 -14.91 -26.49 -6.04
CA VAL D 60 -14.12 -27.69 -5.75
C VAL D 60 -12.63 -27.37 -5.63
N VAL D 61 -11.97 -28.02 -4.68
CA VAL D 61 -10.53 -27.93 -4.51
C VAL D 61 -9.92 -29.31 -4.75
N ASP D 62 -9.13 -29.41 -5.83
CA ASP D 62 -8.49 -30.66 -6.25
C ASP D 62 -9.45 -31.65 -6.91
N THR D 63 -8.92 -32.39 -7.89
CA THR D 63 -9.65 -33.49 -8.49
C THR D 63 -9.32 -34.76 -7.72
N ALA D 64 -9.88 -35.88 -8.15
CA ALA D 64 -9.47 -37.18 -7.64
C ALA D 64 -8.33 -37.75 -8.48
N TRP D 65 -7.94 -38.98 -8.20
CA TRP D 65 -6.85 -39.63 -8.92
C TRP D 65 -7.15 -39.78 -10.42
N THR D 66 -8.42 -40.02 -10.74
CA THR D 66 -8.80 -40.33 -12.12
C THR D 66 -10.03 -39.53 -12.58
N ASP D 67 -10.28 -39.56 -13.88
CA ASP D 67 -11.47 -38.93 -14.46
C ASP D 67 -12.74 -39.61 -13.97
N ASP D 68 -12.72 -40.95 -13.92
CA ASP D 68 -13.87 -41.71 -13.46
C ASP D 68 -14.24 -41.31 -12.05
N GLN D 69 -13.23 -41.23 -11.18
CA GLN D 69 -13.44 -40.84 -9.80
C GLN D 69 -13.91 -39.39 -9.69
N THR D 70 -13.37 -38.52 -10.54
CA THR D 70 -13.72 -37.11 -10.50
C THR D 70 -15.15 -36.91 -10.96
N ALA D 71 -15.57 -37.67 -11.97
CA ALA D 71 -16.97 -37.65 -12.40
C ALA D 71 -17.90 -38.01 -11.24
N GLN D 72 -17.47 -38.96 -10.41
CA GLN D 72 -18.24 -39.39 -9.25
C GLN D 72 -18.38 -38.26 -8.23
N ILE D 73 -17.34 -37.44 -8.08
CA ILE D 73 -17.44 -36.28 -7.20
C ILE D 73 -18.56 -35.36 -7.67
N LEU D 74 -18.61 -35.13 -8.97
CA LEU D 74 -19.64 -34.28 -9.56
C LEU D 74 -21.01 -34.90 -9.38
N ASN D 75 -21.07 -36.23 -9.46
CA ASN D 75 -22.32 -36.95 -9.27
C ASN D 75 -22.83 -36.83 -7.84
N TRP D 76 -21.89 -36.95 -6.90
CA TRP D 76 -22.22 -36.81 -5.48
C TRP D 76 -22.73 -35.41 -5.20
N ILE D 77 -22.08 -34.43 -5.81
CA ILE D 77 -22.48 -33.03 -5.65
C ILE D 77 -23.90 -32.84 -6.15
N LYS D 78 -24.21 -33.42 -7.30
CA LYS D 78 -25.57 -33.33 -7.84
C LYS D 78 -26.60 -33.90 -6.87
N GLN D 79 -26.30 -35.04 -6.27
CA GLN D 79 -27.23 -35.70 -5.37
C GLN D 79 -27.35 -35.06 -3.99
N GLU D 80 -26.22 -34.67 -3.40
CA GLU D 80 -26.21 -34.22 -2.01
C GLU D 80 -26.41 -32.71 -1.85
N ILE D 81 -26.03 -31.96 -2.87
CA ILE D 81 -26.11 -30.51 -2.79
C ILE D 81 -27.08 -29.94 -3.83
N ASN D 82 -27.07 -30.55 -5.01
CA ASN D 82 -27.93 -30.12 -6.11
C ASN D 82 -27.74 -28.64 -6.42
N LEU D 83 -26.49 -28.23 -6.53
CA LEU D 83 -26.14 -26.90 -7.00
C LEU D 83 -25.10 -26.99 -8.10
N PRO D 84 -25.06 -25.99 -8.99
CA PRO D 84 -24.10 -26.02 -10.09
C PRO D 84 -22.67 -25.83 -9.59
N VAL D 85 -21.73 -26.58 -10.16
CA VAL D 85 -20.32 -26.42 -9.82
C VAL D 85 -19.73 -25.28 -10.63
N ALA D 86 -19.29 -24.23 -9.95
CA ALA D 86 -18.83 -23.02 -10.63
C ALA D 86 -17.38 -23.09 -11.09
N LEU D 87 -16.50 -23.59 -10.23
CA LEU D 87 -15.08 -23.65 -10.58
C LEU D 87 -14.33 -24.66 -9.74
N ALA D 88 -13.14 -25.00 -10.19
CA ALA D 88 -12.27 -25.90 -9.46
C ALA D 88 -10.87 -25.32 -9.41
N VAL D 89 -10.20 -25.53 -8.28
CA VAL D 89 -8.82 -25.12 -8.10
C VAL D 89 -7.97 -26.34 -7.80
N VAL D 90 -6.88 -26.50 -8.52
CA VAL D 90 -5.96 -27.61 -8.29
C VAL D 90 -4.70 -27.04 -7.69
N THR D 91 -4.15 -27.71 -6.67
CA THR D 91 -3.14 -27.07 -5.83
C THR D 91 -1.72 -27.32 -6.30
N HIS D 92 -1.52 -28.32 -7.16
CA HIS D 92 -0.25 -28.49 -7.88
C HIS D 92 -0.33 -29.61 -8.91
N ALA D 93 0.70 -29.73 -9.74
CA ALA D 93 0.66 -30.60 -10.91
C ALA D 93 1.12 -32.04 -10.65
N HIS D 94 0.44 -32.74 -9.76
CA HIS D 94 0.68 -34.16 -9.58
C HIS D 94 -0.63 -34.92 -9.77
N GLN D 95 -0.54 -36.23 -10.00
CA GLN D 95 -1.72 -37.01 -10.37
C GLN D 95 -2.84 -36.98 -9.34
N ASP D 96 -2.48 -36.97 -8.05
CA ASP D 96 -3.51 -37.03 -7.01
C ASP D 96 -4.30 -35.73 -6.95
N LYS D 97 -3.74 -34.66 -7.53
CA LYS D 97 -4.41 -33.36 -7.51
C LYS D 97 -5.03 -32.99 -8.87
N MET D 98 -4.37 -33.40 -9.96
CA MET D 98 -4.79 -33.02 -11.31
C MET D 98 -5.15 -34.23 -12.18
N GLY D 99 -5.16 -35.41 -11.58
CA GLY D 99 -5.41 -36.64 -12.32
C GLY D 99 -6.74 -36.67 -13.08
N GLY D 100 -7.72 -35.92 -12.59
CA GLY D 100 -9.05 -35.97 -13.18
C GLY D 100 -9.54 -34.69 -13.83
N MET D 101 -8.61 -33.91 -14.38
CA MET D 101 -8.95 -32.65 -15.06
C MET D 101 -9.93 -32.85 -16.23
N ASP D 102 -9.78 -33.94 -16.97
CA ASP D 102 -10.67 -34.23 -18.10
C ASP D 102 -12.14 -34.27 -17.69
N ALA D 103 -12.42 -34.85 -16.52
CA ALA D 103 -13.79 -34.94 -16.03
C ALA D 103 -14.37 -33.56 -15.79
N LEU D 104 -13.55 -32.66 -15.27
CA LEU D 104 -13.97 -31.28 -15.02
C LEU D 104 -14.27 -30.56 -16.33
N HIS D 105 -13.37 -30.68 -17.30
CA HIS D 105 -13.51 -30.00 -18.58
C HIS D 105 -14.65 -30.58 -19.43
N ALA D 106 -14.85 -31.89 -19.33
CA ALA D 106 -15.94 -32.55 -20.02
C ALA D 106 -17.29 -32.00 -19.57
N ALA D 107 -17.35 -31.56 -18.32
CA ALA D 107 -18.58 -31.06 -17.71
C ALA D 107 -18.73 -29.55 -17.85
N GLY D 108 -17.78 -28.91 -18.53
CA GLY D 108 -17.84 -27.48 -18.78
C GLY D 108 -17.48 -26.63 -17.57
N ILE D 109 -16.70 -27.20 -16.67
CA ILE D 109 -16.31 -26.51 -15.43
C ILE D 109 -14.99 -25.75 -15.57
N ALA D 110 -15.01 -24.47 -15.21
CA ALA D 110 -13.82 -23.63 -15.25
C ALA D 110 -12.79 -24.08 -14.21
N THR D 111 -11.57 -24.31 -14.67
CA THR D 111 -10.52 -24.80 -13.79
C THR D 111 -9.38 -23.79 -13.66
N TYR D 112 -8.82 -23.71 -12.46
CA TYR D 112 -7.77 -22.76 -12.14
C TYR D 112 -6.58 -23.43 -11.46
N ALA D 113 -5.38 -23.01 -11.85
CA ALA D 113 -4.17 -23.49 -11.18
C ALA D 113 -3.10 -22.43 -11.25
N ASN D 114 -2.07 -22.61 -10.42
CA ASN D 114 -0.86 -21.80 -10.50
C ASN D 114 -0.32 -21.85 -11.93
N ALA D 115 0.07 -20.69 -12.46
CA ALA D 115 0.63 -20.61 -13.80
C ALA D 115 1.77 -21.62 -13.98
N LEU D 116 2.58 -21.76 -12.94
CA LEU D 116 3.68 -22.72 -12.96
C LEU D 116 3.16 -24.16 -13.07
N SER D 117 2.07 -24.46 -12.39
CA SER D 117 1.45 -25.78 -12.47
C SER D 117 0.97 -26.06 -13.89
N ASN D 118 0.36 -25.07 -14.52
CA ASN D 118 -0.09 -25.23 -15.90
C ASN D 118 1.10 -25.38 -16.85
N GLN D 119 2.20 -24.69 -16.52
CA GLN D 119 3.41 -24.77 -17.34
C GLN D 119 4.06 -26.15 -17.21
N LEU D 120 4.00 -26.72 -16.02
CA LEU D 120 4.59 -28.02 -15.72
C LEU D 120 3.69 -29.19 -16.15
N ALA D 121 2.40 -28.93 -16.30
CA ALA D 121 1.40 -29.98 -16.49
C ALA D 121 1.77 -31.01 -17.56
N PRO D 122 2.10 -30.55 -18.77
CA PRO D 122 2.48 -31.46 -19.86
C PRO D 122 3.67 -32.37 -19.51
N GLN D 123 4.70 -31.83 -18.87
CA GLN D 123 5.86 -32.64 -18.50
C GLN D 123 5.49 -33.72 -17.49
N GLU D 124 4.48 -33.42 -16.67
CA GLU D 124 4.03 -34.32 -15.62
C GLU D 124 2.96 -35.28 -16.11
N GLY D 125 2.61 -35.17 -17.38
CA GLY D 125 1.59 -36.01 -17.97
C GLY D 125 0.18 -35.62 -17.55
N MET D 126 0.03 -34.38 -17.09
CA MET D 126 -1.27 -33.88 -16.65
C MET D 126 -1.89 -32.96 -17.70
N VAL D 127 -3.22 -32.83 -17.64
CA VAL D 127 -3.93 -31.86 -18.45
C VAL D 127 -3.96 -30.52 -17.73
N ALA D 128 -3.48 -29.47 -18.39
CA ALA D 128 -3.42 -28.16 -17.77
C ALA D 128 -4.81 -27.60 -17.48
N ALA D 129 -4.90 -26.75 -16.46
CA ALA D 129 -6.15 -26.06 -16.19
C ALA D 129 -6.39 -25.01 -17.27
N GLN D 130 -7.60 -24.50 -17.35
CA GLN D 130 -7.94 -23.54 -18.39
C GLN D 130 -7.54 -22.10 -18.02
N HIS D 131 -7.30 -21.83 -16.74
CA HIS D 131 -6.92 -20.48 -16.31
C HIS D 131 -5.72 -20.51 -15.36
N SER D 132 -4.94 -19.42 -15.37
CA SER D 132 -3.72 -19.33 -14.57
C SER D 132 -3.79 -18.32 -13.43
N LEU D 133 -3.39 -18.77 -12.24
CA LEU D 133 -3.28 -17.87 -11.10
C LEU D 133 -1.85 -17.33 -10.97
N THR D 134 -1.73 -16.06 -10.63
CA THR D 134 -0.43 -15.49 -10.28
C THR D 134 -0.47 -14.84 -8.90
N PHE D 135 0.70 -14.66 -8.30
CA PHE D 135 0.77 -14.23 -6.90
C PHE D 135 1.70 -13.05 -6.70
N ALA D 136 1.39 -12.23 -5.69
CA ALA D 136 2.24 -11.10 -5.32
C ALA D 136 3.48 -11.60 -4.58
N ALA D 137 4.38 -10.67 -4.27
CA ALA D 137 5.62 -11.02 -3.59
C ALA D 137 5.38 -11.53 -2.16
N ASN D 138 4.22 -11.20 -1.59
CA ASN D 138 3.90 -11.66 -0.24
C ASN D 138 3.14 -13.00 -0.24
N GLY D 139 2.84 -13.52 -1.42
CA GLY D 139 2.27 -14.86 -1.53
C GLY D 139 0.78 -14.93 -1.81
N TRP D 140 0.07 -13.82 -1.62
CA TRP D 140 -1.36 -13.80 -1.86
C TRP D 140 -1.65 -13.75 -3.35
N VAL D 141 -2.70 -14.44 -3.78
CA VAL D 141 -3.07 -14.47 -5.19
C VAL D 141 -3.41 -13.06 -5.62
N GLU D 142 -3.01 -12.70 -6.84
CA GLU D 142 -3.46 -11.44 -7.41
C GLU D 142 -4.94 -11.56 -7.72
N PRO D 143 -5.78 -10.75 -7.04
CA PRO D 143 -7.24 -10.82 -7.13
C PRO D 143 -7.76 -10.78 -8.57
N ALA D 144 -7.06 -10.08 -9.45
CA ALA D 144 -7.47 -10.00 -10.85
C ALA D 144 -7.50 -11.38 -11.51
N THR D 145 -6.58 -12.25 -11.10
CA THR D 145 -6.52 -13.59 -11.68
C THR D 145 -7.45 -14.55 -10.93
N ALA D 146 -7.95 -14.11 -9.79
CA ALA D 146 -8.85 -14.95 -9.01
C ALA D 146 -10.18 -14.25 -8.71
N PRO D 147 -10.91 -13.87 -9.77
CA PRO D 147 -12.18 -13.15 -9.65
C PRO D 147 -13.29 -14.09 -9.20
N ASN D 148 -14.08 -13.68 -8.22
CA ASN D 148 -15.28 -14.45 -7.85
C ASN D 148 -14.94 -15.85 -7.31
N PHE D 149 -13.93 -15.92 -6.46
CA PHE D 149 -13.53 -17.18 -5.84
C PHE D 149 -14.31 -17.40 -4.54
N GLY D 150 -15.16 -16.44 -4.20
CA GLY D 150 -15.97 -16.52 -3.00
C GLY D 150 -15.13 -16.67 -1.75
N PRO D 151 -15.42 -17.70 -0.95
CA PRO D 151 -14.71 -17.96 0.30
C PRO D 151 -13.30 -18.53 0.07
N LEU D 152 -12.96 -18.89 -1.17
CA LEU D 152 -11.65 -19.45 -1.44
C LEU D 152 -10.57 -18.37 -1.44
N LYS D 153 -9.67 -18.45 -0.46
CA LYS D 153 -8.54 -17.53 -0.37
C LYS D 153 -7.24 -18.27 -0.68
N VAL D 154 -6.67 -18.01 -1.86
CA VAL D 154 -5.53 -18.78 -2.34
C VAL D 154 -4.19 -18.14 -1.99
N PHE D 155 -3.26 -18.96 -1.52
CA PHE D 155 -1.97 -18.48 -1.04
C PHE D 155 -0.83 -19.38 -1.52
N TYR D 156 0.18 -18.79 -2.14
CA TYR D 156 1.38 -19.53 -2.53
C TYR D 156 2.44 -19.32 -1.45
N PRO D 157 2.76 -20.38 -0.70
CA PRO D 157 3.66 -20.24 0.44
C PRO D 157 5.15 -20.30 0.07
N GLY D 158 5.45 -20.56 -1.20
CA GLY D 158 6.82 -20.78 -1.62
C GLY D 158 7.06 -22.25 -1.91
N PRO D 159 8.19 -22.58 -2.56
CA PRO D 159 8.47 -23.98 -2.91
C PRO D 159 8.61 -24.89 -1.70
N GLY D 160 8.07 -26.10 -1.80
CA GLY D 160 8.14 -27.07 -0.71
C GLY D 160 7.99 -28.50 -1.21
N HIS D 161 6.78 -29.03 -1.09
CA HIS D 161 6.46 -30.32 -1.67
C HIS D 161 6.75 -30.30 -3.17
N THR D 162 6.36 -29.21 -3.83
CA THR D 162 6.77 -28.95 -5.20
C THR D 162 7.07 -27.47 -5.33
N SER D 163 7.65 -27.08 -6.46
CA SER D 163 7.95 -25.68 -6.71
C SER D 163 6.65 -24.86 -6.87
N ASP D 164 5.59 -25.54 -7.28
CA ASP D 164 4.35 -24.85 -7.68
C ASP D 164 3.20 -24.99 -6.69
N ASN D 165 3.41 -25.69 -5.58
CA ASN D 165 2.30 -26.00 -4.66
C ASN D 165 1.64 -24.76 -4.09
N ILE D 166 0.31 -24.73 -4.13
CA ILE D 166 -0.46 -23.65 -3.52
C ILE D 166 -1.39 -24.18 -2.44
N THR D 167 -1.93 -23.26 -1.65
CA THR D 167 -2.74 -23.60 -0.52
C THR D 167 -4.00 -22.75 -0.54
N VAL D 168 -5.02 -23.18 0.19
CA VAL D 168 -6.32 -22.51 0.14
C VAL D 168 -6.96 -22.45 1.51
N GLY D 169 -7.36 -21.24 1.91
CA GLY D 169 -8.12 -21.06 3.13
C GLY D 169 -9.58 -20.85 2.78
N ILE D 170 -10.47 -21.30 3.66
CA ILE D 170 -11.90 -21.11 3.42
C ILE D 170 -12.43 -20.01 4.33
N ASP D 171 -12.66 -18.83 3.75
CA ASP D 171 -13.16 -17.69 4.50
C ASP D 171 -14.48 -17.97 5.19
N GLY D 172 -14.59 -17.57 6.45
CA GLY D 172 -15.81 -17.74 7.22
C GLY D 172 -15.90 -19.07 7.94
N THR D 173 -14.80 -19.82 7.91
CA THR D 173 -14.72 -21.10 8.61
C THR D 173 -13.36 -21.23 9.28
N ASP D 174 -13.16 -22.31 10.03
CA ASP D 174 -11.89 -22.54 10.70
C ASP D 174 -11.00 -23.45 9.86
N ILE D 175 -11.31 -23.56 8.57
CA ILE D 175 -10.66 -24.55 7.72
C ILE D 175 -9.63 -23.92 6.79
N ALA D 176 -8.47 -24.56 6.68
CA ALA D 176 -7.46 -24.20 5.70
C ALA D 176 -6.91 -25.47 5.08
N PHE D 177 -6.61 -25.41 3.79
CA PHE D 177 -6.18 -26.60 3.07
C PHE D 177 -4.73 -26.49 2.62
N GLY D 178 -3.90 -27.41 3.09
CA GLY D 178 -2.48 -27.39 2.80
C GLY D 178 -2.03 -28.36 1.73
N GLY D 179 -2.96 -29.17 1.22
CA GLY D 179 -2.63 -30.14 0.19
C GLY D 179 -1.54 -31.12 0.59
N CYS D 180 -0.60 -31.35 -0.31
CA CYS D 180 0.47 -32.32 -0.08
C CYS D 180 1.66 -31.67 0.62
N LEU D 181 1.62 -30.34 0.78
CA LEU D 181 2.66 -29.62 1.51
C LEU D 181 2.69 -29.98 2.99
N ILE D 182 1.51 -30.02 3.61
CA ILE D 182 1.37 -30.26 5.03
C ILE D 182 1.11 -31.73 5.34
N LYS D 183 1.86 -32.28 6.28
CA LYS D 183 1.60 -33.64 6.77
C LYS D 183 0.97 -33.58 8.16
N ASP D 184 0.31 -34.66 8.56
CA ASP D 184 -0.36 -34.66 9.85
C ASP D 184 0.64 -34.86 10.99
N SER D 185 0.22 -34.52 12.20
CA SER D 185 1.11 -34.57 13.36
C SER D 185 1.55 -35.99 13.69
N LYS D 186 0.87 -36.98 13.12
CA LYS D 186 1.23 -38.38 13.35
C LYS D 186 2.16 -38.89 12.26
N ALA D 187 2.38 -38.07 11.25
CA ALA D 187 3.22 -38.46 10.12
C ALA D 187 4.67 -38.68 10.55
N LYS D 188 5.31 -39.68 9.95
CA LYS D 188 6.69 -40.03 10.25
C LYS D 188 7.65 -39.37 9.25
N SER D 189 7.12 -39.01 8.07
CA SER D 189 7.92 -38.42 7.02
C SER D 189 7.13 -37.41 6.20
N LEU D 190 7.80 -36.76 5.26
CA LEU D 190 7.16 -35.77 4.40
C LEU D 190 6.65 -36.41 3.12
N GLY D 191 6.66 -37.74 3.07
CA GLY D 191 6.14 -38.45 1.92
C GLY D 191 7.05 -38.34 0.71
N ASN D 192 6.46 -38.09 -0.45
CA ASN D 192 7.20 -38.01 -1.71
C ASN D 192 8.00 -36.71 -1.82
N LEU D 193 9.32 -36.83 -1.76
CA LEU D 193 10.21 -35.68 -1.86
C LEU D 193 10.95 -35.63 -3.19
N GLY D 194 10.46 -36.40 -4.17
CA GLY D 194 11.09 -36.47 -5.47
C GLY D 194 11.20 -35.13 -6.17
N ASP D 195 10.19 -34.29 -5.98
CA ASP D 195 10.15 -32.97 -6.59
C ASP D 195 10.24 -31.83 -5.56
N ALA D 196 10.70 -32.15 -4.36
CA ALA D 196 10.64 -31.21 -3.25
C ALA D 196 11.81 -30.25 -3.23
N ASP D 197 11.55 -29.05 -2.69
CA ASP D 197 12.60 -28.06 -2.44
C ASP D 197 12.99 -28.14 -0.96
N THR D 198 14.00 -28.95 -0.66
CA THR D 198 14.33 -29.25 0.73
C THR D 198 14.89 -28.03 1.48
N GLU D 199 15.46 -27.08 0.74
CA GLU D 199 16.01 -25.89 1.38
C GLU D 199 14.91 -24.97 1.92
N HIS D 200 13.82 -24.85 1.16
CA HIS D 200 12.78 -23.88 1.50
C HIS D 200 11.51 -24.49 2.10
N TYR D 201 11.44 -25.82 2.16
CA TYR D 201 10.23 -26.52 2.58
C TYR D 201 9.71 -26.01 3.93
N ALA D 202 10.60 -25.96 4.92
CA ALA D 202 10.22 -25.56 6.27
C ALA D 202 9.63 -24.15 6.33
N ALA D 203 10.28 -23.21 5.65
CA ALA D 203 9.83 -21.82 5.61
C ALA D 203 8.46 -21.71 4.94
N SER D 204 8.25 -22.51 3.90
CA SER D 204 6.98 -22.50 3.18
C SER D 204 5.84 -23.03 4.06
N ALA D 205 6.11 -24.11 4.80
CA ALA D 205 5.12 -24.64 5.72
C ALA D 205 4.72 -23.60 6.76
N ARG D 206 5.72 -22.89 7.29
CA ARG D 206 5.47 -21.85 8.28
C ARG D 206 4.77 -20.65 7.68
N ALA D 207 5.05 -20.37 6.41
CA ALA D 207 4.39 -19.26 5.73
C ALA D 207 2.91 -19.54 5.63
N PHE D 208 2.58 -20.81 5.35
CA PHE D 208 1.19 -21.25 5.29
C PHE D 208 0.48 -21.04 6.62
N GLY D 209 1.12 -21.45 7.71
CA GLY D 209 0.57 -21.25 9.02
C GLY D 209 0.27 -19.80 9.32
N ALA D 210 1.21 -18.93 8.95
CA ALA D 210 1.07 -17.49 9.20
C ALA D 210 0.06 -16.83 8.26
N ALA D 211 -0.14 -17.41 7.09
CA ALA D 211 -1.09 -16.86 6.13
C ALA D 211 -2.52 -17.03 6.62
N PHE D 212 -2.78 -18.16 7.29
CA PHE D 212 -4.11 -18.45 7.82
C PHE D 212 -4.08 -18.69 9.33
N PRO D 213 -3.88 -17.61 10.11
CA PRO D 213 -3.65 -17.71 11.55
C PRO D 213 -4.87 -18.18 12.35
N LYS D 214 -6.08 -18.02 11.84
CA LYS D 214 -7.26 -18.41 12.63
C LYS D 214 -7.76 -19.81 12.28
N ALA D 215 -7.18 -20.41 11.25
CA ALA D 215 -7.57 -21.77 10.90
C ALA D 215 -7.18 -22.72 12.03
N SER D 216 -8.15 -23.48 12.52
CA SER D 216 -7.91 -24.41 13.62
C SER D 216 -8.05 -25.85 13.14
N MET D 217 -8.71 -26.03 12.01
CA MET D 217 -8.82 -27.32 11.34
C MET D 217 -8.01 -27.34 10.05
N ILE D 218 -6.98 -28.18 10.00
CA ILE D 218 -6.11 -28.25 8.84
C ILE D 218 -6.38 -29.52 8.02
N VAL D 219 -6.95 -29.32 6.83
CA VAL D 219 -7.19 -30.40 5.89
C VAL D 219 -5.99 -30.61 4.98
N MET D 220 -5.62 -31.86 4.76
CA MET D 220 -4.48 -32.17 3.89
C MET D 220 -4.75 -33.37 2.98
N SER D 221 -3.83 -33.62 2.05
CA SER D 221 -4.07 -34.58 0.98
C SER D 221 -4.17 -36.03 1.43
N HIS D 222 -3.40 -36.42 2.44
CA HIS D 222 -3.29 -37.83 2.77
C HIS D 222 -3.49 -38.15 4.24
N SER D 223 -4.21 -37.29 4.95
CA SER D 223 -4.56 -37.56 6.33
C SER D 223 -5.91 -36.93 6.63
N ALA D 224 -6.59 -37.46 7.65
CA ALA D 224 -7.79 -36.83 8.17
C ALA D 224 -7.42 -35.45 8.69
N PRO D 225 -8.39 -34.53 8.74
CA PRO D 225 -8.14 -33.18 9.25
C PRO D 225 -7.45 -33.19 10.61
N ASP D 226 -6.50 -32.29 10.80
CA ASP D 226 -5.73 -32.22 12.04
C ASP D 226 -5.80 -30.81 12.63
N SER D 227 -5.11 -30.58 13.75
CA SER D 227 -5.01 -29.25 14.33
C SER D 227 -3.84 -28.48 13.72
N ARG D 228 -3.60 -27.27 14.21
CA ARG D 228 -2.50 -26.45 13.69
C ARG D 228 -1.14 -27.09 13.95
N ALA D 229 -1.11 -28.06 14.87
CA ALA D 229 0.10 -28.80 15.19
C ALA D 229 0.69 -29.49 13.97
N ALA D 230 -0.18 -29.85 13.04
CA ALA D 230 0.23 -30.49 11.79
C ALA D 230 1.19 -29.60 11.02
N ILE D 231 0.92 -28.30 11.05
CA ILE D 231 1.75 -27.32 10.33
C ILE D 231 3.15 -27.28 10.93
N THR D 232 3.22 -27.13 12.25
CA THR D 232 4.49 -27.03 12.97
C THR D 232 5.29 -28.34 12.92
N HIS D 233 4.60 -29.47 13.02
CA HIS D 233 5.26 -30.77 12.94
C HIS D 233 5.88 -30.97 11.57
N THR D 234 5.19 -30.50 10.54
CA THR D 234 5.72 -30.58 9.18
C THR D 234 6.95 -29.69 9.03
N ALA D 235 6.85 -28.46 9.53
CA ALA D 235 7.96 -27.52 9.48
C ALA D 235 9.20 -28.09 10.17
N ARG D 236 9.03 -28.66 11.36
CA ARG D 236 10.16 -29.18 12.12
C ARG D 236 10.74 -30.45 11.49
N MET D 237 9.90 -31.25 10.84
CA MET D 237 10.40 -32.38 10.07
C MET D 237 11.23 -31.87 8.89
N ALA D 238 10.77 -30.78 8.29
CA ALA D 238 11.44 -30.20 7.13
C ALA D 238 12.76 -29.54 7.51
N ASP D 239 12.82 -29.01 8.73
CA ASP D 239 14.04 -28.40 9.26
C ASP D 239 15.22 -29.36 9.15
N LYS D 240 14.91 -30.64 9.26
CA LYS D 240 15.92 -31.70 9.26
C LYS D 240 16.45 -31.96 7.86
N LEU D 241 15.73 -31.44 6.87
CA LEU D 241 16.12 -31.61 5.47
C LEU D 241 17.19 -30.63 5.04
N ARG D 242 17.40 -29.58 5.84
CA ARG D 242 18.37 -28.56 5.51
C ARG D 242 19.76 -28.93 6.02
N ASP E 15 9.65 -14.53 16.40
CA ASP E 15 10.30 -14.58 17.70
C ASP E 15 10.02 -15.89 18.43
N GLN E 16 11.07 -16.46 19.01
CA GLN E 16 10.97 -17.72 19.76
C GLN E 16 11.37 -17.53 21.22
N ARG E 17 10.61 -18.15 22.13
CA ARG E 17 10.94 -18.09 23.55
C ARG E 17 11.42 -19.42 24.12
N PHE E 18 12.48 -19.36 24.92
CA PHE E 18 12.98 -20.53 25.63
C PHE E 18 13.26 -20.06 27.05
N GLY E 19 12.40 -20.45 27.99
CA GLY E 19 12.48 -19.92 29.33
C GLY E 19 12.20 -18.43 29.36
N ASP E 20 13.17 -17.66 29.85
CA ASP E 20 13.04 -16.21 29.94
C ASP E 20 13.73 -15.48 28.80
N LEU E 21 14.21 -16.23 27.81
CA LEU E 21 14.90 -15.60 26.70
C LEU E 21 14.10 -15.63 25.41
N VAL E 22 14.31 -14.58 24.61
CA VAL E 22 13.66 -14.43 23.32
C VAL E 22 14.72 -14.43 22.23
N PHE E 23 14.44 -15.10 21.11
CA PHE E 23 15.39 -15.18 20.02
C PHE E 23 14.76 -14.68 18.74
N ARG E 24 15.46 -13.78 18.05
CA ARG E 24 14.95 -13.21 16.82
C ARG E 24 16.03 -13.31 15.73
N GLN E 25 15.66 -13.90 14.61
CA GLN E 25 16.59 -14.07 13.50
C GLN E 25 16.78 -12.75 12.75
N LEU E 26 18.04 -12.38 12.54
CA LEU E 26 18.34 -11.11 11.88
C LEU E 26 18.75 -11.34 10.43
N ALA E 27 19.28 -12.53 10.18
CA ALA E 27 19.75 -12.92 8.86
C ALA E 27 19.80 -14.44 8.82
N PRO E 28 20.02 -15.03 7.63
CA PRO E 28 20.01 -16.50 7.47
C PRO E 28 20.82 -17.28 8.51
N ASN E 29 21.94 -16.72 8.97
CA ASN E 29 22.81 -17.41 9.92
C ASN E 29 23.02 -16.65 11.22
N VAL E 30 22.14 -15.71 11.52
CA VAL E 30 22.35 -14.86 12.68
C VAL E 30 21.08 -14.69 13.50
N TRP E 31 21.21 -14.88 14.81
CA TRP E 31 20.12 -14.63 15.72
C TRP E 31 20.54 -13.62 16.77
N GLN E 32 19.56 -12.86 17.26
CA GLN E 32 19.75 -12.02 18.41
C GLN E 32 19.14 -12.70 19.63
N HIS E 33 19.88 -12.79 20.72
CA HIS E 33 19.27 -13.29 21.96
C HIS E 33 19.02 -12.10 22.88
N THR E 34 17.90 -12.14 23.59
CA THR E 34 17.50 -11.05 24.46
C THR E 34 17.09 -11.56 25.84
N SER E 35 17.64 -10.96 26.88
CA SER E 35 17.28 -11.29 28.25
C SER E 35 16.95 -10.03 29.06
N TYR E 36 16.20 -10.20 30.14
CA TYR E 36 15.70 -9.09 30.93
C TYR E 36 16.11 -9.17 32.38
N LEU E 37 16.39 -8.03 32.99
CA LEU E 37 16.63 -7.97 34.43
C LEU E 37 15.79 -6.86 35.04
N ASP E 38 15.03 -7.19 36.08
CA ASP E 38 14.23 -6.18 36.78
C ASP E 38 15.07 -5.47 37.81
N MET E 39 15.34 -4.19 37.58
CA MET E 39 16.07 -3.38 38.54
C MET E 39 15.10 -2.51 39.32
N PRO E 40 14.89 -2.85 40.60
CA PRO E 40 13.90 -2.20 41.47
C PRO E 40 13.90 -0.68 41.42
N GLY E 41 12.74 -0.13 41.06
CA GLY E 41 12.54 1.30 40.96
C GLY E 41 12.67 1.85 39.56
N PHE E 42 13.16 1.04 38.63
CA PHE E 42 13.45 1.54 37.32
C PHE E 42 12.94 0.67 36.17
N GLY E 43 12.42 -0.49 36.53
CA GLY E 43 11.82 -1.36 35.55
C GLY E 43 12.80 -2.32 34.93
N ALA E 44 12.28 -2.99 33.92
CA ALA E 44 12.98 -4.02 33.22
C ALA E 44 13.90 -3.48 32.15
N VAL E 45 15.13 -4.00 32.13
CA VAL E 45 16.09 -3.63 31.13
C VAL E 45 16.40 -4.85 30.26
N ALA E 46 16.25 -4.68 28.95
CA ALA E 46 16.57 -5.75 28.01
C ALA E 46 18.06 -5.71 27.63
N SER E 47 18.63 -6.87 27.35
CA SER E 47 20.02 -6.94 26.91
C SER E 47 20.16 -7.92 25.76
N ASN E 48 20.77 -7.45 24.67
CA ASN E 48 20.89 -8.23 23.45
C ASN E 48 22.29 -8.79 23.22
N GLY E 49 22.34 -9.98 22.66
CA GLY E 49 23.58 -10.59 22.24
C GLY E 49 23.36 -11.21 20.89
N LEU E 50 24.38 -11.86 20.35
CA LEU E 50 24.26 -12.46 19.02
C LEU E 50 24.60 -13.94 19.06
N ILE E 51 23.93 -14.69 18.18
CA ILE E 51 24.27 -16.08 17.96
C ILE E 51 24.55 -16.23 16.47
N VAL E 52 25.71 -16.78 16.15
CA VAL E 52 26.11 -16.90 14.76
C VAL E 52 26.48 -18.32 14.39
N ARG E 53 25.81 -18.84 13.38
CA ARG E 53 26.13 -20.16 12.84
C ARG E 53 27.20 -20.03 11.76
N ASP E 54 28.32 -20.71 11.96
CA ASP E 54 29.41 -20.68 10.99
C ASP E 54 29.84 -22.08 10.61
N GLY E 55 29.35 -22.55 9.46
CA GLY E 55 29.63 -23.90 9.02
C GLY E 55 28.95 -24.89 9.96
N GLY E 56 29.75 -25.74 10.58
CA GLY E 56 29.24 -26.77 11.47
C GLY E 56 29.40 -26.42 12.93
N ARG E 57 29.48 -25.11 13.22
CA ARG E 57 29.66 -24.65 14.60
C ARG E 57 28.86 -23.38 14.87
N VAL E 58 28.68 -23.07 16.15
CA VAL E 58 27.96 -21.88 16.57
C VAL E 58 28.87 -20.96 17.37
N LEU E 59 28.72 -19.65 17.17
CA LEU E 59 29.49 -18.66 17.92
C LEU E 59 28.55 -17.73 18.70
N VAL E 60 28.94 -17.38 19.92
CA VAL E 60 28.10 -16.53 20.75
C VAL E 60 28.78 -15.21 21.09
N VAL E 61 28.00 -14.14 21.06
CA VAL E 61 28.47 -12.81 21.46
C VAL E 61 27.66 -12.31 22.65
N ASP E 62 28.34 -12.14 23.79
CA ASP E 62 27.73 -11.68 25.05
C ASP E 62 26.90 -12.77 25.73
N THR E 63 26.94 -12.77 27.07
CA THR E 63 26.09 -13.66 27.85
C THR E 63 24.76 -12.96 28.14
N ALA E 64 23.92 -13.61 28.91
CA ALA E 64 22.72 -12.97 29.44
C ALA E 64 23.08 -12.32 30.77
N TRP E 65 22.10 -11.76 31.46
CA TRP E 65 22.35 -11.13 32.76
C TRP E 65 22.89 -12.13 33.78
N THR E 66 22.45 -13.37 33.68
CA THR E 66 22.80 -14.38 34.69
C THR E 66 23.27 -15.70 34.10
N ASP E 67 23.81 -16.55 34.96
CA ASP E 67 24.23 -17.90 34.57
C ASP E 67 23.04 -18.73 34.12
N ASP E 68 21.95 -18.64 34.87
CA ASP E 68 20.72 -19.38 34.55
C ASP E 68 20.18 -18.99 33.18
N GLN E 69 20.12 -17.68 32.91
CA GLN E 69 19.64 -17.21 31.62
C GLN E 69 20.60 -17.62 30.48
N THR E 70 21.89 -17.65 30.75
CA THR E 70 22.87 -18.04 29.73
C THR E 70 22.74 -19.51 29.40
N ALA E 71 22.47 -20.32 30.42
CA ALA E 71 22.20 -21.74 30.24
C ALA E 71 21.03 -21.95 29.28
N GLN E 72 20.01 -21.10 29.39
CA GLN E 72 18.85 -21.19 28.52
C GLN E 72 19.23 -20.91 27.06
N ILE E 73 20.18 -20.00 26.86
CA ILE E 73 20.68 -19.72 25.51
C ILE E 73 21.30 -20.97 24.91
N LEU E 74 22.13 -21.65 25.70
CA LEU E 74 22.84 -22.84 25.24
C LEU E 74 21.89 -23.99 24.91
N ASN E 75 20.85 -24.16 25.72
CA ASN E 75 19.87 -25.21 25.47
C ASN E 75 19.02 -24.91 24.24
N TRP E 76 18.65 -23.64 24.07
CA TRP E 76 17.92 -23.22 22.89
C TRP E 76 18.74 -23.50 21.64
N ILE E 77 20.05 -23.23 21.71
CA ILE E 77 20.94 -23.47 20.57
C ILE E 77 20.96 -24.95 20.19
N LYS E 78 21.10 -25.82 21.19
CA LYS E 78 21.09 -27.26 20.99
C LYS E 78 19.78 -27.74 20.35
N GLN E 79 18.67 -27.21 20.84
CA GLN E 79 17.35 -27.62 20.37
C GLN E 79 17.02 -27.04 18.99
N GLU E 80 17.34 -25.78 18.77
CA GLU E 80 16.93 -25.08 17.56
C GLU E 80 17.96 -25.11 16.42
N ILE E 81 19.24 -25.24 16.76
CA ILE E 81 20.30 -25.24 15.74
C ILE E 81 21.01 -26.58 15.72
N ASN E 82 21.15 -27.18 16.90
CA ASN E 82 21.77 -28.50 17.04
C ASN E 82 23.17 -28.56 16.43
N LEU E 83 23.98 -27.56 16.73
CA LEU E 83 25.40 -27.56 16.41
C LEU E 83 26.19 -27.15 17.65
N PRO E 84 27.44 -27.60 17.77
CA PRO E 84 28.26 -27.28 18.94
C PRO E 84 28.67 -25.81 19.00
N VAL E 85 28.64 -25.23 20.20
CA VAL E 85 29.10 -23.87 20.41
C VAL E 85 30.61 -23.89 20.62
N ALA E 86 31.35 -23.28 19.71
CA ALA E 86 32.81 -23.36 19.71
C ALA E 86 33.44 -22.35 20.65
N LEU E 87 32.91 -21.12 20.65
CA LEU E 87 33.48 -20.07 21.48
C LEU E 87 32.50 -18.95 21.71
N ALA E 88 32.81 -18.10 22.68
CA ALA E 88 32.02 -16.92 22.97
C ALA E 88 32.93 -15.70 23.14
N VAL E 89 32.43 -14.56 22.73
CA VAL E 89 33.13 -13.29 22.88
C VAL E 89 32.28 -12.37 23.74
N VAL E 90 32.88 -11.79 24.78
CA VAL E 90 32.17 -10.85 25.63
C VAL E 90 32.73 -9.45 25.43
N THR E 91 31.85 -8.46 25.37
CA THR E 91 32.23 -7.14 24.87
C THR E 91 32.68 -6.13 25.92
N HIS E 92 32.36 -6.37 27.19
CA HIS E 92 33.00 -5.61 28.26
C HIS E 92 32.60 -6.14 29.64
N ALA E 93 33.25 -5.65 30.68
CA ALA E 93 33.12 -6.21 32.02
C ALA E 93 31.98 -5.59 32.81
N HIS E 94 30.76 -5.70 32.29
CA HIS E 94 29.57 -5.31 33.04
C HIS E 94 28.64 -6.52 33.08
N GLN E 95 27.65 -6.49 33.98
CA GLN E 95 26.84 -7.67 34.24
C GLN E 95 26.08 -8.17 33.01
N ASP E 96 25.57 -7.25 32.19
CA ASP E 96 24.75 -7.66 31.05
C ASP E 96 25.56 -8.36 29.96
N LYS E 97 26.88 -8.20 29.98
CA LYS E 97 27.73 -8.82 28.97
C LYS E 97 28.49 -10.05 29.46
N MET E 98 28.93 -10.01 30.72
CA MET E 98 29.76 -11.06 31.29
C MET E 98 29.10 -11.74 32.48
N GLY E 99 27.86 -11.36 32.76
CA GLY E 99 27.15 -11.88 33.92
C GLY E 99 27.03 -13.39 34.00
N GLY E 100 27.05 -14.06 32.86
CA GLY E 100 26.83 -15.49 32.81
C GLY E 100 28.03 -16.30 32.37
N MET E 101 29.22 -15.80 32.66
CA MET E 101 30.45 -16.51 32.29
C MET E 101 30.51 -17.92 32.88
N ASP E 102 30.02 -18.05 34.12
CA ASP E 102 30.04 -19.34 34.82
C ASP E 102 29.31 -20.39 34.00
N ALA E 103 28.17 -20.02 33.44
CA ALA E 103 27.37 -20.91 32.62
C ALA E 103 28.10 -21.37 31.36
N LEU E 104 28.83 -20.45 30.72
CA LEU E 104 29.58 -20.80 29.51
C LEU E 104 30.68 -21.82 29.80
N HIS E 105 31.45 -21.58 30.86
CA HIS E 105 32.56 -22.46 31.20
C HIS E 105 32.10 -23.85 31.65
N ALA E 106 30.96 -23.90 32.34
CA ALA E 106 30.36 -25.17 32.74
C ALA E 106 29.99 -26.01 31.51
N ALA E 107 29.71 -25.32 30.40
CA ALA E 107 29.28 -25.99 29.17
C ALA E 107 30.44 -26.35 28.26
N GLY E 108 31.66 -26.02 28.70
CA GLY E 108 32.85 -26.37 27.96
C GLY E 108 33.12 -25.46 26.78
N ILE E 109 32.62 -24.23 26.87
CA ILE E 109 32.80 -23.24 25.80
C ILE E 109 34.01 -22.33 26.01
N ALA E 110 34.89 -22.26 25.01
CA ALA E 110 36.05 -21.39 25.08
C ALA E 110 35.61 -19.93 25.07
N THR E 111 36.09 -19.14 26.03
CA THR E 111 35.66 -17.75 26.17
C THR E 111 36.78 -16.73 25.93
N TYR E 112 36.43 -15.62 25.31
CA TYR E 112 37.37 -14.56 24.95
C TYR E 112 36.89 -13.19 25.38
N ALA E 113 37.82 -12.36 25.84
CA ALA E 113 37.50 -10.96 26.15
C ALA E 113 38.73 -10.08 25.96
N ASN E 114 38.51 -8.77 25.91
CA ASN E 114 39.59 -7.80 25.96
C ASN E 114 40.43 -8.03 27.24
N ALA E 115 41.75 -8.02 27.11
CA ALA E 115 42.62 -8.19 28.27
C ALA E 115 42.22 -7.25 29.40
N LEU E 116 41.87 -6.02 29.05
CA LEU E 116 41.42 -5.05 30.03
C LEU E 116 40.14 -5.50 30.71
N SER E 117 39.23 -6.08 29.94
CA SER E 117 37.98 -6.59 30.48
C SER E 117 38.25 -7.66 31.54
N ASN E 118 39.17 -8.56 31.25
CA ASN E 118 39.56 -9.60 32.18
C ASN E 118 40.27 -9.07 33.43
N GLN E 119 41.06 -8.02 33.24
CA GLN E 119 41.79 -7.39 34.34
C GLN E 119 40.82 -6.69 35.28
N LEU E 120 39.76 -6.10 34.71
CA LEU E 120 38.76 -5.38 35.49
C LEU E 120 37.70 -6.26 36.12
N ALA E 121 37.53 -7.45 35.57
CA ALA E 121 36.41 -8.33 35.90
C ALA E 121 36.22 -8.53 37.42
N PRO E 122 37.27 -8.94 38.14
CA PRO E 122 37.15 -9.16 39.58
C PRO E 122 36.65 -7.93 40.35
N GLN E 123 37.19 -6.77 40.00
CA GLN E 123 36.80 -5.52 40.64
C GLN E 123 35.33 -5.22 40.37
N GLU E 124 34.85 -5.69 39.22
CA GLU E 124 33.47 -5.45 38.82
C GLU E 124 32.56 -6.58 39.32
N GLY E 125 33.15 -7.56 40.01
CA GLY E 125 32.42 -8.69 40.50
C GLY E 125 32.07 -9.70 39.41
N MET E 126 32.82 -9.67 38.32
CA MET E 126 32.61 -10.58 37.21
C MET E 126 33.64 -11.70 37.19
N VAL E 127 33.29 -12.80 36.54
CA VAL E 127 34.22 -13.90 36.27
C VAL E 127 34.97 -13.68 34.96
N ALA E 128 36.30 -13.71 35.02
CA ALA E 128 37.12 -13.46 33.84
C ALA E 128 36.94 -14.55 32.78
N ALA E 129 37.16 -14.18 31.52
CA ALA E 129 37.17 -15.14 30.42
C ALA E 129 38.45 -15.97 30.46
N GLN E 130 38.47 -17.07 29.71
CA GLN E 130 39.63 -17.97 29.69
C GLN E 130 40.75 -17.49 28.78
N HIS E 131 40.42 -16.60 27.84
CA HIS E 131 41.42 -16.08 26.92
C HIS E 131 41.32 -14.57 26.80
N SER E 132 42.45 -13.93 26.50
CA SER E 132 42.52 -12.48 26.41
C SER E 132 42.79 -12.02 24.99
N LEU E 133 42.01 -11.05 24.54
CA LEU E 133 42.25 -10.41 23.25
C LEU E 133 43.10 -9.16 23.42
N THR E 134 44.04 -8.95 22.51
CA THR E 134 44.80 -7.70 22.48
C THR E 134 44.59 -7.06 21.12
N PHE E 135 44.85 -5.76 21.02
CA PHE E 135 44.50 -5.01 19.83
C PHE E 135 45.65 -4.14 19.35
N ALA E 136 45.69 -3.91 18.04
CA ALA E 136 46.69 -3.02 17.46
C ALA E 136 46.33 -1.56 17.71
N ALA E 137 47.25 -0.67 17.35
CA ALA E 137 47.04 0.76 17.52
C ALA E 137 45.91 1.28 16.62
N ASN E 138 45.58 0.54 15.57
CA ASN E 138 44.50 0.97 14.68
C ASN E 138 43.15 0.40 15.11
N GLY E 139 43.16 -0.39 16.18
CA GLY E 139 41.93 -0.86 16.79
C GLY E 139 41.52 -2.28 16.48
N TRP E 140 42.14 -2.87 15.46
CA TRP E 140 41.82 -4.25 15.07
C TRP E 140 42.51 -5.26 15.96
N VAL E 141 41.81 -6.36 16.25
CA VAL E 141 42.36 -7.41 17.09
C VAL E 141 43.61 -8.02 16.47
N GLU E 142 44.59 -8.33 17.30
CA GLU E 142 45.74 -9.09 16.85
C GLU E 142 45.28 -10.53 16.59
N PRO E 143 45.35 -10.97 15.32
CA PRO E 143 44.81 -12.27 14.89
C PRO E 143 45.29 -13.47 15.72
N ALA E 144 46.52 -13.41 16.22
CA ALA E 144 47.06 -14.51 17.00
C ALA E 144 46.24 -14.78 18.28
N THR E 145 45.70 -13.72 18.85
CA THR E 145 44.93 -13.84 20.10
C THR E 145 43.47 -14.20 19.85
N ALA E 146 43.05 -14.15 18.59
CA ALA E 146 41.67 -14.45 18.22
C ALA E 146 41.65 -15.59 17.21
N PRO E 147 42.09 -16.78 17.63
CA PRO E 147 42.23 -17.90 16.70
C PRO E 147 40.89 -18.49 16.24
N ASN E 148 40.75 -18.60 14.92
CA ASN E 148 39.63 -19.29 14.31
C ASN E 148 38.28 -18.67 14.70
N PHE E 149 38.19 -17.35 14.58
CA PHE E 149 36.96 -16.63 14.92
C PHE E 149 35.96 -16.61 13.77
N GLY E 150 36.33 -17.23 12.65
CA GLY E 150 35.45 -17.30 11.49
C GLY E 150 35.02 -15.93 10.99
N PRO E 151 33.70 -15.74 10.86
CA PRO E 151 33.12 -14.48 10.37
C PRO E 151 33.23 -13.34 11.38
N LEU E 152 33.66 -13.67 12.59
CA LEU E 152 33.78 -12.67 13.65
C LEU E 152 35.00 -11.78 13.43
N LYS E 153 34.73 -10.50 13.20
CA LYS E 153 35.76 -9.48 13.06
C LYS E 153 35.73 -8.56 14.28
N VAL E 154 36.70 -8.72 15.17
CA VAL E 154 36.68 -7.99 16.43
C VAL E 154 37.48 -6.68 16.36
N PHE E 155 36.87 -5.60 16.85
CA PHE E 155 37.46 -4.27 16.74
C PHE E 155 37.33 -3.48 18.03
N TYR E 156 38.45 -2.95 18.52
CA TYR E 156 38.43 -2.06 19.69
C TYR E 156 38.50 -0.62 19.22
N PRO E 157 37.39 0.12 19.39
CA PRO E 157 37.19 1.48 18.88
C PRO E 157 37.75 2.58 19.77
N GLY E 158 38.25 2.21 20.95
CA GLY E 158 38.69 3.19 21.92
C GLY E 158 37.71 3.29 23.06
N PRO E 159 38.12 3.93 24.17
CA PRO E 159 37.26 4.06 25.34
C PRO E 159 36.01 4.85 25.04
N GLY E 160 34.88 4.44 25.60
CA GLY E 160 33.62 5.13 25.40
C GLY E 160 32.67 4.82 26.54
N HIS E 161 31.76 3.87 26.30
CA HIS E 161 30.90 3.37 27.37
C HIS E 161 31.75 2.84 28.52
N THR E 162 32.78 2.09 28.18
CA THR E 162 33.79 1.71 29.16
C THR E 162 35.17 1.77 28.51
N SER E 163 36.22 1.66 29.32
CA SER E 163 37.58 1.69 28.80
C SER E 163 37.89 0.47 27.95
N ASP E 164 37.17 -0.63 28.21
CA ASP E 164 37.49 -1.91 27.59
C ASP E 164 36.50 -2.35 26.50
N ASN E 165 35.46 -1.57 26.24
CA ASN E 165 34.40 -2.03 25.34
C ASN E 165 34.91 -2.34 23.93
N ILE E 166 34.54 -3.52 23.44
CA ILE E 166 34.89 -3.94 22.10
C ILE E 166 33.63 -4.18 21.27
N THR E 167 33.82 -4.31 19.96
CA THR E 167 32.72 -4.45 19.02
C THR E 167 32.99 -5.58 18.04
N VAL E 168 31.94 -6.04 17.36
CA VAL E 168 32.07 -7.20 16.49
C VAL E 168 31.27 -7.05 15.19
N GLY E 169 31.93 -7.27 14.06
CA GLY E 169 31.26 -7.29 12.78
C GLY E 169 31.09 -8.72 12.29
N ILE E 170 30.01 -8.98 11.56
CA ILE E 170 29.77 -10.30 11.00
C ILE E 170 29.99 -10.35 9.49
N ASP E 171 31.09 -10.99 9.08
CA ASP E 171 31.41 -11.17 7.68
C ASP E 171 30.26 -11.87 6.96
N GLY E 172 29.89 -11.34 5.79
CA GLY E 172 28.81 -11.94 5.01
C GLY E 172 27.44 -11.41 5.37
N THR E 173 27.41 -10.37 6.18
CA THR E 173 26.14 -9.74 6.55
C THR E 173 26.25 -8.23 6.58
N ASP E 174 25.11 -7.57 6.79
CA ASP E 174 25.08 -6.12 6.91
C ASP E 174 25.07 -5.77 8.39
N ILE E 175 25.48 -6.75 9.20
CA ILE E 175 25.35 -6.64 10.64
C ILE E 175 26.67 -6.37 11.34
N ALA E 176 26.63 -5.41 12.26
CA ALA E 176 27.75 -5.11 13.14
C ALA E 176 27.19 -4.91 14.54
N PHE E 177 27.94 -5.34 15.55
CA PHE E 177 27.45 -5.31 16.92
C PHE E 177 28.23 -4.31 17.75
N GLY E 178 27.53 -3.31 18.28
CA GLY E 178 28.16 -2.23 19.01
C GLY E 178 28.03 -2.33 20.53
N GLY E 179 27.30 -3.33 21.01
CA GLY E 179 27.11 -3.52 22.43
C GLY E 179 26.48 -2.32 23.11
N CYS E 180 27.01 -1.95 24.27
CA CYS E 180 26.47 -0.85 25.05
C CYS E 180 27.07 0.50 24.65
N LEU E 181 28.04 0.47 23.74
CA LEU E 181 28.65 1.69 23.24
C LEU E 181 27.60 2.52 22.52
N ILE E 182 26.80 1.83 21.70
CA ILE E 182 25.78 2.49 20.91
C ILE E 182 24.40 2.48 21.58
N LYS E 183 23.78 3.66 21.63
CA LYS E 183 22.39 3.79 22.07
C LYS E 183 21.52 4.07 20.84
N ASP E 184 20.22 3.84 20.94
CA ASP E 184 19.35 4.05 19.79
C ASP E 184 19.05 5.54 19.59
N SER E 185 18.56 5.88 18.40
CA SER E 185 18.36 7.28 18.00
C SER E 185 17.31 8.06 18.80
N LYS E 186 16.39 7.38 19.48
CA LYS E 186 15.40 8.06 20.32
C LYS E 186 15.80 8.12 21.80
N ALA E 187 16.95 7.56 22.13
CA ALA E 187 17.40 7.55 23.53
C ALA E 187 17.59 8.97 24.05
N LYS E 188 17.27 9.16 25.32
CA LYS E 188 17.34 10.46 25.96
C LYS E 188 18.72 10.68 26.58
N SER E 189 19.41 9.57 26.82
CA SER E 189 20.74 9.61 27.41
C SER E 189 21.61 8.46 26.92
N LEU E 190 22.86 8.46 27.38
CA LEU E 190 23.81 7.40 27.06
C LEU E 190 23.81 6.27 28.07
N GLY E 191 22.82 6.28 28.95
CA GLY E 191 22.67 5.23 29.93
C GLY E 191 23.69 5.40 31.04
N ASN E 192 24.29 4.28 31.46
CA ASN E 192 25.25 4.31 32.56
C ASN E 192 26.60 4.86 32.14
N LEU E 193 26.95 6.05 32.65
CA LEU E 193 28.23 6.66 32.34
C LEU E 193 29.16 6.60 33.54
N GLY E 194 28.80 5.75 34.51
CA GLY E 194 29.58 5.62 35.73
C GLY E 194 31.02 5.22 35.48
N ASP E 195 31.22 4.37 34.47
CA ASP E 195 32.55 3.90 34.11
C ASP E 195 32.96 4.43 32.74
N ALA E 196 32.28 5.47 32.28
CA ALA E 196 32.45 5.96 30.91
C ALA E 196 33.61 6.94 30.75
N ASP E 197 34.19 6.95 29.56
CA ASP E 197 35.20 7.94 29.20
C ASP E 197 34.50 9.02 28.37
N THR E 198 34.04 10.07 29.05
CA THR E 198 33.22 11.08 28.42
C THR E 198 34.00 11.93 27.43
N GLU E 199 35.32 12.00 27.62
CA GLU E 199 36.19 12.79 26.74
C GLU E 199 36.37 12.18 25.35
N HIS E 200 36.50 10.85 25.29
CA HIS E 200 36.82 10.18 24.03
C HIS E 200 35.64 9.45 23.41
N TYR E 201 34.50 9.45 24.11
CA TYR E 201 33.33 8.69 23.71
C TYR E 201 32.91 8.96 22.26
N ALA E 202 32.80 10.24 21.91
CA ALA E 202 32.36 10.63 20.57
C ALA E 202 33.27 10.05 19.48
N ALA E 203 34.58 10.16 19.67
CA ALA E 203 35.54 9.63 18.71
C ALA E 203 35.44 8.10 18.59
N SER E 204 35.22 7.43 19.72
CA SER E 204 35.10 5.98 19.72
C SER E 204 33.85 5.52 18.98
N ALA E 205 32.73 6.20 19.24
CA ALA E 205 31.48 5.88 18.56
C ALA E 205 31.67 6.04 17.05
N ARG E 206 32.32 7.13 16.66
CA ARG E 206 32.55 7.40 15.25
C ARG E 206 33.56 6.42 14.64
N ALA E 207 34.55 6.02 15.44
CA ALA E 207 35.56 5.07 14.99
C ALA E 207 34.94 3.70 14.69
N PHE E 208 33.96 3.29 15.50
CA PHE E 208 33.22 2.06 15.26
C PHE E 208 32.54 2.10 13.91
N GLY E 209 31.87 3.20 13.61
CA GLY E 209 31.23 3.38 12.33
C GLY E 209 32.20 3.23 11.18
N ALA E 210 33.40 3.80 11.34
CA ALA E 210 34.40 3.77 10.28
C ALA E 210 35.04 2.40 10.12
N ALA E 211 35.05 1.61 11.18
CA ALA E 211 35.58 0.26 11.10
C ALA E 211 34.64 -0.64 10.30
N PHE E 212 33.34 -0.39 10.43
CA PHE E 212 32.32 -1.13 9.68
C PHE E 212 31.43 -0.19 8.89
N PRO E 213 31.98 0.41 7.82
CA PRO E 213 31.28 1.48 7.09
C PRO E 213 30.06 1.02 6.30
N LYS E 214 29.99 -0.26 5.92
CA LYS E 214 28.88 -0.73 5.09
C LYS E 214 27.75 -1.41 5.86
N ALA E 215 27.93 -1.58 7.17
CA ALA E 215 26.87 -2.16 8.00
C ALA E 215 25.64 -1.25 8.05
N SER E 216 24.48 -1.82 7.75
CA SER E 216 23.24 -1.05 7.73
C SER E 216 22.33 -1.43 8.90
N MET E 217 22.57 -2.61 9.48
CA MET E 217 21.85 -3.01 10.66
C MET E 217 22.78 -3.00 11.88
N ILE E 218 22.50 -2.10 12.82
CA ILE E 218 23.33 -1.97 14.00
C ILE E 218 22.63 -2.59 15.19
N VAL E 219 23.18 -3.71 15.67
CA VAL E 219 22.65 -4.34 16.86
C VAL E 219 23.30 -3.74 18.09
N MET E 220 22.48 -3.44 19.10
CA MET E 220 22.99 -2.87 20.33
C MET E 220 22.36 -3.55 21.53
N SER E 221 22.88 -3.21 22.71
CA SER E 221 22.55 -3.91 23.93
C SER E 221 21.12 -3.71 24.43
N HIS E 222 20.58 -2.50 24.24
CA HIS E 222 19.34 -2.14 24.91
C HIS E 222 18.28 -1.56 23.99
N SER E 223 18.35 -1.90 22.71
CA SER E 223 17.34 -1.49 21.74
C SER E 223 17.21 -2.55 20.66
N ALA E 224 16.07 -2.58 19.98
CA ALA E 224 15.94 -3.41 18.79
C ALA E 224 16.95 -2.92 17.78
N PRO E 225 17.41 -3.78 16.87
CA PRO E 225 18.40 -3.37 15.87
C PRO E 225 17.96 -2.10 15.15
N ASP E 226 18.91 -1.20 14.92
CA ASP E 226 18.59 0.09 14.31
C ASP E 226 19.44 0.33 13.07
N SER E 227 19.25 1.47 12.44
CA SER E 227 20.09 1.88 11.31
C SER E 227 21.34 2.60 11.79
N ARG E 228 22.14 3.07 10.84
CA ARG E 228 23.37 3.79 11.17
C ARG E 228 23.08 5.08 11.94
N ALA E 229 21.81 5.48 11.96
CA ALA E 229 21.38 6.66 12.70
C ALA E 229 21.76 6.56 14.18
N ALA E 230 21.80 5.33 14.69
CA ALA E 230 22.19 5.09 16.08
C ALA E 230 23.61 5.59 16.35
N ILE E 231 24.49 5.37 15.39
CA ILE E 231 25.89 5.76 15.52
C ILE E 231 26.04 7.27 15.61
N THR E 232 25.41 7.97 14.67
CA THR E 232 25.52 9.42 14.59
C THR E 232 24.84 10.11 15.77
N HIS E 233 23.69 9.60 16.17
CA HIS E 233 22.99 10.16 17.31
C HIS E 233 23.84 9.91 18.55
N THR E 234 24.50 8.77 18.57
CA THR E 234 25.39 8.43 19.68
C THR E 234 26.57 9.40 19.75
N ALA E 235 27.20 9.67 18.62
CA ALA E 235 28.31 10.61 18.59
C ALA E 235 27.89 11.98 19.13
N ARG E 236 26.73 12.45 18.69
CA ARG E 236 26.25 13.78 19.03
C ARG E 236 25.82 13.97 20.49
N MET E 237 25.27 12.93 21.11
CA MET E 237 24.96 13.03 22.54
C MET E 237 26.26 13.17 23.34
N ALA E 238 27.29 12.45 22.91
CA ALA E 238 28.59 12.48 23.57
C ALA E 238 29.30 13.81 23.35
N ASP E 239 29.07 14.41 22.19
CA ASP E 239 29.62 15.73 21.88
C ASP E 239 29.21 16.75 22.94
N LYS E 240 28.01 16.59 23.49
CA LYS E 240 27.47 17.53 24.45
C LYS E 240 28.07 17.32 25.85
N LEU E 241 28.77 16.20 26.03
CA LEU E 241 29.41 15.91 27.30
C LEU E 241 30.73 16.65 27.44
N ARG E 242 31.24 17.13 26.32
CA ARG E 242 32.51 17.85 26.30
C ARG E 242 32.30 19.35 26.49
N ASP F 15 -33.73 -18.85 -18.14
CA ASP F 15 -33.78 -18.23 -19.47
C ASP F 15 -35.18 -18.25 -20.06
N GLN F 16 -35.58 -17.13 -20.64
CA GLN F 16 -36.89 -17.03 -21.28
C GLN F 16 -36.70 -16.79 -22.76
N ARG F 17 -37.48 -17.48 -23.59
CA ARG F 17 -37.35 -17.28 -25.01
C ARG F 17 -38.61 -16.59 -25.53
N PHE F 18 -38.41 -15.57 -26.36
CA PHE F 18 -39.50 -14.80 -26.94
C PHE F 18 -39.24 -14.59 -28.42
N GLY F 19 -39.97 -15.32 -29.25
CA GLY F 19 -39.69 -15.33 -30.67
C GLY F 19 -38.31 -15.93 -30.91
N ASP F 20 -37.45 -15.16 -31.56
CA ASP F 20 -36.09 -15.60 -31.85
C ASP F 20 -35.11 -15.03 -30.84
N LEU F 21 -35.66 -14.39 -29.81
CA LEU F 21 -34.84 -13.71 -28.81
C LEU F 21 -34.84 -14.44 -27.46
N VAL F 22 -33.74 -14.31 -26.73
CA VAL F 22 -33.62 -14.89 -25.40
C VAL F 22 -33.45 -13.80 -24.34
N PHE F 23 -34.14 -13.94 -23.23
CA PHE F 23 -34.06 -12.97 -22.14
C PHE F 23 -33.66 -13.65 -20.84
N ARG F 24 -32.68 -13.08 -20.16
CA ARG F 24 -32.20 -13.62 -18.88
C ARG F 24 -32.09 -12.54 -17.82
N GLN F 25 -32.72 -12.77 -16.67
CA GLN F 25 -32.67 -11.81 -15.58
C GLN F 25 -31.35 -11.92 -14.80
N LEU F 26 -30.69 -10.79 -14.62
CA LEU F 26 -29.39 -10.73 -13.96
C LEU F 26 -29.50 -10.20 -12.53
N ALA F 27 -30.53 -9.41 -12.28
CA ALA F 27 -30.76 -8.81 -10.97
C ALA F 27 -32.23 -8.44 -10.87
N PRO F 28 -32.69 -8.06 -9.67
CA PRO F 28 -34.10 -7.73 -9.45
C PRO F 28 -34.65 -6.76 -10.49
N ASN F 29 -33.81 -5.83 -10.94
CA ASN F 29 -34.24 -4.79 -11.87
C ASN F 29 -33.43 -4.75 -13.17
N VAL F 30 -32.75 -5.84 -13.49
CA VAL F 30 -31.88 -5.89 -14.66
C VAL F 30 -32.04 -7.18 -15.45
N TRP F 31 -32.21 -7.06 -16.76
CA TRP F 31 -32.27 -8.22 -17.64
C TRP F 31 -31.26 -8.13 -18.77
N GLN F 32 -30.78 -9.29 -19.24
CA GLN F 32 -29.99 -9.35 -20.46
C GLN F 32 -30.86 -9.84 -21.62
N HIS F 33 -30.84 -9.11 -22.74
CA HIS F 33 -31.52 -9.59 -23.94
C HIS F 33 -30.52 -10.07 -24.98
N THR F 34 -30.87 -11.13 -25.69
CA THR F 34 -29.97 -11.73 -26.67
C THR F 34 -30.69 -11.95 -28.00
N SER F 35 -30.07 -11.50 -29.09
CA SER F 35 -30.60 -11.71 -30.43
C SER F 35 -29.52 -12.34 -31.31
N TYR F 36 -29.95 -12.97 -32.39
CA TYR F 36 -29.05 -13.72 -33.25
C TYR F 36 -29.08 -13.29 -34.71
N LEU F 37 -27.94 -13.35 -35.36
CA LEU F 37 -27.87 -13.12 -36.79
C LEU F 37 -27.16 -14.30 -37.44
N ASP F 38 -27.81 -14.89 -38.44
CA ASP F 38 -27.19 -16.01 -39.17
C ASP F 38 -26.28 -15.45 -40.24
N MET F 39 -24.98 -15.68 -40.08
CA MET F 39 -23.97 -15.28 -41.04
C MET F 39 -23.49 -16.41 -41.91
N PRO F 40 -23.83 -16.36 -43.21
CA PRO F 40 -23.42 -17.38 -44.17
C PRO F 40 -21.92 -17.68 -44.08
N GLY F 41 -21.57 -18.92 -43.79
CA GLY F 41 -20.18 -19.33 -43.73
C GLY F 41 -19.58 -19.29 -42.33
N PHE F 42 -20.27 -18.65 -41.40
CA PHE F 42 -19.74 -18.44 -40.06
C PHE F 42 -20.75 -18.83 -38.97
N GLY F 43 -22.01 -18.97 -39.36
CA GLY F 43 -23.03 -19.41 -38.43
C GLY F 43 -23.74 -18.27 -37.70
N ALA F 44 -24.54 -18.63 -36.70
CA ALA F 44 -25.33 -17.65 -35.97
C ALA F 44 -24.49 -17.01 -34.86
N VAL F 45 -24.56 -15.69 -34.78
CA VAL F 45 -23.83 -14.95 -33.74
C VAL F 45 -24.80 -14.27 -32.79
N ALA F 46 -24.61 -14.49 -31.49
CA ALA F 46 -25.44 -13.86 -30.48
C ALA F 46 -24.95 -12.45 -30.14
N SER F 47 -25.88 -11.58 -29.79
CA SER F 47 -25.54 -10.22 -29.36
C SER F 47 -26.37 -9.83 -28.14
N ASN F 48 -25.67 -9.36 -27.10
CA ASN F 48 -26.30 -9.05 -25.84
C ASN F 48 -26.46 -7.55 -25.59
N GLY F 49 -27.57 -7.20 -24.95
CA GLY F 49 -27.80 -5.83 -24.50
C GLY F 49 -28.42 -5.93 -23.11
N LEU F 50 -28.75 -4.78 -22.54
CA LEU F 50 -29.30 -4.76 -21.18
C LEU F 50 -30.63 -4.05 -21.13
N ILE F 51 -31.49 -4.52 -20.24
CA ILE F 51 -32.75 -3.86 -19.93
C ILE F 51 -32.78 -3.58 -18.43
N VAL F 52 -33.03 -2.33 -18.07
CA VAL F 52 -33.01 -1.94 -16.66
C VAL F 52 -34.31 -1.28 -16.23
N ARG F 53 -34.94 -1.84 -15.20
CA ARG F 53 -36.14 -1.25 -14.61
C ARG F 53 -35.75 -0.23 -13.53
N ASP F 54 -36.17 1.02 -13.73
CA ASP F 54 -35.88 2.09 -12.78
C ASP F 54 -37.15 2.83 -12.40
N GLY F 55 -37.71 2.48 -11.24
CA GLY F 55 -38.95 3.08 -10.81
C GLY F 55 -40.10 2.66 -11.72
N GLY F 56 -40.76 3.64 -12.33
CA GLY F 56 -41.89 3.36 -13.19
C GLY F 56 -41.54 3.46 -14.66
N ARG F 57 -40.25 3.28 -14.98
CA ARG F 57 -39.79 3.35 -16.35
C ARG F 57 -38.70 2.33 -16.62
N VAL F 58 -38.46 2.05 -17.89
CA VAL F 58 -37.43 1.10 -18.28
C VAL F 58 -36.38 1.80 -19.13
N LEU F 59 -35.12 1.43 -18.93
CA LEU F 59 -34.01 1.99 -19.69
C LEU F 59 -33.35 0.84 -20.46
N VAL F 60 -32.94 1.12 -21.69
CA VAL F 60 -32.37 0.07 -22.55
C VAL F 60 -30.92 0.37 -22.94
N VAL F 61 -30.11 -0.67 -22.99
CA VAL F 61 -28.74 -0.57 -23.47
C VAL F 61 -28.53 -1.45 -24.71
N ASP F 62 -28.29 -0.80 -25.85
CA ASP F 62 -28.08 -1.48 -27.13
C ASP F 62 -29.38 -2.03 -27.73
N THR F 63 -29.46 -1.97 -29.06
CA THR F 63 -30.57 -2.57 -29.79
C THR F 63 -30.22 -4.02 -30.12
N ALA F 64 -31.10 -4.69 -30.85
CA ALA F 64 -30.78 -5.99 -31.42
C ALA F 64 -30.16 -5.78 -32.79
N TRP F 65 -29.91 -6.87 -33.51
CA TRP F 65 -29.32 -6.81 -34.84
C TRP F 65 -30.18 -6.03 -35.83
N THR F 66 -31.50 -6.13 -35.68
CA THR F 66 -32.43 -5.54 -36.64
C THR F 66 -33.56 -4.78 -35.96
N ASP F 67 -34.30 -4.02 -36.76
CA ASP F 67 -35.47 -3.31 -36.29
C ASP F 67 -36.55 -4.31 -35.82
N ASP F 68 -36.75 -5.37 -36.59
CA ASP F 68 -37.73 -6.40 -36.26
C ASP F 68 -37.44 -7.06 -34.91
N GLN F 69 -36.19 -7.43 -34.68
CA GLN F 69 -35.81 -8.04 -33.41
C GLN F 69 -35.97 -7.04 -32.28
N THR F 70 -35.65 -5.78 -32.55
CA THR F 70 -35.72 -4.74 -31.53
C THR F 70 -37.17 -4.48 -31.14
N ALA F 71 -38.05 -4.53 -32.12
CA ALA F 71 -39.49 -4.45 -31.85
C ALA F 71 -39.91 -5.57 -30.90
N GLN F 72 -39.35 -6.76 -31.10
CA GLN F 72 -39.63 -7.91 -30.24
C GLN F 72 -39.15 -7.69 -28.82
N ILE F 73 -38.02 -7.01 -28.66
CA ILE F 73 -37.51 -6.67 -27.34
C ILE F 73 -38.54 -5.80 -26.64
N LEU F 74 -39.07 -4.84 -27.39
CA LEU F 74 -40.08 -3.93 -26.87
C LEU F 74 -41.37 -4.69 -26.53
N ASN F 75 -41.68 -5.69 -27.34
CA ASN F 75 -42.88 -6.50 -27.13
C ASN F 75 -42.75 -7.35 -25.85
N TRP F 76 -41.56 -7.91 -25.63
CA TRP F 76 -41.29 -8.65 -24.41
C TRP F 76 -41.41 -7.75 -23.18
N ILE F 77 -40.86 -6.54 -23.28
CA ILE F 77 -40.90 -5.58 -22.18
C ILE F 77 -42.31 -5.21 -21.78
N LYS F 78 -43.15 -4.91 -22.76
CA LYS F 78 -44.53 -4.53 -22.50
C LYS F 78 -45.25 -5.66 -21.76
N GLN F 79 -44.98 -6.90 -22.16
CA GLN F 79 -45.61 -8.08 -21.58
C GLN F 79 -45.06 -8.42 -20.20
N GLU F 80 -43.74 -8.34 -20.05
CA GLU F 80 -43.07 -8.81 -18.83
C GLU F 80 -42.87 -7.74 -17.76
N ILE F 81 -42.79 -6.48 -18.17
CA ILE F 81 -42.56 -5.40 -17.21
C ILE F 81 -43.74 -4.44 -17.21
N ASN F 82 -44.31 -4.23 -18.39
CA ASN F 82 -45.46 -3.35 -18.56
C ASN F 82 -45.17 -1.97 -17.97
N LEU F 83 -44.00 -1.43 -18.32
CA LEU F 83 -43.64 -0.07 -17.98
C LEU F 83 -43.10 0.65 -19.21
N PRO F 84 -43.26 1.98 -19.27
CA PRO F 84 -42.78 2.74 -20.43
C PRO F 84 -41.27 2.80 -20.51
N VAL F 85 -40.73 2.67 -21.71
CA VAL F 85 -39.29 2.81 -21.94
C VAL F 85 -38.92 4.27 -22.14
N ALA F 86 -38.10 4.81 -21.23
CA ALA F 86 -37.80 6.24 -21.23
C ALA F 86 -36.69 6.60 -22.22
N LEU F 87 -35.64 5.79 -22.27
CA LEU F 87 -34.51 6.08 -23.14
C LEU F 87 -33.66 4.86 -23.42
N ALA F 88 -32.81 4.97 -24.43
CA ALA F 88 -31.88 3.91 -24.77
C ALA F 88 -30.47 4.44 -24.96
N VAL F 89 -29.49 3.64 -24.60
CA VAL F 89 -28.09 3.99 -24.81
C VAL F 89 -27.46 2.93 -25.71
N VAL F 90 -26.81 3.37 -26.77
CA VAL F 90 -26.12 2.48 -27.69
C VAL F 90 -24.61 2.72 -27.59
N THR F 91 -23.85 1.62 -27.61
CA THR F 91 -22.45 1.68 -27.20
C THR F 91 -21.46 1.91 -28.33
N HIS F 92 -21.88 1.67 -29.58
CA HIS F 92 -21.08 2.10 -30.74
C HIS F 92 -21.83 1.85 -32.04
N ALA F 93 -21.26 2.35 -33.14
CA ALA F 93 -21.95 2.37 -34.43
C ALA F 93 -21.71 1.11 -35.26
N HIS F 94 -22.09 -0.05 -34.72
CA HIS F 94 -22.08 -1.30 -35.48
C HIS F 94 -23.47 -1.91 -35.42
N GLN F 95 -23.75 -2.85 -36.32
CA GLN F 95 -25.12 -3.36 -36.46
C GLN F 95 -25.66 -4.05 -35.20
N ASP F 96 -24.81 -4.77 -34.48
CA ASP F 96 -25.31 -5.53 -33.34
C ASP F 96 -25.72 -4.60 -32.20
N LYS F 97 -25.25 -3.36 -32.24
CA LYS F 97 -25.57 -2.41 -31.18
C LYS F 97 -26.59 -1.34 -31.61
N MET F 98 -26.51 -0.90 -32.86
CA MET F 98 -27.38 0.17 -33.36
C MET F 98 -28.27 -0.28 -34.51
N GLY F 99 -28.26 -1.57 -34.80
CA GLY F 99 -29.01 -2.12 -35.92
C GLY F 99 -30.50 -1.83 -35.90
N GLY F 100 -31.06 -1.63 -34.70
CA GLY F 100 -32.49 -1.44 -34.57
C GLY F 100 -32.93 -0.08 -34.07
N MET F 101 -32.17 0.97 -34.38
CA MET F 101 -32.51 2.32 -33.95
C MET F 101 -33.89 2.76 -34.44
N ASP F 102 -34.25 2.35 -35.66
CA ASP F 102 -35.53 2.69 -36.26
C ASP F 102 -36.70 2.25 -35.37
N ALA F 103 -36.59 1.05 -34.82
CA ALA F 103 -37.65 0.49 -33.97
C ALA F 103 -37.83 1.31 -32.70
N LEU F 104 -36.71 1.77 -32.13
CA LEU F 104 -36.77 2.58 -30.92
C LEU F 104 -37.49 3.90 -31.18
N HIS F 105 -37.13 4.55 -32.28
CA HIS F 105 -37.70 5.85 -32.59
C HIS F 105 -39.19 5.74 -32.89
N ALA F 106 -39.59 4.64 -33.53
CA ALA F 106 -41.00 4.38 -33.79
C ALA F 106 -41.80 4.26 -32.48
N ALA F 107 -41.12 3.82 -31.43
CA ALA F 107 -41.79 3.61 -30.14
C ALA F 107 -41.74 4.88 -29.29
N GLY F 108 -41.13 5.93 -29.85
CA GLY F 108 -41.07 7.22 -29.18
C GLY F 108 -40.02 7.27 -28.08
N ILE F 109 -39.02 6.41 -28.17
CA ILE F 109 -37.98 6.33 -27.15
C ILE F 109 -36.79 7.23 -27.48
N ALA F 110 -36.44 8.10 -26.54
CA ALA F 110 -35.30 8.99 -26.70
C ALA F 110 -34.01 8.17 -26.74
N THR F 111 -33.18 8.41 -27.75
CA THR F 111 -31.96 7.64 -27.91
C THR F 111 -30.71 8.50 -27.72
N TYR F 112 -29.71 7.92 -27.07
CA TYR F 112 -28.47 8.62 -26.76
C TYR F 112 -27.30 7.79 -27.23
N ALA F 113 -26.30 8.44 -27.81
CA ALA F 113 -25.07 7.77 -28.20
C ALA F 113 -23.90 8.73 -28.15
N ASN F 114 -22.69 8.18 -28.19
CA ASN F 114 -21.50 8.98 -28.35
C ASN F 114 -21.58 9.85 -29.62
N ALA F 115 -21.22 11.13 -29.48
CA ALA F 115 -21.24 12.05 -30.61
C ALA F 115 -20.48 11.48 -31.81
N LEU F 116 -19.36 10.81 -31.54
CA LEU F 116 -18.60 10.17 -32.60
C LEU F 116 -19.41 9.04 -33.26
N SER F 117 -20.15 8.29 -32.43
CA SER F 117 -20.99 7.22 -32.93
C SER F 117 -22.05 7.78 -33.88
N ASN F 118 -22.66 8.90 -33.49
CA ASN F 118 -23.65 9.56 -34.34
C ASN F 118 -23.02 10.10 -35.61
N GLN F 119 -21.78 10.58 -35.49
CA GLN F 119 -21.07 11.11 -36.64
C GLN F 119 -20.71 9.99 -37.61
N LEU F 120 -20.38 8.82 -37.07
CA LEU F 120 -20.01 7.67 -37.90
C LEU F 120 -21.21 6.91 -38.44
N ALA F 121 -22.36 7.08 -37.81
CA ALA F 121 -23.55 6.26 -38.07
C ALA F 121 -23.87 6.12 -39.57
N PRO F 122 -23.97 7.24 -40.29
CA PRO F 122 -24.28 7.17 -41.74
C PRO F 122 -23.30 6.34 -42.56
N GLN F 123 -22.00 6.48 -42.32
CA GLN F 123 -21.00 5.73 -43.06
C GLN F 123 -21.15 4.22 -42.80
N GLU F 124 -21.61 3.88 -41.60
CA GLU F 124 -21.72 2.49 -41.21
C GLU F 124 -23.09 1.93 -41.59
N GLY F 125 -23.92 2.78 -42.18
CA GLY F 125 -25.26 2.38 -42.59
C GLY F 125 -26.24 2.28 -41.43
N MET F 126 -25.91 2.95 -40.32
CA MET F 126 -26.77 2.94 -39.15
C MET F 126 -27.55 4.25 -39.05
N VAL F 127 -28.67 4.22 -38.35
CA VAL F 127 -29.42 5.42 -38.03
C VAL F 127 -28.87 6.05 -36.76
N ALA F 128 -28.49 7.32 -36.83
CA ALA F 128 -27.91 8.00 -35.69
C ALA F 128 -28.92 8.11 -34.56
N ALA F 129 -28.42 8.20 -33.33
CA ALA F 129 -29.29 8.47 -32.20
C ALA F 129 -29.75 9.92 -32.28
N GLN F 130 -30.78 10.26 -31.53
CA GLN F 130 -31.35 11.61 -31.56
C GLN F 130 -30.58 12.58 -30.67
N HIS F 131 -29.79 12.04 -29.74
CA HIS F 131 -28.97 12.86 -28.83
C HIS F 131 -27.53 12.41 -28.82
N SER F 132 -26.62 13.36 -28.58
CA SER F 132 -25.20 13.07 -28.60
C SER F 132 -24.61 13.19 -27.20
N LEU F 133 -23.85 12.18 -26.80
CA LEU F 133 -23.11 12.23 -25.55
C LEU F 133 -21.70 12.76 -25.80
N THR F 134 -21.21 13.60 -24.89
CA THR F 134 -19.83 14.02 -24.93
C THR F 134 -19.19 13.67 -23.60
N PHE F 135 -17.87 13.59 -23.58
CA PHE F 135 -17.16 13.09 -22.41
C PHE F 135 -16.00 13.99 -22.02
N ALA F 136 -15.68 14.01 -20.73
CA ALA F 136 -14.53 14.77 -20.23
C ALA F 136 -13.23 14.03 -20.56
N ALA F 137 -12.11 14.68 -20.28
CA ALA F 137 -10.80 14.11 -20.54
C ALA F 137 -10.53 12.87 -19.69
N ASN F 138 -11.28 12.71 -18.60
CA ASN F 138 -11.13 11.54 -17.74
C ASN F 138 -12.07 10.39 -18.14
N GLY F 139 -12.89 10.63 -19.15
CA GLY F 139 -13.71 9.59 -19.74
C GLY F 139 -15.16 9.58 -19.30
N TRP F 140 -15.49 10.32 -18.24
CA TRP F 140 -16.87 10.31 -17.75
C TRP F 140 -17.77 11.22 -18.57
N VAL F 141 -19.00 10.76 -18.79
CA VAL F 141 -19.96 11.50 -19.60
C VAL F 141 -20.25 12.85 -18.95
N GLU F 142 -20.42 13.87 -19.78
CA GLU F 142 -20.86 15.18 -19.34
C GLU F 142 -22.32 15.13 -18.93
N PRO F 143 -22.60 15.37 -17.63
CA PRO F 143 -23.96 15.23 -17.08
C PRO F 143 -25.03 16.01 -17.84
N ALA F 144 -24.69 17.16 -18.41
CA ALA F 144 -25.65 17.95 -19.17
C ALA F 144 -26.19 17.17 -20.37
N THR F 145 -25.36 16.31 -20.94
CA THR F 145 -25.74 15.53 -22.10
C THR F 145 -26.45 14.24 -21.74
N ALA F 146 -26.44 13.88 -20.46
CA ALA F 146 -27.09 12.65 -20.01
C ALA F 146 -28.09 12.91 -18.88
N PRO F 147 -29.15 13.68 -19.18
CA PRO F 147 -30.13 14.06 -18.18
C PRO F 147 -31.03 12.91 -17.78
N ASN F 148 -31.18 12.67 -16.48
CA ASN F 148 -32.12 11.69 -15.96
C ASN F 148 -31.81 10.26 -16.43
N PHE F 149 -30.54 9.88 -16.34
CA PHE F 149 -30.11 8.55 -16.74
C PHE F 149 -30.24 7.54 -15.61
N GLY F 150 -30.73 7.99 -14.47
CA GLY F 150 -30.92 7.13 -13.31
C GLY F 150 -29.66 6.44 -12.86
N PRO F 151 -29.70 5.10 -12.75
CA PRO F 151 -28.58 4.26 -12.32
C PRO F 151 -27.50 4.08 -13.38
N LEU F 152 -27.77 4.52 -14.61
CA LEU F 152 -26.83 4.37 -15.70
C LEU F 152 -25.68 5.37 -15.60
N LYS F 153 -24.48 4.84 -15.39
CA LYS F 153 -23.27 5.65 -15.37
C LYS F 153 -22.44 5.38 -16.62
N VAL F 154 -22.40 6.34 -17.52
CA VAL F 154 -21.76 6.16 -18.82
C VAL F 154 -20.29 6.61 -18.81
N PHE F 155 -19.43 5.76 -19.38
CA PHE F 155 -18.00 6.00 -19.36
C PHE F 155 -17.37 5.67 -20.70
N TYR F 156 -16.60 6.60 -21.24
CA TYR F 156 -15.82 6.36 -22.45
C TYR F 156 -14.39 6.01 -22.04
N PRO F 157 -13.98 4.74 -22.26
CA PRO F 157 -12.70 4.25 -21.78
C PRO F 157 -11.55 4.57 -22.74
N GLY F 158 -11.87 5.12 -23.90
CA GLY F 158 -10.88 5.32 -24.94
C GLY F 158 -11.08 4.32 -26.07
N PRO F 159 -10.42 4.56 -27.21
CA PRO F 159 -10.55 3.69 -28.39
C PRO F 159 -10.06 2.27 -28.12
N GLY F 160 -10.78 1.29 -28.65
CA GLY F 160 -10.47 -0.12 -28.44
C GLY F 160 -11.06 -0.96 -29.54
N HIS F 161 -12.22 -1.55 -29.27
CA HIS F 161 -12.98 -2.25 -30.30
C HIS F 161 -13.28 -1.31 -31.47
N THR F 162 -13.72 -0.11 -31.14
CA THR F 162 -13.84 0.96 -32.11
C THR F 162 -13.40 2.26 -31.46
N SER F 163 -13.25 3.31 -32.25
CA SER F 163 -12.84 4.60 -31.72
C SER F 163 -13.93 5.20 -30.83
N ASP F 164 -15.17 4.79 -31.05
CA ASP F 164 -16.30 5.42 -30.37
C ASP F 164 -16.95 4.59 -29.25
N ASN F 165 -16.45 3.38 -29.00
CA ASN F 165 -17.14 2.49 -28.06
C ASN F 165 -17.22 3.05 -26.64
N ILE F 166 -18.41 3.02 -26.06
CA ILE F 166 -18.59 3.41 -24.67
C ILE F 166 -19.12 2.26 -23.83
N THR F 167 -19.09 2.42 -22.52
CA THR F 167 -19.45 1.37 -21.58
C THR F 167 -20.41 1.90 -20.52
N VAL F 168 -21.09 1.00 -19.83
CA VAL F 168 -22.12 1.41 -18.88
C VAL F 168 -22.10 0.57 -17.62
N GLY F 169 -22.04 1.23 -16.48
CA GLY F 169 -22.17 0.56 -15.20
C GLY F 169 -23.54 0.84 -14.63
N ILE F 170 -24.09 -0.11 -13.88
CA ILE F 170 -25.39 0.09 -13.26
C ILE F 170 -25.27 0.36 -11.77
N ASP F 171 -25.49 1.62 -11.40
CA ASP F 171 -25.45 2.07 -10.01
C ASP F 171 -26.39 1.28 -9.11
N GLY F 172 -25.90 0.86 -7.96
CA GLY F 172 -26.71 0.13 -6.99
C GLY F 172 -26.71 -1.35 -7.28
N THR F 173 -25.84 -1.78 -8.20
CA THR F 173 -25.73 -3.18 -8.56
C THR F 173 -24.26 -3.57 -8.76
N ASP F 174 -24.03 -4.86 -9.00
CA ASP F 174 -22.69 -5.37 -9.26
C ASP F 174 -22.42 -5.53 -10.75
N ILE F 175 -23.25 -4.90 -11.57
CA ILE F 175 -23.19 -5.13 -13.02
C ILE F 175 -22.59 -3.97 -13.78
N ALA F 176 -21.72 -4.30 -14.73
CA ALA F 176 -21.18 -3.31 -15.67
C ALA F 176 -21.19 -3.90 -17.08
N PHE F 177 -21.45 -3.06 -18.07
CA PHE F 177 -21.59 -3.53 -19.45
C PHE F 177 -20.46 -2.99 -20.32
N GLY F 178 -19.70 -3.91 -20.91
CA GLY F 178 -18.54 -3.54 -21.70
C GLY F 178 -18.75 -3.60 -23.20
N GLY F 179 -19.92 -4.06 -23.62
CA GLY F 179 -20.23 -4.17 -25.04
C GLY F 179 -19.26 -5.07 -25.78
N CYS F 180 -18.82 -4.63 -26.95
CA CYS F 180 -17.93 -5.44 -27.79
C CYS F 180 -16.46 -5.22 -27.46
N LEU F 181 -16.19 -4.28 -26.57
CA LEU F 181 -14.83 -4.03 -26.09
C LEU F 181 -14.30 -5.24 -25.32
N ILE F 182 -15.14 -5.78 -24.44
CA ILE F 182 -14.76 -6.90 -23.58
C ILE F 182 -15.16 -8.26 -24.13
N LYS F 183 -14.20 -9.19 -24.15
CA LYS F 183 -14.45 -10.59 -24.50
C LYS F 183 -14.36 -11.44 -23.22
N ASP F 184 -14.93 -12.64 -23.25
CA ASP F 184 -14.96 -13.50 -22.06
C ASP F 184 -13.61 -14.16 -21.78
N SER F 185 -13.44 -14.68 -20.56
CA SER F 185 -12.15 -15.19 -20.12
C SER F 185 -11.68 -16.45 -20.86
N LYS F 186 -12.59 -17.13 -21.54
CA LYS F 186 -12.23 -18.31 -22.32
C LYS F 186 -12.03 -18.00 -23.81
N ALA F 187 -12.25 -16.74 -24.19
CA ALA F 187 -12.14 -16.34 -25.59
C ALA F 187 -10.73 -16.50 -26.14
N LYS F 188 -10.64 -16.92 -27.40
CA LYS F 188 -9.35 -17.15 -28.05
C LYS F 188 -8.90 -15.92 -28.84
N SER F 189 -9.84 -15.04 -29.17
CA SER F 189 -9.50 -13.81 -29.87
C SER F 189 -10.42 -12.67 -29.44
N LEU F 190 -10.13 -11.47 -29.94
CA LEU F 190 -10.92 -10.30 -29.62
C LEU F 190 -12.01 -10.04 -30.66
N GLY F 191 -12.20 -11.01 -31.55
CA GLY F 191 -13.26 -10.92 -32.55
C GLY F 191 -12.92 -9.95 -33.66
N ASN F 192 -13.90 -9.12 -34.03
CA ASN F 192 -13.75 -8.17 -35.13
C ASN F 192 -12.89 -6.97 -34.76
N LEU F 193 -11.70 -6.89 -35.33
CA LEU F 193 -10.78 -5.78 -35.08
C LEU F 193 -10.67 -4.85 -36.29
N GLY F 194 -11.59 -4.97 -37.23
CA GLY F 194 -11.56 -4.19 -38.46
C GLY F 194 -11.55 -2.68 -38.22
N ASP F 195 -12.26 -2.24 -37.17
CA ASP F 195 -12.33 -0.83 -36.84
C ASP F 195 -11.62 -0.55 -35.52
N ALA F 196 -10.76 -1.47 -35.12
CA ALA F 196 -10.14 -1.42 -33.80
C ALA F 196 -8.91 -0.52 -33.74
N ASP F 197 -8.67 0.05 -32.57
CA ASP F 197 -7.45 0.79 -32.28
C ASP F 197 -6.52 -0.15 -31.53
N THR F 198 -5.65 -0.83 -32.27
CA THR F 198 -4.83 -1.90 -31.69
C THR F 198 -3.79 -1.39 -30.70
N GLU F 199 -3.37 -0.14 -30.85
CA GLU F 199 -2.38 0.45 -29.96
C GLU F 199 -2.92 0.75 -28.56
N HIS F 200 -4.16 1.21 -28.48
CA HIS F 200 -4.72 1.69 -27.20
C HIS F 200 -5.70 0.71 -26.56
N TYR F 201 -5.99 -0.38 -27.27
CA TYR F 201 -7.02 -1.33 -26.84
C TYR F 201 -6.80 -1.83 -25.39
N ALA F 202 -5.59 -2.27 -25.09
CA ALA F 202 -5.28 -2.82 -23.77
C ALA F 202 -5.56 -1.80 -22.67
N ALA F 203 -5.11 -0.57 -22.89
CA ALA F 203 -5.31 0.51 -21.93
C ALA F 203 -6.79 0.85 -21.75
N SER F 204 -7.55 0.83 -22.83
CA SER F 204 -8.98 1.13 -22.76
C SER F 204 -9.73 0.08 -21.96
N ALA F 205 -9.42 -1.19 -22.24
CA ALA F 205 -10.04 -2.30 -21.52
C ALA F 205 -9.76 -2.16 -20.03
N ARG F 206 -8.52 -1.84 -19.67
CA ARG F 206 -8.15 -1.69 -18.26
C ARG F 206 -8.80 -0.43 -17.66
N ALA F 207 -8.98 0.62 -18.46
CA ALA F 207 -9.63 1.84 -18.00
C ALA F 207 -11.09 1.59 -17.61
N PHE F 208 -11.76 0.73 -18.38
CA PHE F 208 -13.12 0.29 -18.10
C PHE F 208 -13.17 -0.37 -16.73
N GLY F 209 -12.24 -1.30 -16.51
CA GLY F 209 -12.13 -1.99 -15.23
C GLY F 209 -11.92 -1.02 -14.08
N ALA F 210 -11.05 -0.03 -14.28
CA ALA F 210 -10.72 0.94 -13.24
C ALA F 210 -11.87 1.91 -13.00
N ALA F 211 -12.71 2.11 -14.02
CA ALA F 211 -13.87 2.99 -13.92
C ALA F 211 -14.97 2.34 -13.06
N PHE F 212 -15.09 1.02 -13.14
CA PHE F 212 -16.07 0.29 -12.36
C PHE F 212 -15.38 -0.79 -11.54
N PRO F 213 -14.62 -0.37 -10.51
CA PRO F 213 -13.73 -1.26 -9.76
C PRO F 213 -14.45 -2.29 -8.89
N LYS F 214 -15.68 -2.01 -8.49
CA LYS F 214 -16.41 -2.91 -7.60
C LYS F 214 -17.41 -3.81 -8.32
N ALA F 215 -17.60 -3.60 -9.62
CA ALA F 215 -18.47 -4.46 -10.41
C ALA F 215 -17.89 -5.88 -10.49
N SER F 216 -18.70 -6.87 -10.16
CA SER F 216 -18.24 -8.27 -10.16
C SER F 216 -18.89 -9.09 -11.28
N MET F 217 -20.00 -8.61 -11.82
CA MET F 217 -20.61 -9.25 -12.98
C MET F 217 -20.44 -8.40 -14.24
N ILE F 218 -19.68 -8.92 -15.20
CA ILE F 218 -19.39 -8.18 -16.42
C ILE F 218 -20.20 -8.73 -17.59
N VAL F 219 -21.15 -7.94 -18.06
CA VAL F 219 -21.96 -8.28 -19.23
C VAL F 219 -21.28 -7.81 -20.51
N MET F 220 -21.26 -8.68 -21.52
CA MET F 220 -20.65 -8.32 -22.79
C MET F 220 -21.50 -8.75 -23.97
N SER F 221 -21.09 -8.31 -25.16
CA SER F 221 -21.90 -8.47 -26.37
C SER F 221 -22.08 -9.90 -26.84
N HIS F 222 -21.06 -10.73 -26.68
CA HIS F 222 -21.06 -12.04 -27.34
C HIS F 222 -20.73 -13.21 -26.41
N SER F 223 -20.97 -13.03 -25.11
CA SER F 223 -20.79 -14.11 -24.14
C SER F 223 -21.77 -13.94 -23.00
N ALA F 224 -22.08 -15.04 -22.32
CA ALA F 224 -22.86 -14.97 -21.09
C ALA F 224 -22.09 -14.14 -20.08
N PRO F 225 -22.80 -13.51 -19.13
CA PRO F 225 -22.09 -12.70 -18.13
C PRO F 225 -20.94 -13.49 -17.49
N ASP F 226 -19.81 -12.79 -17.29
CA ASP F 226 -18.60 -13.41 -16.80
C ASP F 226 -18.15 -12.65 -15.55
N SER F 227 -17.02 -13.06 -14.99
CA SER F 227 -16.42 -12.32 -13.88
C SER F 227 -15.49 -11.23 -14.42
N ARG F 228 -14.81 -10.54 -13.51
CA ARG F 228 -13.86 -9.50 -13.89
C ARG F 228 -12.70 -10.07 -14.72
N ALA F 229 -12.56 -11.39 -14.68
CA ALA F 229 -11.53 -12.08 -15.46
C ALA F 229 -11.66 -11.76 -16.95
N ALA F 230 -12.89 -11.47 -17.38
CA ALA F 230 -13.13 -11.09 -18.77
C ALA F 230 -12.34 -9.83 -19.10
N ILE F 231 -12.28 -8.92 -18.14
CA ILE F 231 -11.55 -7.66 -18.32
C ILE F 231 -10.05 -7.90 -18.44
N THR F 232 -9.50 -8.66 -17.50
CA THR F 232 -8.06 -8.91 -17.47
C THR F 232 -7.61 -9.73 -18.67
N HIS F 233 -8.40 -10.74 -19.03
CA HIS F 233 -8.09 -11.60 -20.17
C HIS F 233 -8.16 -10.82 -21.47
N THR F 234 -9.11 -9.89 -21.55
CA THR F 234 -9.23 -9.05 -22.74
C THR F 234 -7.99 -8.19 -22.83
N ALA F 235 -7.60 -7.63 -21.68
CA ALA F 235 -6.42 -6.79 -21.58
C ALA F 235 -5.18 -7.53 -22.06
N ARG F 236 -4.98 -8.77 -21.62
CA ARG F 236 -3.79 -9.50 -22.03
C ARG F 236 -3.83 -9.89 -23.50
N MET F 237 -5.01 -10.19 -24.03
CA MET F 237 -5.12 -10.46 -25.46
C MET F 237 -4.78 -9.21 -26.27
N ALA F 238 -5.21 -8.06 -25.77
CA ALA F 238 -4.97 -6.79 -26.43
C ALA F 238 -3.50 -6.40 -26.37
N ASP F 239 -2.83 -6.80 -25.28
CA ASP F 239 -1.39 -6.58 -25.13
C ASP F 239 -0.60 -7.17 -26.31
N LYS F 240 -1.09 -8.28 -26.86
CA LYS F 240 -0.37 -8.96 -27.92
C LYS F 240 -0.52 -8.21 -29.25
N LEU F 241 -1.44 -7.24 -29.29
CA LEU F 241 -1.65 -6.46 -30.49
C LEU F 241 -0.58 -5.38 -30.64
N ARG F 242 0.10 -5.09 -29.54
CA ARG F 242 1.14 -4.06 -29.53
C ARG F 242 2.50 -4.65 -29.86
N ASP G 15 38.41 -5.50 -23.87
CA ASP G 15 37.92 -5.47 -22.49
C ASP G 15 38.27 -4.14 -21.80
N GLN G 16 37.30 -3.58 -21.10
CA GLN G 16 37.52 -2.34 -20.37
C GLN G 16 37.34 -2.58 -18.87
N ARG G 17 38.23 -1.99 -18.07
CA ARG G 17 38.16 -2.15 -16.61
C ARG G 17 37.80 -0.86 -15.87
N PHE G 18 36.88 -0.97 -14.91
CA PHE G 18 36.51 0.14 -14.04
C PHE G 18 36.47 -0.36 -12.60
N GLY G 19 37.48 0.02 -11.80
CA GLY G 19 37.60 -0.52 -10.46
C GLY G 19 37.86 -2.01 -10.55
N ASP G 20 36.97 -2.79 -9.94
CA ASP G 20 37.06 -4.25 -9.96
C ASP G 20 36.15 -4.91 -10.99
N LEU G 21 35.53 -4.10 -11.84
CA LEU G 21 34.63 -4.66 -12.84
C LEU G 21 35.23 -4.63 -14.24
N VAL G 22 34.88 -5.63 -15.03
CA VAL G 22 35.34 -5.77 -16.39
C VAL G 22 34.16 -5.69 -17.34
N PHE G 23 34.34 -4.97 -18.45
CA PHE G 23 33.26 -4.79 -19.41
C PHE G 23 33.69 -5.24 -20.81
N ARG G 24 32.83 -6.03 -21.46
CA ARG G 24 33.12 -6.49 -22.81
C ARG G 24 31.91 -6.27 -23.72
N GLN G 25 32.14 -5.58 -24.84
CA GLN G 25 31.06 -5.31 -25.77
C GLN G 25 30.77 -6.53 -26.63
N LEU G 26 29.49 -6.94 -26.65
CA LEU G 26 29.07 -8.12 -27.39
C LEU G 26 28.41 -7.69 -28.68
N ALA G 27 27.87 -6.48 -28.65
CA ALA G 27 27.19 -5.90 -29.80
C ALA G 27 27.20 -4.39 -29.65
N PRO G 28 26.83 -3.66 -30.73
CA PRO G 28 26.83 -2.20 -30.75
C PRO G 28 26.15 -1.56 -29.54
N ASN G 29 25.09 -2.20 -29.04
CA ASN G 29 24.30 -1.65 -27.95
C ASN G 29 24.28 -2.57 -26.73
N VAL G 30 25.22 -3.51 -26.67
CA VAL G 30 25.22 -4.50 -25.61
C VAL G 30 26.62 -4.74 -25.03
N TRP G 31 26.71 -4.69 -23.69
CA TRP G 31 27.94 -5.01 -22.98
C TRP G 31 27.69 -6.10 -21.95
N GLN G 32 28.72 -6.90 -21.70
CA GLN G 32 28.71 -7.84 -20.57
C GLN G 32 29.52 -7.24 -19.43
N HIS G 33 28.96 -7.21 -18.22
CA HIS G 33 29.75 -6.77 -17.08
C HIS G 33 30.14 -7.99 -16.26
N THR G 34 31.37 -7.96 -15.75
CA THR G 34 31.89 -9.09 -15.01
C THR G 34 32.53 -8.63 -13.71
N SER G 35 32.13 -9.29 -12.62
CA SER G 35 32.70 -9.04 -11.31
C SER G 35 33.12 -10.36 -10.67
N TYR G 36 34.02 -10.30 -9.71
CA TYR G 36 34.59 -11.50 -9.13
C TYR G 36 34.40 -11.54 -7.63
N LEU G 37 34.16 -12.73 -7.10
CA LEU G 37 34.13 -12.93 -5.66
C LEU G 37 35.05 -14.08 -5.32
N ASP G 38 35.96 -13.84 -4.38
CA ASP G 38 36.86 -14.89 -3.93
C ASP G 38 36.20 -15.68 -2.81
N MET G 39 35.88 -16.94 -3.09
CA MET G 39 35.37 -17.83 -2.06
C MET G 39 36.45 -18.78 -1.58
N PRO G 40 36.95 -18.54 -0.36
CA PRO G 40 38.03 -19.30 0.29
C PRO G 40 37.82 -20.82 0.22
N GLY G 41 38.82 -21.52 -0.32
CA GLY G 41 38.74 -22.96 -0.45
C GLY G 41 38.31 -23.38 -1.84
N PHE G 42 37.84 -22.41 -2.63
CA PHE G 42 37.33 -22.72 -3.96
C PHE G 42 37.89 -21.84 -5.09
N GLY G 43 38.50 -20.71 -4.74
CA GLY G 43 39.07 -19.86 -5.76
C GLY G 43 38.12 -18.77 -6.22
N ALA G 44 38.52 -18.05 -7.26
CA ALA G 44 37.76 -16.89 -7.73
C ALA G 44 36.62 -17.27 -8.67
N VAL G 45 35.44 -16.71 -8.41
CA VAL G 45 34.28 -16.96 -9.24
C VAL G 45 33.82 -15.69 -9.95
N ALA G 46 33.70 -15.77 -11.27
CA ALA G 46 33.20 -14.65 -12.08
C ALA G 46 31.68 -14.68 -12.18
N SER G 47 31.07 -13.50 -12.29
CA SER G 47 29.63 -13.42 -12.48
C SER G 47 29.30 -12.38 -13.54
N ASN G 48 28.52 -12.78 -14.54
CA ASN G 48 28.22 -11.93 -15.68
C ASN G 48 26.81 -11.35 -15.66
N GLY G 49 26.69 -10.12 -16.12
CA GLY G 49 25.40 -9.48 -16.32
C GLY G 49 25.46 -8.73 -17.63
N LEU G 50 24.38 -8.04 -17.97
CA LEU G 50 24.33 -7.33 -19.25
C LEU G 50 24.01 -5.86 -19.06
N ILE G 51 24.54 -5.05 -19.96
CA ILE G 51 24.19 -3.64 -20.04
C ILE G 51 23.68 -3.41 -21.46
N VAL G 52 22.48 -2.86 -21.57
CA VAL G 52 21.85 -2.67 -22.86
C VAL G 52 21.46 -1.22 -23.08
N ARG G 53 21.98 -0.63 -24.16
CA ARG G 53 21.60 0.72 -24.55
C ARG G 53 20.37 0.70 -25.45
N ASP G 54 19.32 1.38 -25.02
CA ASP G 54 18.09 1.46 -25.81
C ASP G 54 17.65 2.91 -25.99
N GLY G 55 17.97 3.48 -27.14
CA GLY G 55 17.67 4.88 -27.41
C GLY G 55 18.49 5.81 -26.53
N GLY G 56 17.80 6.62 -25.74
CA GLY G 56 18.46 7.59 -24.88
C GLY G 56 18.49 7.15 -23.43
N ARG G 57 18.40 5.85 -23.20
CA ARG G 57 18.42 5.29 -21.87
C ARG G 57 19.16 3.96 -21.83
N VAL G 58 19.52 3.52 -20.62
CA VAL G 58 20.24 2.27 -20.43
C VAL G 58 19.46 1.28 -19.56
N LEU G 59 19.57 -0.01 -19.91
CA LEU G 59 18.91 -1.07 -19.14
C LEU G 59 19.95 -2.04 -18.58
N VAL G 60 19.75 -2.48 -17.34
CA VAL G 60 20.72 -3.37 -16.71
C VAL G 60 20.10 -4.72 -16.34
N VAL G 61 20.87 -5.79 -16.55
CA VAL G 61 20.45 -7.13 -16.14
C VAL G 61 21.40 -7.74 -15.12
N ASP G 62 20.88 -7.97 -13.91
CA ASP G 62 21.63 -8.56 -12.80
C ASP G 62 22.61 -7.57 -12.16
N THR G 63 22.77 -7.67 -10.85
CA THR G 63 23.77 -6.86 -10.16
C THR G 63 25.09 -7.60 -10.11
N ALA G 64 26.09 -6.99 -9.47
CA ALA G 64 27.35 -7.66 -9.19
C ALA G 64 27.23 -8.35 -7.84
N TRP G 65 28.33 -8.92 -7.36
CA TRP G 65 28.30 -9.62 -6.07
C TRP G 65 27.91 -8.70 -4.91
N THR G 66 28.34 -7.46 -4.97
CA THR G 66 28.13 -6.52 -3.86
C THR G 66 27.63 -5.16 -4.33
N ASP G 67 27.21 -4.33 -3.37
CA ASP G 67 26.78 -2.97 -3.64
C ASP G 67 27.93 -2.15 -4.21
N ASP G 68 29.12 -2.30 -3.63
CA ASP G 68 30.29 -1.57 -4.09
C ASP G 68 30.61 -1.88 -5.55
N GLN G 69 30.59 -3.16 -5.91
CA GLN G 69 30.84 -3.55 -7.29
C GLN G 69 29.75 -3.03 -8.21
N THR G 70 28.52 -3.03 -7.73
CA THR G 70 27.39 -2.57 -8.53
C THR G 70 27.43 -1.07 -8.77
N ALA G 71 27.85 -0.32 -7.74
CA ALA G 71 28.04 1.11 -7.88
C ALA G 71 29.05 1.40 -8.99
N GLN G 72 30.07 0.56 -9.07
CA GLN G 72 31.08 0.71 -10.11
C GLN G 72 30.47 0.50 -11.50
N ILE G 73 29.48 -0.38 -11.60
CA ILE G 73 28.77 -0.58 -12.86
C ILE G 73 28.09 0.70 -13.32
N LEU G 74 27.40 1.36 -12.39
CA LEU G 74 26.66 2.58 -12.70
C LEU G 74 27.56 3.76 -13.08
N ASN G 75 28.68 3.90 -12.39
CA ASN G 75 29.65 4.95 -12.70
C ASN G 75 30.35 4.73 -14.03
N TRP G 76 30.68 3.47 -14.31
CA TRP G 76 31.24 3.15 -15.62
C TRP G 76 30.25 3.47 -16.73
N ILE G 77 28.98 3.15 -16.49
CA ILE G 77 27.94 3.46 -17.46
C ILE G 77 27.83 4.97 -17.71
N LYS G 78 27.83 5.73 -16.62
CA LYS G 78 27.79 7.19 -16.70
C LYS G 78 28.97 7.74 -17.50
N GLN G 79 30.14 7.17 -17.24
CA GLN G 79 31.38 7.61 -17.86
C GLN G 79 31.51 7.19 -19.32
N GLU G 80 31.14 5.95 -19.64
CA GLU G 80 31.35 5.39 -20.97
C GLU G 80 30.16 5.54 -21.92
N ILE G 81 28.96 5.64 -21.36
CA ILE G 81 27.75 5.70 -22.17
C ILE G 81 27.05 7.04 -21.98
N ASN G 82 27.11 7.54 -20.75
CA ASN G 82 26.52 8.83 -20.40
C ASN G 82 25.05 8.92 -20.80
N LEU G 83 24.30 7.87 -20.46
CA LEU G 83 22.85 7.91 -20.57
C LEU G 83 22.30 7.40 -19.26
N PRO G 84 21.10 7.87 -18.87
CA PRO G 84 20.50 7.47 -17.60
C PRO G 84 20.05 6.02 -17.60
N VAL G 85 20.26 5.33 -16.47
CA VAL G 85 19.79 3.96 -16.32
C VAL G 85 18.33 3.97 -15.91
N ALA G 86 17.48 3.45 -16.78
CA ALA G 86 16.04 3.54 -16.57
C ALA G 86 15.54 2.46 -15.62
N LEU G 87 16.05 1.23 -15.78
CA LEU G 87 15.58 0.13 -14.95
C LEU G 87 16.57 -1.03 -14.94
N ALA G 88 16.39 -1.94 -14.00
CA ALA G 88 17.21 -3.15 -13.92
C ALA G 88 16.35 -4.39 -13.71
N VAL G 89 16.78 -5.50 -14.30
CA VAL G 89 16.11 -6.79 -14.12
C VAL G 89 17.08 -7.79 -13.51
N VAL G 90 16.68 -8.44 -12.43
CA VAL G 90 17.51 -9.45 -11.78
C VAL G 90 16.86 -10.83 -11.96
N THR G 91 17.67 -11.85 -12.22
CA THR G 91 17.15 -13.12 -12.73
C THR G 91 16.81 -14.18 -11.66
N HIS G 92 17.35 -14.03 -10.45
CA HIS G 92 16.85 -14.82 -9.32
C HIS G 92 17.50 -14.39 -8.00
N ALA G 93 17.00 -14.93 -6.90
CA ALA G 93 17.35 -14.43 -5.57
C ALA G 93 18.59 -15.10 -4.97
N HIS G 94 19.73 -14.98 -5.65
CA HIS G 94 21.01 -15.40 -5.09
C HIS G 94 21.99 -14.22 -5.14
N GLN G 95 23.08 -14.31 -4.38
CA GLN G 95 23.98 -13.17 -4.21
C GLN G 95 24.59 -12.64 -5.49
N ASP G 96 24.94 -13.53 -6.42
CA ASP G 96 25.62 -13.10 -7.63
C ASP G 96 24.70 -12.29 -8.55
N LYS G 97 23.39 -12.42 -8.35
CA LYS G 97 22.42 -11.71 -9.18
C LYS G 97 21.77 -10.53 -8.45
N MET G 98 21.53 -10.69 -7.15
CA MET G 98 20.81 -9.68 -6.37
C MET G 98 21.66 -9.09 -5.25
N GLY G 99 22.92 -9.48 -5.19
CA GLY G 99 23.80 -9.05 -4.11
C GLY G 99 23.91 -7.54 -3.99
N GLY G 100 23.74 -6.82 -5.09
CA GLY G 100 23.97 -5.37 -5.09
C GLY G 100 22.73 -4.53 -5.32
N MET G 101 21.58 -5.04 -4.87
CA MET G 101 20.30 -4.34 -5.02
C MET G 101 20.26 -2.97 -4.34
N ASP G 102 20.92 -2.86 -3.18
CA ASP G 102 20.97 -1.60 -2.44
C ASP G 102 21.58 -0.47 -3.29
N ALA G 103 22.61 -0.80 -4.05
CA ALA G 103 23.27 0.17 -4.92
C ALA G 103 22.33 0.72 -5.99
N LEU G 104 21.48 -0.15 -6.53
CA LEU G 104 20.54 0.28 -7.56
C LEU G 104 19.55 1.29 -6.99
N HIS G 105 18.99 0.97 -5.82
CA HIS G 105 17.98 1.82 -5.20
C HIS G 105 18.56 3.15 -4.75
N ALA G 106 19.80 3.13 -4.29
CA ALA G 106 20.48 4.36 -3.92
C ALA G 106 20.62 5.29 -5.12
N ALA G 107 20.72 4.71 -6.31
CA ALA G 107 20.91 5.47 -7.54
C ALA G 107 19.58 5.81 -8.22
N GLY G 108 18.48 5.42 -7.59
CA GLY G 108 17.16 5.77 -8.08
C GLY G 108 16.71 4.96 -9.28
N ILE G 109 17.25 3.75 -9.40
CA ILE G 109 16.91 2.87 -10.52
C ILE G 109 15.76 1.93 -10.16
N ALA G 110 14.71 1.94 -10.99
CA ALA G 110 13.56 1.07 -10.78
C ALA G 110 13.99 -0.37 -10.99
N THR G 111 13.69 -1.23 -10.01
CA THR G 111 14.14 -2.61 -10.09
C THR G 111 12.98 -3.57 -10.24
N TYR G 112 13.20 -4.61 -11.05
CA TYR G 112 12.17 -5.58 -11.37
C TYR G 112 12.69 -6.99 -11.16
N ALA G 113 11.85 -7.85 -10.60
CA ALA G 113 12.20 -9.25 -10.46
C ALA G 113 10.95 -10.13 -10.48
N ASN G 114 11.16 -11.41 -10.68
CA ASN G 114 10.10 -12.40 -10.53
C ASN G 114 9.49 -12.29 -9.13
N ALA G 115 8.16 -12.30 -9.05
CA ALA G 115 7.45 -12.22 -7.78
C ALA G 115 7.98 -13.27 -6.78
N LEU G 116 8.27 -14.46 -7.30
CA LEU G 116 8.85 -15.53 -6.49
C LEU G 116 10.25 -15.18 -5.97
N SER G 117 11.04 -14.51 -6.80
CA SER G 117 12.36 -14.04 -6.35
C SER G 117 12.22 -13.04 -5.20
N ASN G 118 11.27 -12.12 -5.32
CA ASN G 118 11.01 -11.15 -4.27
C ASN G 118 10.47 -11.81 -3.00
N GLN G 119 9.69 -12.87 -3.18
CA GLN G 119 9.16 -13.60 -2.04
C GLN G 119 10.27 -14.36 -1.32
N LEU G 120 11.21 -14.88 -2.10
CA LEU G 120 12.32 -15.66 -1.55
C LEU G 120 13.46 -14.81 -1.01
N ALA G 121 13.57 -13.57 -1.48
CA ALA G 121 14.72 -12.71 -1.21
C ALA G 121 15.11 -12.62 0.27
N PRO G 122 14.16 -12.27 1.15
CA PRO G 122 14.44 -12.15 2.59
C PRO G 122 15.02 -13.43 3.19
N GLN G 123 14.47 -14.58 2.82
CA GLN G 123 14.98 -15.84 3.33
C GLN G 123 16.41 -16.07 2.85
N GLU G 124 16.72 -15.55 1.66
CA GLU G 124 18.03 -15.74 1.07
C GLU G 124 19.00 -14.63 1.47
N GLY G 125 18.52 -13.67 2.27
CA GLY G 125 19.33 -12.54 2.70
C GLY G 125 19.54 -11.48 1.64
N MET G 126 18.66 -11.44 0.65
CA MET G 126 18.75 -10.44 -0.41
C MET G 126 17.73 -9.32 -0.20
N VAL G 127 18.00 -8.17 -0.80
CA VAL G 127 17.01 -7.09 -0.84
C VAL G 127 16.09 -7.25 -2.04
N ALA G 128 14.79 -7.30 -1.78
CA ALA G 128 13.81 -7.51 -2.84
C ALA G 128 13.76 -6.35 -3.83
N ALA G 129 13.33 -6.64 -5.06
CA ALA G 129 13.12 -5.61 -6.06
C ALA G 129 11.90 -4.77 -5.70
N GLN G 130 11.76 -3.62 -6.35
CA GLN G 130 10.66 -2.71 -6.07
C GLN G 130 9.39 -3.11 -6.82
N HIS G 131 9.55 -3.89 -7.87
CA HIS G 131 8.43 -4.35 -8.68
C HIS G 131 8.54 -5.85 -8.95
N SER G 132 7.38 -6.48 -9.13
CA SER G 132 7.33 -7.92 -9.36
C SER G 132 6.88 -8.25 -10.77
N LEU G 133 7.60 -9.16 -11.43
CA LEU G 133 7.20 -9.67 -12.72
C LEU G 133 6.36 -10.92 -12.51
N THR G 134 5.30 -11.08 -13.30
CA THR G 134 4.53 -12.32 -13.29
C THR G 134 4.48 -12.90 -14.70
N PHE G 135 4.20 -14.19 -14.81
CA PHE G 135 4.32 -14.88 -16.09
C PHE G 135 3.11 -15.74 -16.43
N ALA G 136 2.84 -15.86 -17.73
CA ALA G 136 1.78 -16.74 -18.21
C ALA G 136 2.24 -18.20 -18.17
N ALA G 137 1.33 -19.11 -18.46
CA ALA G 137 1.61 -20.53 -18.45
C ALA G 137 2.60 -20.95 -19.53
N ASN G 138 2.78 -20.14 -20.57
CA ASN G 138 3.73 -20.50 -21.61
C ASN G 138 5.11 -19.95 -21.29
N GLY G 139 5.21 -19.21 -20.19
CA GLY G 139 6.49 -18.77 -19.68
C GLY G 139 6.83 -17.32 -19.99
N TRP G 140 6.10 -16.72 -20.93
CA TRP G 140 6.40 -15.35 -21.31
C TRP G 140 5.84 -14.36 -20.31
N VAL G 141 6.63 -13.33 -20.03
CA VAL G 141 6.28 -12.33 -19.05
C VAL G 141 5.00 -11.59 -19.45
N GLU G 142 4.16 -11.29 -18.47
CA GLU G 142 3.00 -10.43 -18.69
C GLU G 142 3.47 -9.00 -18.92
N PRO G 143 3.22 -8.47 -20.14
CA PRO G 143 3.72 -7.16 -20.54
C PRO G 143 3.33 -6.05 -19.56
N ALA G 144 2.16 -6.16 -18.95
CA ALA G 144 1.70 -5.17 -17.98
C ALA G 144 2.65 -5.07 -16.77
N THR G 145 3.26 -6.17 -16.39
CA THR G 145 4.18 -6.19 -15.25
C THR G 145 5.59 -5.80 -15.69
N ALA G 146 5.79 -5.72 -17.00
CA ALA G 146 7.09 -5.37 -17.55
C ALA G 146 6.95 -4.16 -18.47
N PRO G 147 6.55 -3.02 -17.90
CA PRO G 147 6.29 -1.81 -18.69
C PRO G 147 7.56 -1.18 -19.24
N ASN G 148 7.57 -0.91 -20.54
CA ASN G 148 8.66 -0.17 -21.16
C ASN G 148 10.00 -0.89 -21.04
N PHE G 149 10.00 -2.20 -21.32
CA PHE G 149 11.21 -2.99 -21.24
C PHE G 149 12.02 -2.96 -22.53
N GLY G 150 11.51 -2.24 -23.53
CA GLY G 150 12.21 -2.10 -24.80
C GLY G 150 12.55 -3.43 -25.45
N PRO G 151 13.84 -3.61 -25.79
CA PRO G 151 14.34 -4.82 -26.46
C PRO G 151 14.43 -6.05 -25.54
N LEU G 152 14.24 -5.87 -24.24
CA LEU G 152 14.29 -7.00 -23.30
C LEU G 152 13.04 -7.85 -23.34
N LYS G 153 13.18 -9.10 -23.76
CA LYS G 153 12.08 -10.05 -23.74
C LYS G 153 12.31 -11.08 -22.63
N VAL G 154 11.53 -10.98 -21.57
CA VAL G 154 11.75 -11.81 -20.38
C VAL G 154 10.93 -13.10 -20.42
N PHE G 155 11.59 -14.21 -20.11
CA PHE G 155 10.97 -15.52 -20.21
C PHE G 155 11.28 -16.39 -19.01
N TYR G 156 10.23 -16.94 -18.39
CA TYR G 156 10.39 -17.89 -17.29
C TYR G 156 10.26 -19.31 -17.84
N PRO G 157 11.36 -20.06 -17.85
CA PRO G 157 11.43 -21.39 -18.47
C PRO G 157 10.93 -22.52 -17.57
N GLY G 158 10.62 -22.22 -16.32
CA GLY G 158 10.29 -23.26 -15.36
C GLY G 158 11.44 -23.45 -14.40
N PRO G 159 11.21 -24.18 -13.30
CA PRO G 159 12.24 -24.40 -12.27
C PRO G 159 13.44 -25.18 -12.80
N GLY G 160 14.63 -24.78 -12.36
CA GLY G 160 15.86 -25.43 -12.78
C GLY G 160 16.95 -25.19 -11.76
N HIS G 161 17.81 -24.21 -12.02
CA HIS G 161 18.82 -23.79 -11.06
C HIS G 161 18.13 -23.34 -9.76
N THR G 162 17.06 -22.57 -9.91
CA THR G 162 16.19 -22.26 -8.79
C THR G 162 14.73 -22.27 -9.27
N SER G 163 13.80 -22.23 -8.33
CA SER G 163 12.38 -22.22 -8.67
C SER G 163 11.99 -20.94 -9.39
N ASP G 164 12.77 -19.89 -9.17
CA ASP G 164 12.41 -18.55 -9.63
C ASP G 164 13.21 -18.01 -10.82
N ASN G 165 14.19 -18.76 -11.32
CA ASN G 165 15.10 -18.22 -12.32
C ASN G 165 14.39 -17.81 -13.62
N ILE G 166 14.68 -16.59 -14.08
CA ILE G 166 14.16 -16.11 -15.34
C ILE G 166 15.33 -15.80 -16.29
N THR G 167 15.00 -15.61 -17.56
CA THR G 167 15.99 -15.43 -18.60
C THR G 167 15.59 -14.24 -19.47
N VAL G 168 16.53 -13.74 -20.26
CA VAL G 168 16.28 -12.54 -21.05
C VAL G 168 16.87 -12.63 -22.44
N GLY G 169 16.03 -12.37 -23.44
CA GLY G 169 16.48 -12.27 -24.81
C GLY G 169 16.53 -10.80 -25.18
N ILE G 170 17.45 -10.45 -26.06
CA ILE G 170 17.56 -9.07 -26.53
C ILE G 170 17.06 -8.91 -27.97
N ASP G 171 15.92 -8.24 -28.13
CA ASP G 171 15.39 -7.96 -29.46
C ASP G 171 16.39 -7.24 -30.34
N GLY G 172 16.52 -7.69 -31.58
CA GLY G 172 17.41 -7.06 -32.54
C GLY G 172 18.83 -7.59 -32.48
N THR G 173 19.02 -8.67 -31.71
CA THR G 173 20.34 -9.28 -31.62
C THR G 173 20.25 -10.80 -31.60
N ASP G 174 21.40 -11.45 -31.64
CA ASP G 174 21.48 -12.91 -31.58
C ASP G 174 21.78 -13.36 -30.15
N ILE G 175 21.57 -12.45 -29.20
CA ILE G 175 22.02 -12.69 -27.84
C ILE G 175 20.86 -13.04 -26.91
N ALA G 176 21.08 -14.08 -26.11
CA ALA G 176 20.14 -14.45 -25.05
C ALA G 176 20.91 -14.75 -23.78
N PHE G 177 20.32 -14.40 -22.64
CA PHE G 177 20.98 -14.52 -21.36
C PHE G 177 20.32 -15.59 -20.52
N GLY G 178 21.07 -16.63 -20.16
CA GLY G 178 20.50 -17.76 -19.43
C GLY G 178 20.80 -17.74 -17.94
N GLY G 179 21.57 -16.75 -17.49
CA GLY G 179 21.91 -16.64 -16.09
C GLY G 179 22.60 -17.87 -15.56
N CYS G 180 22.19 -18.34 -14.38
CA CYS G 180 22.80 -19.50 -13.75
C CYS G 180 22.15 -20.81 -14.18
N LEU G 181 21.04 -20.73 -14.91
CA LEU G 181 20.37 -21.92 -15.41
C LEU G 181 21.26 -22.63 -16.43
N ILE G 182 21.84 -21.84 -17.34
CA ILE G 182 22.66 -22.38 -18.41
C ILE G 182 24.14 -22.36 -18.06
N LYS G 183 24.79 -23.51 -18.23
CA LYS G 183 26.24 -23.66 -18.09
C LYS G 183 26.88 -23.80 -19.45
N ASP G 184 28.18 -23.55 -19.53
CA ASP G 184 28.87 -23.61 -20.83
C ASP G 184 29.09 -25.05 -21.26
N SER G 185 29.39 -25.24 -22.54
CA SER G 185 29.49 -26.56 -23.14
C SER G 185 30.64 -27.39 -22.57
N LYS G 186 31.58 -26.73 -21.90
CA LYS G 186 32.72 -27.42 -21.31
C LYS G 186 32.54 -27.74 -19.82
N ALA G 187 31.44 -27.29 -19.23
CA ALA G 187 31.18 -27.48 -17.80
C ALA G 187 31.08 -28.96 -17.42
N LYS G 188 31.60 -29.31 -16.25
CA LYS G 188 31.59 -30.69 -15.78
C LYS G 188 30.37 -30.97 -14.92
N SER G 189 29.78 -29.91 -14.37
CA SER G 189 28.61 -30.04 -13.52
C SER G 189 27.68 -28.84 -13.67
N LEU G 190 26.53 -28.91 -13.00
CA LEU G 190 25.55 -27.85 -13.07
C LEU G 190 25.73 -26.82 -11.96
N GLY G 191 26.84 -26.92 -11.25
CA GLY G 191 27.18 -25.98 -10.19
C GLY G 191 26.35 -26.18 -8.94
N ASN G 192 25.89 -25.07 -8.35
CA ASN G 192 25.13 -25.15 -7.11
C ASN G 192 23.71 -25.66 -7.37
N LEU G 193 23.43 -26.87 -6.90
CA LEU G 193 22.12 -27.47 -7.05
C LEU G 193 21.38 -27.45 -5.71
N GLY G 194 21.88 -26.62 -4.80
CA GLY G 194 21.32 -26.52 -3.47
C GLY G 194 19.87 -26.09 -3.45
N ASP G 195 19.49 -25.20 -4.36
CA ASP G 195 18.12 -24.72 -4.45
C ASP G 195 17.44 -25.18 -5.74
N ALA G 196 18.01 -26.20 -6.37
CA ALA G 196 17.59 -26.59 -7.71
C ALA G 196 16.39 -27.54 -7.74
N ASP G 197 15.62 -27.46 -8.82
CA ASP G 197 14.56 -28.41 -9.10
C ASP G 197 15.12 -29.41 -10.12
N THR G 198 15.71 -30.48 -9.61
CA THR G 198 16.45 -31.44 -10.44
C THR G 198 15.55 -32.24 -11.37
N GLU G 199 14.29 -32.36 -11.02
CA GLU G 199 13.31 -33.08 -11.83
C GLU G 199 12.98 -32.31 -13.12
N HIS G 200 12.89 -30.99 -13.02
CA HIS G 200 12.42 -30.17 -14.13
C HIS G 200 13.52 -29.39 -14.84
N TYR G 201 14.73 -29.47 -14.31
CA TYR G 201 15.85 -28.68 -14.81
C TYR G 201 16.07 -28.88 -16.31
N ALA G 202 16.13 -30.13 -16.75
CA ALA G 202 16.38 -30.44 -18.15
C ALA G 202 15.33 -29.80 -19.06
N ALA G 203 14.06 -29.94 -18.68
CA ALA G 203 12.96 -29.36 -19.45
C ALA G 203 13.05 -27.84 -19.49
N SER G 204 13.46 -27.25 -18.36
CA SER G 204 13.58 -25.80 -18.28
C SER G 204 14.68 -25.27 -19.19
N ALA G 205 15.83 -25.94 -19.17
CA ALA G 205 16.94 -25.58 -20.04
C ALA G 205 16.54 -25.62 -21.51
N ARG G 206 15.83 -26.70 -21.90
CA ARG G 206 15.42 -26.84 -23.29
C ARG G 206 14.34 -25.82 -23.63
N ALA G 207 13.51 -25.45 -22.65
CA ALA G 207 12.48 -24.45 -22.87
C ALA G 207 13.08 -23.10 -23.19
N PHE G 208 14.18 -22.77 -22.52
CA PHE G 208 14.92 -21.54 -22.77
C PHE G 208 15.41 -21.48 -24.21
N GLY G 209 16.02 -22.57 -24.66
CA GLY G 209 16.49 -22.70 -26.02
C GLY G 209 15.40 -22.50 -27.05
N ALA G 210 14.23 -23.08 -26.80
CA ALA G 210 13.11 -22.99 -27.73
C ALA G 210 12.43 -21.62 -27.71
N ALA G 211 12.54 -20.92 -26.59
CA ALA G 211 11.96 -19.59 -26.45
C ALA G 211 12.73 -18.58 -27.28
N PHE G 212 14.05 -18.79 -27.38
CA PHE G 212 14.91 -17.93 -28.19
C PHE G 212 15.65 -18.79 -29.21
N PRO G 213 14.91 -19.29 -30.22
CA PRO G 213 15.40 -20.29 -31.17
C PRO G 213 16.47 -19.75 -32.11
N LYS G 214 16.47 -18.44 -32.30
CA LYS G 214 17.39 -17.80 -33.24
C LYS G 214 18.63 -17.20 -32.57
N ALA G 215 18.67 -17.20 -31.24
CA ALA G 215 19.85 -16.72 -30.53
C ALA G 215 21.05 -17.62 -30.77
N SER G 216 22.17 -17.04 -31.19
CA SER G 216 23.37 -17.80 -31.47
C SER G 216 24.46 -17.51 -30.45
N MET G 217 24.33 -16.40 -29.73
CA MET G 217 25.25 -16.08 -28.65
C MET G 217 24.56 -16.21 -27.30
N ILE G 218 25.02 -17.17 -26.50
CA ILE G 218 24.41 -17.43 -25.20
C ILE G 218 25.30 -16.86 -24.09
N VAL G 219 24.83 -15.80 -23.44
CA VAL G 219 25.55 -15.24 -22.31
C VAL G 219 25.06 -15.94 -21.04
N MET G 220 25.99 -16.29 -20.15
CA MET G 220 25.63 -16.95 -18.91
C MET G 220 26.40 -16.37 -17.73
N SER G 221 26.02 -16.78 -16.52
CA SER G 221 26.51 -16.15 -15.30
C SER G 221 28.00 -16.37 -15.02
N HIS G 222 28.52 -17.54 -15.35
CA HIS G 222 29.87 -17.88 -14.87
C HIS G 222 30.80 -18.37 -15.98
N SER G 223 30.52 -18.00 -17.22
CA SER G 223 31.39 -18.35 -18.33
C SER G 223 31.31 -17.28 -19.41
N ALA G 224 32.34 -17.22 -20.23
CA ALA G 224 32.32 -16.37 -21.41
C ALA G 224 31.18 -16.80 -22.33
N PRO G 225 30.68 -15.86 -23.15
CA PRO G 225 29.58 -16.18 -24.07
C PRO G 225 29.87 -17.43 -24.88
N ASP G 226 28.88 -18.27 -25.08
CA ASP G 226 29.08 -19.53 -25.80
C ASP G 226 28.06 -19.61 -26.92
N SER G 227 28.11 -20.68 -27.71
CA SER G 227 27.09 -20.95 -28.72
C SER G 227 25.94 -21.75 -28.09
N ARG G 228 24.99 -22.17 -28.91
CA ARG G 228 23.85 -22.94 -28.43
C ARG G 228 24.26 -24.26 -27.80
N ALA G 229 25.51 -24.67 -28.01
CA ALA G 229 26.03 -25.89 -27.41
C ALA G 229 25.91 -25.89 -25.89
N ALA G 230 25.99 -24.70 -25.30
CA ALA G 230 25.83 -24.54 -23.85
C ALA G 230 24.43 -24.94 -23.37
N ILE G 231 23.42 -24.57 -24.15
CA ILE G 231 22.03 -24.88 -23.83
C ILE G 231 21.84 -26.38 -23.86
N THR G 232 22.30 -26.94 -24.97
CA THR G 232 22.18 -28.34 -25.29
C THR G 232 23.03 -29.19 -24.32
N HIS G 233 24.21 -28.68 -23.96
CA HIS G 233 25.09 -29.38 -23.00
C HIS G 233 24.50 -29.43 -21.59
N THR G 234 23.86 -28.33 -21.20
CA THR G 234 23.20 -28.21 -19.91
C THR G 234 22.01 -29.15 -19.79
N ALA G 235 21.18 -29.18 -20.84
CA ALA G 235 20.03 -30.06 -20.87
C ALA G 235 20.47 -31.52 -20.68
N ARG G 236 21.52 -31.98 -21.36
CA ARG G 236 21.94 -33.37 -21.18
C ARG G 236 22.57 -33.63 -19.82
N MET G 237 23.23 -32.64 -19.23
CA MET G 237 23.73 -32.84 -17.87
C MET G 237 22.55 -33.00 -16.92
N ALA G 238 21.50 -32.21 -17.18
CA ALA G 238 20.31 -32.22 -16.35
C ALA G 238 19.51 -33.51 -16.52
N ASP G 239 19.54 -34.08 -17.72
CA ASP G 239 18.87 -35.36 -17.98
C ASP G 239 19.37 -36.43 -17.02
N LYS G 240 20.65 -36.36 -16.66
CA LYS G 240 21.29 -37.36 -15.82
C LYS G 240 20.96 -37.18 -14.33
N LEU G 241 20.36 -36.05 -13.98
CA LEU G 241 19.99 -35.78 -12.59
C LEU G 241 18.72 -36.54 -12.24
N ARG G 242 18.02 -37.02 -13.26
CA ARG G 242 16.77 -37.72 -13.08
C ARG G 242 16.99 -39.23 -12.89
N ASP H 15 -14.99 9.36 22.40
CA ASP H 15 -15.39 8.89 21.07
C ASP H 15 -14.20 8.84 20.12
N GLN H 16 -14.12 7.75 19.37
CA GLN H 16 -13.04 7.53 18.41
C GLN H 16 -13.52 7.42 16.97
N ARG H 17 -12.80 8.08 16.06
CA ARG H 17 -13.14 8.04 14.64
C ARG H 17 -12.15 7.29 13.76
N PHE H 18 -12.68 6.50 12.83
CA PHE H 18 -11.87 5.82 11.82
C PHE H 18 -12.54 6.00 10.46
N GLY H 19 -11.95 6.83 9.60
CA GLY H 19 -12.58 7.17 8.34
C GLY H 19 -13.87 7.94 8.56
N ASP H 20 -14.98 7.39 8.07
CA ASP H 20 -16.29 8.01 8.22
C ASP H 20 -17.10 7.37 9.36
N LEU H 21 -16.47 6.50 10.14
CA LEU H 21 -17.18 5.84 11.23
C LEU H 21 -16.79 6.36 12.61
N VAL H 22 -17.75 6.32 13.53
CA VAL H 22 -17.55 6.73 14.90
C VAL H 22 -17.74 5.55 15.84
N PHE H 23 -16.87 5.42 16.83
CA PHE H 23 -16.93 4.30 17.77
C PHE H 23 -17.01 4.77 19.22
N ARG H 24 -17.95 4.24 19.97
CA ARG H 24 -18.11 4.61 21.37
C ARG H 24 -18.22 3.39 22.28
N GLN H 25 -17.37 3.34 23.29
CA GLN H 25 -17.40 2.25 24.25
C GLN H 25 -18.54 2.44 25.24
N LEU H 26 -19.36 1.41 25.39
CA LEU H 26 -20.52 1.46 26.27
C LEU H 26 -20.23 0.73 27.58
N ALA H 27 -19.31 -0.24 27.50
CA ALA H 27 -18.95 -1.06 28.65
C ALA H 27 -17.57 -1.67 28.40
N PRO H 28 -16.99 -2.30 29.44
CA PRO H 28 -15.62 -2.86 29.37
C PRO H 28 -15.34 -3.68 28.10
N ASN H 29 -16.34 -4.42 27.62
CA ASN H 29 -16.12 -5.28 26.46
C ASN H 29 -17.06 -4.98 25.29
N VAL H 30 -17.66 -3.79 25.29
CA VAL H 30 -18.67 -3.48 24.29
C VAL H 30 -18.51 -2.08 23.69
N TRP H 31 -18.53 -2.00 22.37
CA TRP H 31 -18.51 -0.73 21.66
C TRP H 31 -19.71 -0.61 20.73
N GLN H 32 -20.15 0.63 20.53
CA GLN H 32 -21.14 0.95 19.51
C GLN H 32 -20.44 1.57 18.30
N HIS H 33 -20.75 1.08 17.10
CA HIS H 33 -20.24 1.73 15.89
C HIS H 33 -21.36 2.51 15.21
N THR H 34 -21.02 3.68 14.67
CA THR H 34 -22.01 4.55 14.04
C THR H 34 -21.55 5.03 12.67
N SER H 35 -22.42 4.87 11.68
CA SER H 35 -22.16 5.36 10.33
C SER H 35 -23.36 6.15 9.79
N TYR H 36 -23.11 7.00 8.80
CA TYR H 36 -24.12 7.90 8.29
C TYR H 36 -24.36 7.69 6.80
N LEU H 37 -25.61 7.84 6.39
CA LEU H 37 -25.96 7.82 4.97
C LEU H 37 -26.82 9.02 4.60
N ASP H 38 -26.42 9.71 3.54
CA ASP H 38 -27.18 10.84 3.01
C ASP H 38 -28.30 10.40 2.08
N MET H 39 -29.55 10.59 2.49
CA MET H 39 -30.69 10.34 1.61
C MET H 39 -31.21 11.67 1.09
N PRO H 40 -30.96 11.94 -0.20
CA PRO H 40 -31.30 13.19 -0.91
C PRO H 40 -32.74 13.66 -0.70
N GLY H 41 -32.89 14.87 -0.18
CA GLY H 41 -34.19 15.44 0.04
C GLY H 41 -34.71 15.25 1.45
N PHE H 42 -34.05 14.37 2.21
CA PHE H 42 -34.51 14.00 3.53
C PHE H 42 -33.40 14.09 4.59
N GLY H 43 -32.16 14.22 4.13
CA GLY H 43 -31.02 14.41 5.00
C GLY H 43 -30.27 13.17 5.44
N ALA H 44 -29.31 13.36 6.35
CA ALA H 44 -28.42 12.28 6.80
C ALA H 44 -29.00 11.48 7.98
N VAL H 45 -28.92 10.17 7.88
CA VAL H 45 -29.40 9.29 8.94
C VAL H 45 -28.26 8.48 9.57
N ALA H 46 -28.17 8.54 10.89
CA ALA H 46 -27.16 7.77 11.63
C ALA H 46 -27.68 6.36 11.90
N SER H 47 -26.77 5.38 11.91
CA SER H 47 -27.15 3.99 12.19
C SER H 47 -26.14 3.29 13.11
N ASN H 48 -26.66 2.64 14.16
CA ASN H 48 -25.81 2.03 15.18
C ASN H 48 -25.72 0.50 15.10
N GLY H 49 -24.54 -0.01 15.43
CA GLY H 49 -24.32 -1.44 15.56
C GLY H 49 -23.46 -1.69 16.79
N LEU H 50 -23.12 -2.95 17.05
CA LEU H 50 -22.32 -3.28 18.23
C LEU H 50 -21.06 -4.05 17.89
N ILE H 51 -20.02 -3.83 18.70
CA ILE H 51 -18.81 -4.63 18.64
C ILE H 51 -18.61 -5.21 20.03
N VAL H 52 -18.47 -6.54 20.11
CA VAL H 52 -18.37 -7.23 21.39
C VAL H 52 -17.09 -8.06 21.47
N ARG H 53 -16.28 -7.78 22.48
CA ARG H 53 -15.08 -8.58 22.74
C ARG H 53 -15.42 -9.75 23.65
N ASP H 54 -15.13 -10.95 23.18
CA ASP H 54 -15.40 -12.16 23.96
C ASP H 54 -14.14 -13.03 24.06
N GLY H 55 -13.44 -12.93 25.18
CA GLY H 55 -12.19 -13.65 25.34
C GLY H 55 -11.16 -13.12 24.38
N GLY H 56 -10.66 -14.01 23.52
CA GLY H 56 -9.64 -13.64 22.56
C GLY H 56 -10.19 -13.45 21.16
N ARG H 57 -11.48 -13.15 21.07
CA ARG H 57 -12.11 -12.91 19.78
C ARG H 57 -13.16 -11.81 19.87
N VAL H 58 -13.54 -11.26 18.71
CA VAL H 58 -14.51 -10.19 18.64
C VAL H 58 -15.76 -10.58 17.86
N LEU H 59 -16.92 -10.11 18.32
CA LEU H 59 -18.18 -10.40 17.65
C LEU H 59 -18.86 -9.10 17.19
N VAL H 60 -19.46 -9.13 16.01
CA VAL H 60 -20.08 -7.93 15.47
C VAL H 60 -21.59 -8.10 15.27
N VAL H 61 -22.33 -7.04 15.56
CA VAL H 61 -23.77 -7.01 15.32
C VAL H 61 -24.13 -5.88 14.33
N ASP H 62 -24.62 -6.28 13.16
CA ASP H 62 -25.01 -5.36 12.08
C ASP H 62 -23.82 -4.78 11.31
N THR H 63 -24.01 -4.59 10.01
CA THR H 63 -23.00 -3.93 9.18
C THR H 63 -23.25 -2.43 9.20
N ALA H 64 -22.43 -1.69 8.47
CA ALA H 64 -22.70 -0.28 8.24
C ALA H 64 -23.54 -0.14 6.98
N TRP H 65 -23.79 1.09 6.55
CA TRP H 65 -24.60 1.33 5.35
C TRP H 65 -23.99 0.70 4.10
N THR H 66 -22.66 0.68 4.02
CA THR H 66 -21.98 0.22 2.81
C THR H 66 -20.84 -0.74 3.11
N ASP H 67 -20.32 -1.36 2.05
CA ASP H 67 -19.17 -2.24 2.17
C ASP H 67 -17.96 -1.46 2.65
N ASP H 68 -17.76 -0.28 2.07
CA ASP H 68 -16.65 0.58 2.44
C ASP H 68 -16.67 0.99 3.90
N GLN H 69 -17.84 1.41 4.40
CA GLN H 69 -17.95 1.80 5.78
C GLN H 69 -17.72 0.61 6.70
N THR H 70 -18.19 -0.55 6.27
CA THR H 70 -18.06 -1.77 7.06
C THR H 70 -16.62 -2.24 7.14
N ALA H 71 -15.90 -2.10 6.04
CA ALA H 71 -14.46 -2.38 6.01
C ALA H 71 -13.73 -1.53 7.04
N GLN H 72 -14.17 -0.27 7.16
CA GLN H 72 -13.57 0.64 8.12
C GLN H 72 -13.79 0.17 9.56
N ILE H 73 -14.95 -0.45 9.82
CA ILE H 73 -15.21 -1.06 11.12
C ILE H 73 -14.19 -2.14 11.46
N LEU H 74 -13.92 -2.99 10.47
CA LEU H 74 -13.00 -4.11 10.66
C LEU H 74 -11.57 -3.65 10.90
N ASN H 75 -11.15 -2.62 10.17
CA ASN H 75 -9.82 -2.05 10.35
C ASN H 75 -9.67 -1.33 11.68
N TRP H 76 -10.72 -0.62 12.09
CA TRP H 76 -10.70 0.00 13.40
C TRP H 76 -10.58 -1.08 14.48
N ILE H 77 -11.28 -2.19 14.29
CA ILE H 77 -11.19 -3.30 15.25
C ILE H 77 -9.77 -3.83 15.38
N LYS H 78 -9.12 -4.07 14.23
CA LYS H 78 -7.76 -4.59 14.19
C LYS H 78 -6.79 -3.65 14.92
N GLN H 79 -6.99 -2.36 14.71
CA GLN H 79 -6.12 -1.33 15.27
C GLN H 79 -6.34 -1.09 16.76
N GLU H 80 -7.60 -1.05 17.20
CA GLU H 80 -7.93 -0.68 18.57
C GLU H 80 -8.06 -1.87 19.53
N ILE H 81 -8.39 -3.04 18.99
CA ILE H 81 -8.60 -4.21 19.83
C ILE H 81 -7.59 -5.30 19.48
N ASN H 82 -7.26 -5.41 18.20
CA ASN H 82 -6.30 -6.40 17.72
C ASN H 82 -6.65 -7.82 18.15
N LEU H 83 -7.91 -8.19 17.95
CA LEU H 83 -8.36 -9.57 18.11
C LEU H 83 -9.17 -9.97 16.88
N PRO H 84 -9.18 -11.27 16.56
CA PRO H 84 -9.90 -11.73 15.37
C PRO H 84 -11.43 -11.63 15.53
N VAL H 85 -12.09 -11.20 14.46
CA VAL H 85 -13.55 -11.14 14.46
C VAL H 85 -14.08 -12.52 14.06
N ALA H 86 -14.78 -13.17 14.99
CA ALA H 86 -15.20 -14.55 14.79
C ALA H 86 -16.47 -14.63 13.94
N LEU H 87 -17.42 -13.74 14.20
CA LEU H 87 -18.67 -13.75 13.48
C LEU H 87 -19.44 -12.44 13.57
N ALA H 88 -20.42 -12.29 12.70
CA ALA H 88 -21.30 -11.13 12.73
C ALA H 88 -22.75 -11.59 12.65
N VAL H 89 -23.63 -10.85 13.31
CA VAL H 89 -25.05 -11.10 13.26
C VAL H 89 -25.75 -9.85 12.73
N VAL H 90 -26.60 -10.01 11.72
CA VAL H 90 -27.34 -8.89 11.16
C VAL H 90 -28.83 -9.06 11.51
N THR H 91 -29.48 -7.96 11.87
CA THR H 91 -30.79 -8.03 12.53
C THR H 91 -32.02 -7.97 11.62
N HIS H 92 -31.85 -7.51 10.37
CA HIS H 92 -32.91 -7.67 9.37
C HIS H 92 -32.47 -7.17 7.99
N ALA H 93 -33.29 -7.45 6.97
CA ALA H 93 -32.90 -7.24 5.58
C ALA H 93 -33.15 -5.82 5.07
N HIS H 94 -32.54 -4.84 5.72
CA HIS H 94 -32.54 -3.46 5.22
C HIS H 94 -31.08 -2.98 5.12
N GLN H 95 -30.86 -1.93 4.35
CA GLN H 95 -29.52 -1.47 4.01
C GLN H 95 -28.66 -1.08 5.21
N ASP H 96 -29.26 -0.48 6.22
CA ASP H 96 -28.50 -0.03 7.38
C ASP H 96 -27.96 -1.20 8.20
N LYS H 97 -28.57 -2.38 8.02
CA LYS H 97 -28.16 -3.56 8.78
C LYS H 97 -27.33 -4.56 7.96
N MET H 98 -27.67 -4.69 6.67
CA MET H 98 -27.03 -5.69 5.82
C MET H 98 -26.29 -5.07 4.65
N GLY H 99 -26.22 -3.75 4.62
CA GLY H 99 -25.63 -3.04 3.51
C GLY H 99 -24.20 -3.41 3.17
N GLY H 100 -23.44 -3.86 4.16
CA GLY H 100 -22.03 -4.14 3.95
C GLY H 100 -21.64 -5.60 4.08
N MET H 101 -22.56 -6.49 3.74
CA MET H 101 -22.32 -7.93 3.84
C MET H 101 -21.12 -8.38 3.02
N ASP H 102 -20.94 -7.76 1.85
CA ASP H 102 -19.83 -8.06 0.96
C ASP H 102 -18.48 -7.87 1.65
N ALA H 103 -18.38 -6.79 2.41
CA ALA H 103 -17.15 -6.46 3.13
C ALA H 103 -16.82 -7.51 4.19
N LEU H 104 -17.84 -7.98 4.90
CA LEU H 104 -17.63 -9.00 5.92
C LEU H 104 -17.12 -10.29 5.30
N HIS H 105 -17.75 -10.71 4.21
CA HIS H 105 -17.39 -11.96 3.56
C HIS H 105 -16.00 -11.87 2.94
N ALA H 106 -15.66 -10.70 2.41
CA ALA H 106 -14.33 -10.46 1.88
C ALA H 106 -13.25 -10.61 2.95
N ALA H 107 -13.62 -10.29 4.19
CA ALA H 107 -12.70 -10.32 5.31
C ALA H 107 -12.70 -11.67 6.02
N GLY H 108 -13.50 -12.61 5.51
CA GLY H 108 -13.53 -13.96 6.04
C GLY H 108 -14.31 -14.16 7.33
N ILE H 109 -15.26 -13.27 7.58
CA ILE H 109 -16.07 -13.34 8.80
C ILE H 109 -17.35 -14.13 8.60
N ALA H 110 -17.59 -15.12 9.46
CA ALA H 110 -18.79 -15.94 9.38
C ALA H 110 -20.02 -15.08 9.68
N THR H 111 -21.00 -15.12 8.79
CA THR H 111 -22.16 -14.25 8.95
C THR H 111 -23.45 -15.02 9.22
N TYR H 112 -24.27 -14.46 10.10
CA TYR H 112 -25.51 -15.09 10.54
C TYR H 112 -26.69 -14.13 10.45
N ALA H 113 -27.83 -14.64 10.00
CA ALA H 113 -29.05 -13.85 9.99
C ALA H 113 -30.25 -14.76 10.14
N ASN H 114 -31.40 -14.15 10.45
CA ASN H 114 -32.68 -14.84 10.43
C ASN H 114 -32.91 -15.49 9.07
N ALA H 115 -33.36 -16.74 9.07
CA ALA H 115 -33.64 -17.45 7.83
C ALA H 115 -34.53 -16.63 6.89
N LEU H 116 -35.52 -15.95 7.46
CA LEU H 116 -36.41 -15.10 6.68
C LEU H 116 -35.66 -13.91 6.06
N SER H 117 -34.73 -13.34 6.81
CA SER H 117 -33.93 -12.23 6.30
C SER H 117 -33.11 -12.67 5.09
N ASN H 118 -32.53 -13.86 5.17
CA ASN H 118 -31.76 -14.39 4.05
C ASN H 118 -32.66 -14.67 2.84
N GLN H 119 -33.89 -15.09 3.11
CA GLN H 119 -34.85 -15.37 2.04
C GLN H 119 -35.29 -14.06 1.39
N LEU H 120 -35.40 -13.00 2.19
CA LEU H 120 -35.83 -11.70 1.69
C LEU H 120 -34.70 -10.89 1.06
N ALA H 121 -33.46 -11.22 1.43
CA ALA H 121 -32.28 -10.43 1.06
C ALA H 121 -32.22 -10.10 -0.44
N PRO H 122 -32.32 -11.13 -1.30
CA PRO H 122 -32.25 -10.90 -2.75
C PRO H 122 -33.32 -9.91 -3.25
N GLN H 123 -34.56 -10.04 -2.78
CA GLN H 123 -35.62 -9.12 -3.20
C GLN H 123 -35.34 -7.69 -2.75
N GLU H 124 -34.66 -7.55 -1.62
CA GLU H 124 -34.37 -6.23 -1.05
C GLU H 124 -33.04 -5.67 -1.57
N GLY H 125 -32.36 -6.43 -2.43
CA GLY H 125 -31.08 -6.02 -2.97
C GLY H 125 -29.90 -6.15 -2.02
N MET H 126 -30.04 -7.01 -1.01
CA MET H 126 -28.97 -7.25 -0.04
C MET H 126 -28.27 -8.58 -0.33
N VAL H 127 -27.04 -8.72 0.16
CA VAL H 127 -26.35 -10.01 0.09
C VAL H 127 -26.67 -10.86 1.32
N ALA H 128 -27.16 -12.07 1.10
CA ALA H 128 -27.55 -12.94 2.20
C ALA H 128 -26.37 -13.37 3.07
N ALA H 129 -26.64 -13.68 4.33
CA ALA H 129 -25.63 -14.22 5.23
C ALA H 129 -25.29 -15.67 4.86
N GLN H 130 -24.19 -16.18 5.41
CA GLN H 130 -23.73 -17.53 5.10
C GLN H 130 -24.47 -18.59 5.89
N HIS H 131 -25.08 -18.18 7.00
CA HIS H 131 -25.81 -19.13 7.83
C HIS H 131 -27.17 -18.57 8.23
N SER H 132 -28.13 -19.45 8.43
CA SER H 132 -29.47 -19.03 8.78
C SER H 132 -29.77 -19.40 10.22
N LEU H 133 -30.31 -18.44 10.95
CA LEU H 133 -30.78 -18.66 12.31
C LEU H 133 -32.27 -19.02 12.25
N THR H 134 -32.69 -19.97 13.08
CA THR H 134 -34.10 -20.26 13.21
C THR H 134 -34.50 -20.11 14.67
N PHE H 135 -35.80 -19.95 14.91
CA PHE H 135 -36.27 -19.63 16.24
C PHE H 135 -37.43 -20.50 16.70
N ALA H 136 -37.48 -20.73 18.00
CA ALA H 136 -38.57 -21.48 18.61
C ALA H 136 -39.84 -20.61 18.69
N ALA H 137 -40.93 -21.22 19.11
CA ALA H 137 -42.22 -20.52 19.22
C ALA H 137 -42.21 -19.43 20.29
N ASN H 138 -41.28 -19.51 21.24
CA ASN H 138 -41.20 -18.48 22.27
C ASN H 138 -40.25 -17.37 21.88
N GLY H 139 -39.63 -17.50 20.72
CA GLY H 139 -38.82 -16.44 20.16
C GLY H 139 -37.31 -16.64 20.30
N TRP H 140 -36.91 -17.60 21.13
CA TRP H 140 -35.48 -17.83 21.33
C TRP H 140 -34.87 -18.62 20.19
N VAL H 141 -33.64 -18.25 19.85
CA VAL H 141 -32.93 -18.87 18.75
C VAL H 141 -32.71 -20.35 19.06
N GLU H 142 -32.81 -21.20 18.03
CA GLU H 142 -32.43 -22.59 18.17
C GLU H 142 -30.92 -22.64 18.29
N PRO H 143 -30.39 -23.04 19.46
CA PRO H 143 -28.95 -23.01 19.73
C PRO H 143 -28.13 -23.74 18.67
N ALA H 144 -28.69 -24.79 18.09
CA ALA H 144 -27.99 -25.57 17.05
C ALA H 144 -27.62 -24.69 15.86
N THR H 145 -28.46 -23.69 15.58
CA THR H 145 -28.24 -22.79 14.45
C THR H 145 -27.33 -21.61 14.81
N ALA H 146 -27.06 -21.45 16.11
CA ALA H 146 -26.23 -20.35 16.59
C ALA H 146 -25.05 -20.87 17.40
N PRO H 147 -24.15 -21.60 16.74
CA PRO H 147 -23.02 -22.26 17.41
C PRO H 147 -21.94 -21.29 17.88
N ASN H 148 -21.55 -21.40 19.15
CA ASN H 148 -20.42 -20.66 19.68
C ASN H 148 -20.63 -19.14 19.59
N PHE H 149 -21.80 -18.70 20.01
CA PHE H 149 -22.13 -17.28 19.97
C PHE H 149 -21.68 -16.54 21.23
N GLY H 150 -21.05 -17.28 22.14
CA GLY H 150 -20.54 -16.69 23.37
C GLY H 150 -21.62 -15.96 24.15
N PRO H 151 -21.38 -14.68 24.47
CA PRO H 151 -22.30 -13.85 25.23
C PRO H 151 -23.54 -13.40 24.43
N LEU H 152 -23.55 -13.61 23.12
CA LEU H 152 -24.68 -13.18 22.29
C LEU H 152 -25.88 -14.13 22.44
N LYS H 153 -26.96 -13.62 23.00
CA LYS H 153 -28.21 -14.36 23.10
C LYS H 153 -29.26 -13.77 22.16
N VAL H 154 -29.56 -14.48 21.09
CA VAL H 154 -30.41 -13.94 20.03
C VAL H 154 -31.89 -14.26 20.22
N PHE H 155 -32.73 -13.25 20.03
CA PHE H 155 -34.16 -13.37 20.28
C PHE H 155 -35.01 -12.73 19.18
N TYR H 156 -35.95 -13.49 18.65
CA TYR H 156 -36.93 -12.98 17.68
C TYR H 156 -38.24 -12.65 18.39
N PRO H 157 -38.58 -11.35 18.45
CA PRO H 157 -39.71 -10.82 19.22
C PRO H 157 -41.06 -10.91 18.51
N GLY H 158 -41.05 -11.35 17.25
CA GLY H 158 -42.27 -11.35 16.45
C GLY H 158 -42.17 -10.19 15.47
N PRO H 159 -43.05 -10.19 14.45
CA PRO H 159 -43.00 -9.13 13.43
C PRO H 159 -43.31 -7.75 14.03
N GLY H 160 -42.59 -6.73 13.58
CA GLY H 160 -42.76 -5.39 14.10
C GLY H 160 -42.29 -4.34 13.10
N HIS H 161 -41.06 -3.87 13.26
CA HIS H 161 -40.46 -2.98 12.26
C HIS H 161 -40.44 -3.66 10.89
N THR H 162 -40.03 -4.92 10.88
CA THR H 162 -40.17 -5.77 9.70
C THR H 162 -40.58 -7.15 10.20
N SER H 163 -40.95 -8.04 9.29
CA SER H 163 -41.35 -9.39 9.69
C SER H 163 -40.17 -10.19 10.23
N ASP H 164 -38.95 -9.82 9.82
CA ASP H 164 -37.78 -10.64 10.12
C ASP H 164 -36.85 -10.08 11.19
N ASN H 165 -37.18 -8.92 11.75
CA ASN H 165 -36.26 -8.27 12.68
C ASN H 165 -35.96 -9.10 13.91
N ILE H 166 -34.67 -9.23 14.24
CA ILE H 166 -34.27 -9.91 15.44
C ILE H 166 -33.51 -8.99 16.38
N THR H 167 -33.33 -9.45 17.62
CA THR H 167 -32.70 -8.63 18.65
C THR H 167 -31.65 -9.44 19.37
N VAL H 168 -30.74 -8.75 20.06
CA VAL H 168 -29.61 -9.42 20.70
C VAL H 168 -29.30 -8.82 22.06
N GLY H 169 -29.21 -9.68 23.07
CA GLY H 169 -28.79 -9.26 24.39
C GLY H 169 -27.35 -9.69 24.57
N ILE H 170 -26.59 -8.91 25.35
CA ILE H 170 -25.21 -9.28 25.62
C ILE H 170 -25.16 -9.85 27.04
N ASP H 171 -25.06 -11.17 27.12
CA ASP H 171 -24.97 -11.89 28.38
C ASP H 171 -23.78 -11.39 29.19
N GLY H 172 -23.99 -11.12 30.48
CA GLY H 172 -22.92 -10.65 31.33
C GLY H 172 -22.80 -9.14 31.33
N THR H 173 -23.78 -8.48 30.73
CA THR H 173 -23.82 -7.02 30.69
C THR H 173 -25.25 -6.53 30.90
N ASP H 174 -25.41 -5.21 30.99
CA ASP H 174 -26.74 -4.63 31.14
C ASP H 174 -27.29 -4.20 29.80
N ILE H 175 -26.68 -4.72 28.72
CA ILE H 175 -26.98 -4.26 27.37
C ILE H 175 -27.82 -5.22 26.53
N ALA H 176 -28.81 -4.66 25.84
CA ALA H 176 -29.59 -5.39 24.86
C ALA H 176 -29.79 -4.49 23.63
N PHE H 177 -29.78 -5.10 22.46
CA PHE H 177 -29.87 -4.34 21.21
C PHE H 177 -31.17 -4.61 20.48
N GLY H 178 -31.96 -3.55 20.27
CA GLY H 178 -33.27 -3.70 19.66
C GLY H 178 -33.32 -3.32 18.19
N GLY H 179 -32.20 -2.81 17.67
CA GLY H 179 -32.13 -2.41 16.27
C GLY H 179 -33.16 -1.34 15.94
N CYS H 180 -33.86 -1.53 14.83
CA CYS H 180 -34.87 -0.57 14.40
C CYS H 180 -36.24 -0.80 15.01
N LEU H 181 -36.39 -1.90 15.74
CA LEU H 181 -37.66 -2.18 16.42
C LEU H 181 -37.91 -1.18 17.55
N ILE H 182 -36.90 -0.94 18.36
CA ILE H 182 -37.02 -0.09 19.54
C ILE H 182 -36.59 1.37 19.29
N LYS H 183 -37.44 2.30 19.73
CA LYS H 183 -37.12 3.72 19.71
C LYS H 183 -36.82 4.23 21.10
N ASP H 184 -36.16 5.39 21.20
CA ASP H 184 -35.81 5.92 22.51
C ASP H 184 -37.03 6.53 23.19
N SER H 185 -36.96 6.70 24.51
CA SER H 185 -38.12 7.12 25.29
C SER H 185 -38.62 8.51 24.94
N LYS H 186 -37.78 9.28 24.26
CA LYS H 186 -38.13 10.64 23.84
C LYS H 186 -38.59 10.71 22.39
N ALA H 187 -38.63 9.55 21.73
CA ALA H 187 -38.97 9.48 20.32
C ALA H 187 -40.37 10.02 20.00
N LYS H 188 -40.50 10.67 18.85
CA LYS H 188 -41.75 11.30 18.44
C LYS H 188 -42.63 10.36 17.61
N SER H 189 -41.99 9.40 16.95
CA SER H 189 -42.70 8.42 16.12
C SER H 189 -41.94 7.09 16.09
N LEU H 190 -42.50 6.10 15.40
CA LEU H 190 -41.82 4.81 15.27
C LEU H 190 -40.95 4.76 14.01
N GLY H 191 -40.78 5.90 13.36
CA GLY H 191 -39.92 5.98 12.20
C GLY H 191 -40.51 5.34 10.95
N ASN H 192 -39.67 4.59 10.24
CA ASN H 192 -40.08 3.94 9.00
C ASN H 192 -40.96 2.72 9.21
N LEU H 193 -42.23 2.84 8.85
CA LEU H 193 -43.19 1.75 8.98
C LEU H 193 -43.60 1.17 7.64
N GLY H 194 -42.80 1.43 6.60
CA GLY H 194 -43.13 0.98 5.25
C GLY H 194 -43.31 -0.52 5.09
N ASP H 195 -42.49 -1.31 5.79
CA ASP H 195 -42.58 -2.77 5.74
C ASP H 195 -42.98 -3.36 7.08
N ALA H 196 -43.57 -2.54 7.93
CA ALA H 196 -43.85 -2.91 9.32
C ALA H 196 -45.16 -3.68 9.50
N ASP H 197 -45.20 -4.49 10.55
CA ASP H 197 -46.42 -5.17 10.97
C ASP H 197 -47.03 -4.39 12.13
N THR H 198 -47.93 -3.46 11.82
CA THR H 198 -48.49 -2.55 12.82
C THR H 198 -49.42 -3.25 13.81
N GLU H 199 -49.98 -4.37 13.38
CA GLU H 199 -50.90 -5.10 14.24
C GLU H 199 -50.15 -5.75 15.41
N HIS H 200 -48.94 -6.23 15.13
CA HIS H 200 -48.19 -6.99 16.12
C HIS H 200 -47.01 -6.21 16.75
N TYR H 201 -46.79 -5.00 16.26
CA TYR H 201 -45.63 -4.18 16.65
C TYR H 201 -45.49 -4.01 18.17
N ALA H 202 -46.57 -3.57 18.82
CA ALA H 202 -46.55 -3.31 20.26
C ALA H 202 -46.19 -4.56 21.05
N ALA H 203 -46.79 -5.68 20.65
CA ALA H 203 -46.54 -6.97 21.29
C ALA H 203 -45.08 -7.36 21.09
N SER H 204 -44.54 -7.05 19.92
CA SER H 204 -43.15 -7.37 19.61
C SER H 204 -42.20 -6.57 20.47
N ALA H 205 -42.48 -5.28 20.64
CA ALA H 205 -41.68 -4.43 21.52
C ALA H 205 -41.68 -4.95 22.94
N ARG H 206 -42.85 -5.33 23.45
CA ARG H 206 -42.97 -5.82 24.81
C ARG H 206 -42.31 -7.19 24.96
N ALA H 207 -42.35 -8.00 23.89
CA ALA H 207 -41.71 -9.30 23.91
C ALA H 207 -40.19 -9.16 24.05
N PHE H 208 -39.63 -8.16 23.38
CA PHE H 208 -38.20 -7.87 23.50
C PHE H 208 -37.85 -7.51 24.95
N GLY H 209 -38.62 -6.59 25.53
CA GLY H 209 -38.44 -6.21 26.91
C GLY H 209 -38.54 -7.39 27.86
N ALA H 210 -39.52 -8.25 27.63
CA ALA H 210 -39.75 -9.40 28.49
C ALA H 210 -38.67 -10.45 28.26
N ALA H 211 -38.07 -10.41 27.08
CA ALA H 211 -36.99 -11.34 26.78
C ALA H 211 -35.76 -10.93 27.58
N PHE H 212 -35.57 -9.63 27.75
CA PHE H 212 -34.44 -9.11 28.52
C PHE H 212 -34.87 -8.19 29.66
N PRO H 213 -35.50 -8.74 30.70
CA PRO H 213 -36.05 -7.92 31.79
C PRO H 213 -34.98 -7.27 32.67
N LYS H 214 -33.78 -7.84 32.73
CA LYS H 214 -32.73 -7.32 33.61
C LYS H 214 -31.75 -6.41 32.87
N ALA H 215 -31.86 -6.34 31.55
CA ALA H 215 -31.05 -5.41 30.76
C ALA H 215 -31.45 -3.97 31.08
N SER H 216 -30.47 -3.13 31.42
CA SER H 216 -30.78 -1.75 31.79
C SER H 216 -30.31 -0.74 30.74
N MET H 217 -29.41 -1.17 29.86
CA MET H 217 -28.97 -0.32 28.74
C MET H 217 -29.49 -0.84 27.40
N ILE H 218 -30.35 -0.05 26.76
CA ILE H 218 -30.94 -0.46 25.49
C ILE H 218 -30.33 0.28 24.30
N VAL H 219 -29.58 -0.45 23.48
CA VAL H 219 -28.99 0.10 22.26
C VAL H 219 -29.95 -0.04 21.07
N MET H 220 -30.07 1.02 20.28
CA MET H 220 -30.95 0.97 19.10
C MET H 220 -30.28 1.60 17.88
N SER H 221 -30.94 1.47 16.74
CA SER H 221 -30.33 1.84 15.47
C SER H 221 -30.05 3.33 15.28
N HIS H 222 -30.92 4.18 15.81
CA HIS H 222 -30.85 5.60 15.46
C HIS H 222 -30.89 6.56 16.65
N SER H 223 -30.50 6.07 17.83
CA SER H 223 -30.38 6.94 19.00
C SER H 223 -29.32 6.38 19.94
N ALA H 224 -28.75 7.26 20.77
CA ALA H 224 -27.85 6.84 21.82
C ALA H 224 -28.55 5.90 22.78
N PRO H 225 -27.78 5.03 23.45
CA PRO H 225 -28.27 4.03 24.39
C PRO H 225 -29.20 4.62 25.45
N ASP H 226 -30.27 3.89 25.77
CA ASP H 226 -31.26 4.35 26.72
C ASP H 226 -31.50 3.32 27.82
N SER H 227 -32.40 3.62 28.74
CA SER H 227 -32.82 2.66 29.75
C SER H 227 -33.99 1.82 29.20
N ARG H 228 -34.56 0.98 30.06
CA ARG H 228 -35.69 0.14 29.66
C ARG H 228 -36.87 1.00 29.26
N ALA H 229 -36.82 2.27 29.61
CA ALA H 229 -37.84 3.24 29.26
C ALA H 229 -38.05 3.31 27.75
N ALA H 230 -37.00 3.06 27.00
CA ALA H 230 -37.06 3.04 25.54
C ALA H 230 -38.02 1.97 25.03
N ILE H 231 -37.98 0.81 25.66
CA ILE H 231 -38.82 -0.32 25.25
C ILE H 231 -40.31 -0.06 25.43
N THR H 232 -40.67 0.39 26.63
CA THR H 232 -42.07 0.63 26.97
C THR H 232 -42.65 1.82 26.20
N HIS H 233 -41.84 2.86 26.00
CA HIS H 233 -42.28 4.02 25.26
C HIS H 233 -42.58 3.64 23.80
N THR H 234 -41.78 2.73 23.26
CA THR H 234 -41.98 2.24 21.91
C THR H 234 -43.28 1.46 21.76
N ALA H 235 -43.53 0.53 22.69
CA ALA H 235 -44.74 -0.30 22.66
C ALA H 235 -46.03 0.52 22.67
N ARG H 236 -46.11 1.48 23.59
CA ARG H 236 -47.30 2.29 23.76
C ARG H 236 -47.49 3.25 22.59
N MET H 237 -46.39 3.65 21.97
CA MET H 237 -46.47 4.43 20.75
C MET H 237 -47.11 3.59 19.63
N ALA H 238 -46.76 2.31 19.60
CA ALA H 238 -47.26 1.38 18.59
C ALA H 238 -48.74 1.05 18.79
N ASP H 239 -49.18 1.07 20.05
CA ASP H 239 -50.57 0.82 20.39
C ASP H 239 -51.55 1.73 19.63
N LYS H 240 -51.12 2.95 19.34
CA LYS H 240 -51.97 3.95 18.71
C LYS H 240 -52.19 3.75 17.21
N LEU H 241 -51.39 2.87 16.60
CA LEU H 241 -51.49 2.60 15.16
C LEU H 241 -52.63 1.65 14.81
N ARG H 242 -53.18 0.98 15.83
CA ARG H 242 -54.23 0.00 15.62
C ARG H 242 -55.61 0.66 15.60
ZN ZN I . 7.39 7.16 41.29
ZN ZN J . 9.85 9.09 38.50
C62 8YF K . 13.45 5.85 41.98
C61 8YF K . 11.94 6.10 42.03
O62 8YF K . 11.69 7.42 42.51
C6 8YF K . 11.34 5.97 40.64
C7 8YF K . 9.82 6.14 40.71
O71 8YF K . 9.11 5.20 40.29
O72 8YF K . 9.39 7.24 41.16
C5 8YF K . 11.86 7.07 39.72
C1 8YF K . 12.81 6.59 38.82
N4 8YF K . 10.74 7.47 38.85
C3 8YF K . 10.93 6.82 37.71
C31 8YF K . 9.99 6.76 36.76
O31 8YF K . 9.98 5.84 35.91
O32 8YF K . 9.07 7.61 36.78
C2 8YF K . 12.16 6.30 37.69
S21 8YF K . 12.86 5.44 36.35
C22 8YF K . 13.15 6.85 35.22
C23 8YF K . 12.78 6.52 33.77
N24 8YF K . 13.12 5.11 33.52
C25 8YF K . 13.06 4.57 32.29
N26 8YF K . 13.38 3.29 32.11
S SO4 L . -6.17 7.33 21.69
O1 SO4 L . -7.45 6.72 21.35
O2 SO4 L . -5.80 8.25 20.61
O3 SO4 L . -5.16 6.29 21.85
O4 SO4 L . -6.30 8.07 22.95
ZN ZN M . 0.45 11.92 -35.54
ZN ZN N . 2.67 13.89 -38.26
C62 8YF O . 4.26 10.83 -33.63
C61 8YF O . 4.93 11.63 -34.75
O62 8YF O . 6.35 11.43 -34.68
C6 8YF O . 4.41 11.16 -36.12
C7 8YF O . 2.89 11.12 -36.09
O71 8YF O . 2.34 10.05 -36.44
O72 8YF O . 2.31 12.17 -35.75
C5 8YF O . 4.80 12.17 -37.17
C1 8YF O . 5.93 11.77 -37.88
N4 8YF O . 3.73 12.21 -38.18
C3 8YF O . 4.20 11.55 -39.22
C31 8YF O . 3.42 11.23 -40.26
O31 8YF O . 3.77 10.37 -41.10
O32 8YF O . 2.30 11.77 -40.35
C2 8YF O . 5.51 11.29 -39.05
S21 8YF O . 6.57 10.48 -40.19
C22 8YF O . 6.40 11.57 -41.65
C23 8YF O . 6.13 10.77 -42.93
N24 8YF O . 6.23 9.34 -42.63
C25 8YF O . 6.99 8.50 -43.35
N26 8YF O . 7.04 7.21 -43.02
S SO4 P . -13.10 11.70 -55.12
O1 SO4 P . -14.38 11.17 -55.59
O2 SO4 P . -12.62 12.72 -56.06
O3 SO4 P . -12.13 10.61 -55.02
O4 SO4 P . -13.27 12.32 -53.80
ZN ZN Q . 4.35 27.70 4.26
ZN ZN R . 1.45 26.07 1.72
C62 8YF S . -1.52 28.44 5.92
C61 8YF S . 0.01 28.42 5.78
O62 8YF S . 0.51 27.12 6.06
C6 8YF S . 0.42 28.81 4.36
C7 8YF S . 1.95 28.74 4.26
O71 8YF S . 2.57 29.82 4.22
O72 8YF S . 2.48 27.60 4.25
C5 8YF S . -0.18 27.84 3.33
C1 8YF S . -1.35 28.35 2.75
N4 8YF S . 0.74 27.75 2.19
C3 8YF S . 0.24 28.55 1.26
C31 8YF S . 0.92 28.88 0.17
O31 8YF S . 0.73 29.97 -0.41
O32 8YF S . 1.82 28.11 -0.25
C2 8YF S . -1.01 28.88 1.58
S21 8YF S . -2.11 29.89 0.62
C22 8YF S . -2.00 29.11 -1.03
C23 8YF S . -2.52 30.03 -2.16
N24 8YF S . -1.77 29.81 -3.40
C25 8YF S . -1.82 30.67 -4.43
N26 8YF S . -1.13 30.44 -5.55
S SO4 T . 13.87 29.90 -17.27
O1 SO4 T . 14.11 28.67 -18.02
O2 SO4 T . 12.54 30.41 -17.57
O3 SO4 T . 14.87 30.91 -17.64
O4 SO4 T . 13.97 29.60 -15.83
S SO4 U . 19.15 14.37 16.06
O1 SO4 U . 20.50 13.80 16.00
O2 SO4 U . 18.73 14.78 14.72
O3 SO4 U . 18.23 13.38 16.59
O4 SO4 U . 19.18 15.55 16.94
CL CL V . -4.17 31.37 -7.29
ZN ZN W . 2.48 -33.98 -5.26
ZN ZN X . 0.04 -36.02 -2.44
C62 8YF Y . 1.12 -39.83 -6.82
C61 8YF Y . 1.53 -38.36 -6.58
O62 8YF Y . 0.38 -37.52 -6.67
C6 8YF Y . 2.17 -38.22 -5.21
C7 8YF Y . 2.69 -36.78 -5.06
O71 8YF Y . 1.85 -35.85 -5.16
O72 8YF Y . 3.92 -36.64 -4.86
C5 8YF Y . 1.12 -38.48 -4.13
C1 8YF Y . 1.39 -39.65 -3.44
N4 8YF Y . 1.23 -37.44 -3.11
C3 8YF Y . 1.91 -38.00 -2.11
C31 8YF Y . 2.38 -37.28 -1.09
O31 8YF Y . 1.88 -36.17 -0.83
O32 8YF Y . 3.35 -37.70 -0.41
C2 8YF Y . 1.99 -39.32 -2.30
S21 8YF Y . 2.73 -40.48 -1.20
C22 8YF Y . 1.59 -40.29 0.22
C23 8YF Y . 1.49 -41.55 1.09
N24 8YF Y . 2.67 -41.65 1.97
C25 8YF Y . 2.73 -42.55 2.96
N26 8YF Y . 3.81 -42.62 3.74
S SO4 Z . 8.48 -23.52 15.41
O1 SO4 Z . 7.96 -23.02 14.14
O2 SO4 Z . 8.86 -24.92 15.26
O3 SO4 Z . 7.45 -23.39 16.43
O4 SO4 Z . 9.64 -22.74 15.82
ZN ZN AA . 28.25 -1.61 30.46
ZN ZN BA . 24.54 -1.94 28.84
C62 8YF CA . 23.62 -2.89 34.68
C61 8YF CA . 24.92 -2.54 33.96
O62 8YF CA . 25.44 -3.71 33.33
C6 8YF CA . 24.69 -1.43 32.93
C7 8YF CA . 26.01 -1.12 32.19
O71 8YF CA . 26.51 -2.06 31.54
O72 8YF CA . 26.46 0.04 32.27
C5 8YF CA . 23.64 -1.85 31.89
C1 8YF CA . 22.41 -1.26 32.19
N4 8YF CA . 24.00 -1.25 30.59
C3 8YF CA . 23.25 -0.15 30.51
C31 8YF CA . 23.46 0.78 29.56
O31 8YF CA . 24.10 0.49 28.53
O32 8YF CA . 23.04 1.94 29.71
C2 8YF CA . 22.30 -0.16 31.44
S21 8YF CA . 21.00 1.07 31.69
C22 8YF CA . 20.17 1.04 30.05
C23 8YF CA . 18.76 1.65 30.07
N24 8YF CA . 18.83 3.09 29.79
C25 8YF CA . 17.72 3.84 29.64
N26 8YF CA . 17.81 5.14 29.39
C1 GOL DA . 36.55 23.78 20.39
O1 GOL DA . 35.50 24.47 19.74
C2 GOL DA . 36.64 22.35 19.87
O2 GOL DA . 36.28 22.31 18.52
C3 GOL DA . 38.05 21.80 20.05
O3 GOL DA . 38.05 20.40 19.88
H11 GOL DA . 37.50 24.29 20.21
H12 GOL DA . 36.37 23.78 21.46
HO1 GOL DA . 35.42 25.37 20.12
H2 GOL DA . 35.95 21.72 20.45
HO2 GOL DA . 36.91 22.86 18.00
H31 GOL DA . 38.71 22.26 19.32
H32 GOL DA . 38.42 22.05 21.04
HO3 GOL DA . 37.41 20.16 19.18
ZN ZN EA . -18.69 -3.52 -33.07
ZN ZN FA . -19.92 -7.05 -31.31
C62 8YF GA . -21.13 -7.46 -37.20
C61 8YF GA . -20.65 -6.35 -36.25
O62 8YF GA . -21.76 -5.87 -35.50
C6 8YF GA . -19.57 -6.88 -35.30
C7 8YF GA . -18.97 -5.69 -34.53
O71 8YF GA . -17.79 -5.38 -34.79
O72 8YF GA . -19.70 -5.13 -33.69
C5 8YF GA . -20.14 -7.89 -34.30
C1 8YF GA . -19.78 -9.19 -34.65
N4 8YF GA . -19.46 -7.70 -33.01
C3 8YF GA . -18.47 -8.58 -33.01
C31 8YF GA . -17.46 -8.54 -32.12
O31 8YF GA . -16.35 -9.03 -32.38
O32 8YF GA . -17.62 -7.94 -31.03
C2 8YF GA . -18.67 -9.48 -33.98
S21 8YF GA . -17.64 -10.88 -34.33
C22 8YF GA . -18.42 -12.12 -33.23
C23 8YF GA . -17.77 -12.20 -31.84
N24 8YF GA . -17.87 -13.58 -31.31
C25 8YF GA . -18.49 -14.56 -31.99
N26 8YF GA . -18.55 -15.78 -31.47
ZN ZN HA . 21.94 -18.89 -8.12
ZN ZN IA . 25.49 -18.40 -10.20
C62 8YF JA . 27.20 -17.91 -4.66
C61 8YF JA . 25.77 -18.09 -5.15
O62 8YF JA . 25.36 -16.91 -5.87
C6 8YF JA . 25.67 -19.30 -6.07
C7 8YF JA . 24.23 -19.47 -6.56
O71 8YF JA . 23.65 -18.43 -6.96
O72 8YF JA . 23.75 -20.62 -6.56
C5 8YF JA . 26.51 -19.07 -7.32
C1 8YF JA . 27.72 -19.76 -7.25
N4 8YF JA . 25.79 -19.66 -8.46
C3 8YF JA . 26.63 -20.54 -8.99
C31 8YF JA . 26.32 -21.25 -10.08
O31 8YF JA . 25.49 -20.78 -10.89
O32 8YF JA . 26.81 -22.38 -10.29
C2 8YF JA . 27.75 -20.60 -8.28
S21 8YF JA . 29.15 -21.62 -8.64
C22 8YF JA . 29.74 -20.80 -10.15
C23 8YF JA . 31.07 -21.37 -10.69
N24 8YF JA . 31.00 -22.84 -10.69
C25 8YF JA . 32.01 -23.59 -11.16
N26 8YF JA . 31.91 -24.92 -11.15
S SO4 KA . 27.47 -32.67 -24.84
O1 SO4 KA . 27.97 -33.26 -26.08
O2 SO4 KA . 26.55 -31.59 -25.12
O3 SO4 KA . 26.79 -33.71 -24.07
O4 SO4 KA . 28.57 -32.13 -24.03
ZN ZN LA . -35.21 -1.59 8.64
ZN ZN MA . -33.30 1.62 10.74
C62 8YF NA . -32.12 2.19 6.87
C61 8YF NA . -33.44 2.60 6.23
O62 8YF NA . -33.70 1.79 5.09
C6 8YF NA . -34.57 2.46 7.25
C7 8YF NA . -34.66 1.01 7.74
O71 8YF NA . -35.47 0.26 7.13
O72 8YF NA . -33.95 0.68 8.70
C5 8YF NA . -34.31 3.35 8.47
C1 8YF NA . -34.42 4.70 8.19
N4 8YF NA . -35.33 3.12 9.52
C3 8YF NA . -35.52 4.32 10.04
C31 8YF NA . -36.19 4.48 11.18
O31 8YF NA . -36.90 3.54 11.62
O32 8YF NA . -36.11 5.55 11.83
C2 8YF NA . -35.00 5.27 9.25
S21 8YF NA . -35.00 7.05 9.53
C22 8YF NA . -36.77 7.48 9.73
C23 8YF NA . -36.97 8.98 9.95
N24 8YF NA . -38.28 9.26 10.58
C25 8YF NA . -38.60 10.49 11.04
N26 8YF NA . -39.78 10.70 11.61
S SO4 OA . -45.81 10.32 25.78
O1 SO4 OA . -46.63 11.46 25.38
O2 SO4 OA . -46.26 9.14 25.05
O3 SO4 OA . -45.97 10.11 27.22
O4 SO4 OA . -44.41 10.58 25.48
#